data_3CGN
# 
_entry.id   3CGN 
# 
_audit_conform.dict_name       mmcif_pdbx.dic 
_audit_conform.dict_version    5.380 
_audit_conform.dict_location   http://mmcif.pdb.org/dictionaries/ascii/mmcif_pdbx.dic 
# 
loop_
_database_2.database_id 
_database_2.database_code 
_database_2.pdbx_database_accession 
_database_2.pdbx_DOI 
PDB   3CGN         pdb_00003cgn 10.2210/pdb3cgn/pdb 
RCSB  RCSB046753   ?            ?                   
WWPDB D_1000046753 ?            ?                   
# 
_pdbx_database_related.db_name        PDB 
_pdbx_database_related.db_id          3CGM 
_pdbx_database_related.details        'The polymorphic structure of Thermus thermophilus SLYD' 
_pdbx_database_related.content_type   unspecified 
# 
_pdbx_database_status.entry_id                        3CGN 
_pdbx_database_status.deposit_site                    RCSB 
_pdbx_database_status.process_site                    PDBJ 
_pdbx_database_status.recvd_initial_deposition_date   2008-03-06 
_pdbx_database_status.status_code                     REL 
_pdbx_database_status.status_code_sf                  REL 
_pdbx_database_status.status_code_mr                  ? 
_pdbx_database_status.SG_entry                        ? 
_pdbx_database_status.pdb_format_compatible           Y 
_pdbx_database_status.status_code_cs                  ? 
_pdbx_database_status.status_code_nmr_data            ? 
_pdbx_database_status.methods_development_category    ? 
# 
loop_
_audit_author.name 
_audit_author.pdbx_ordinal 
'Neumann, P.'  1 
'Loew, C.'     2 
'Stubbs, M.T.' 3 
'Balbach, J.'  4 
# 
_citation.id                        primary 
_citation.title                     
'Crystal Structure Determination and Functional Characterization of the Metallochaperone SlyD from Thermus thermophilus' 
_citation.journal_abbrev            J.Mol.Biol. 
_citation.journal_volume            398 
_citation.page_first                375 
_citation.page_last                 390 
_citation.year                      2010 
_citation.journal_id_ASTM           JMOBAK 
_citation.country                   UK 
_citation.journal_id_ISSN           0022-2836 
_citation.journal_id_CSD            0070 
_citation.book_publisher            ? 
_citation.pdbx_database_id_PubMed   20230833 
_citation.pdbx_database_id_DOI      10.1016/j.jmb.2010.03.014 
# 
loop_
_citation_author.citation_id 
_citation_author.name 
_citation_author.ordinal 
_citation_author.identifier_ORCID 
primary 'Loew, C.'            1 ? 
primary 'Neumann, P.'         2 ? 
primary 'Tidow, H.'           3 ? 
primary 'Weininger, U.'       4 ? 
primary 'Haupt, C.'           5 ? 
primary 'Friedrich-Epler, B.' 6 ? 
primary 'Scholz, C.'          7 ? 
primary 'Stubbs, M.T.'        8 ? 
primary 'Balbach, J.'         9 ? 
# 
_cell.length_a           81.180 
_cell.length_b           85.090 
_cell.length_c           92.220 
_cell.angle_alpha        90.000 
_cell.angle_beta         90.000 
_cell.angle_gamma        90.000 
_cell.entry_id           3CGN 
_cell.pdbx_unique_axis   ? 
_cell.Z_PDB              16 
_cell.length_a_esd       ? 
_cell.length_b_esd       ? 
_cell.length_c_esd       ? 
_cell.angle_alpha_esd    ? 
_cell.angle_beta_esd     ? 
_cell.angle_gamma_esd    ? 
# 
_symmetry.space_group_name_H-M             'F 2 2 2' 
_symmetry.entry_id                         3CGN 
_symmetry.Int_Tables_number                22 
_symmetry.pdbx_full_space_group_name_H-M   ? 
_symmetry.cell_setting                     ? 
_symmetry.space_group_name_Hall            ? 
# 
loop_
_entity.id 
_entity.type 
_entity.src_method 
_entity.pdbx_description 
_entity.formula_weight 
_entity.pdbx_number_of_molecules 
_entity.pdbx_ec 
_entity.pdbx_mutation 
_entity.pdbx_fragment 
_entity.details 
1 polymer     man 'Peptidyl-prolyl cis-trans isomerase' 17400.234 1  5.2.1.8 ? ? ? 
2 non-polymer syn 'SULFATE ION'                         96.063    1  ?       ? ? ? 
3 water       nat water                                 18.015    21 ?       ? ? ? 
# 
_entity_name_com.entity_id   1 
_entity_name_com.name        SlyD 
# 
_entity_poly.entity_id                      1 
_entity_poly.type                           'polypeptide(L)' 
_entity_poly.nstd_linkage                   no 
_entity_poly.nstd_monomer                   no 
_entity_poly.pdbx_seq_one_letter_code       
;MKVGQDKVVTIRYTLQVEGEVLDQGELSYLHGHRNLIPGLEEALEGREEGEAFQAHVPAEKAYGPHDPEGVQVVPLSAFP
EDAEVVPGAQFYAQDMEGNPMPLTVVAVEGEEVTVDFNHPLAGKDLDFQVEVVKVREATPEELLHGHAHPSGHHHHHH
;
_entity_poly.pdbx_seq_one_letter_code_can   
;MKVGQDKVVTIRYTLQVEGEVLDQGELSYLHGHRNLIPGLEEALEGREEGEAFQAHVPAEKAYGPHDPEGVQVVPLSAFP
EDAEVVPGAQFYAQDMEGNPMPLTVVAVEGEEVTVDFNHPLAGKDLDFQVEVVKVREATPEELLHGHAHPSGHHHHHH
;
_entity_poly.pdbx_strand_id                 A 
_entity_poly.pdbx_target_identifier         ? 
# 
loop_
_entity_poly_seq.entity_id 
_entity_poly_seq.num 
_entity_poly_seq.mon_id 
_entity_poly_seq.hetero 
1 1   MET n 
1 2   LYS n 
1 3   VAL n 
1 4   GLY n 
1 5   GLN n 
1 6   ASP n 
1 7   LYS n 
1 8   VAL n 
1 9   VAL n 
1 10  THR n 
1 11  ILE n 
1 12  ARG n 
1 13  TYR n 
1 14  THR n 
1 15  LEU n 
1 16  GLN n 
1 17  VAL n 
1 18  GLU n 
1 19  GLY n 
1 20  GLU n 
1 21  VAL n 
1 22  LEU n 
1 23  ASP n 
1 24  GLN n 
1 25  GLY n 
1 26  GLU n 
1 27  LEU n 
1 28  SER n 
1 29  TYR n 
1 30  LEU n 
1 31  HIS n 
1 32  GLY n 
1 33  HIS n 
1 34  ARG n 
1 35  ASN n 
1 36  LEU n 
1 37  ILE n 
1 38  PRO n 
1 39  GLY n 
1 40  LEU n 
1 41  GLU n 
1 42  GLU n 
1 43  ALA n 
1 44  LEU n 
1 45  GLU n 
1 46  GLY n 
1 47  ARG n 
1 48  GLU n 
1 49  GLU n 
1 50  GLY n 
1 51  GLU n 
1 52  ALA n 
1 53  PHE n 
1 54  GLN n 
1 55  ALA n 
1 56  HIS n 
1 57  VAL n 
1 58  PRO n 
1 59  ALA n 
1 60  GLU n 
1 61  LYS n 
1 62  ALA n 
1 63  TYR n 
1 64  GLY n 
1 65  PRO n 
1 66  HIS n 
1 67  ASP n 
1 68  PRO n 
1 69  GLU n 
1 70  GLY n 
1 71  VAL n 
1 72  GLN n 
1 73  VAL n 
1 74  VAL n 
1 75  PRO n 
1 76  LEU n 
1 77  SER n 
1 78  ALA n 
1 79  PHE n 
1 80  PRO n 
1 81  GLU n 
1 82  ASP n 
1 83  ALA n 
1 84  GLU n 
1 85  VAL n 
1 86  VAL n 
1 87  PRO n 
1 88  GLY n 
1 89  ALA n 
1 90  GLN n 
1 91  PHE n 
1 92  TYR n 
1 93  ALA n 
1 94  GLN n 
1 95  ASP n 
1 96  MET n 
1 97  GLU n 
1 98  GLY n 
1 99  ASN n 
1 100 PRO n 
1 101 MET n 
1 102 PRO n 
1 103 LEU n 
1 104 THR n 
1 105 VAL n 
1 106 VAL n 
1 107 ALA n 
1 108 VAL n 
1 109 GLU n 
1 110 GLY n 
1 111 GLU n 
1 112 GLU n 
1 113 VAL n 
1 114 THR n 
1 115 VAL n 
1 116 ASP n 
1 117 PHE n 
1 118 ASN n 
1 119 HIS n 
1 120 PRO n 
1 121 LEU n 
1 122 ALA n 
1 123 GLY n 
1 124 LYS n 
1 125 ASP n 
1 126 LEU n 
1 127 ASP n 
1 128 PHE n 
1 129 GLN n 
1 130 VAL n 
1 131 GLU n 
1 132 VAL n 
1 133 VAL n 
1 134 LYS n 
1 135 VAL n 
1 136 ARG n 
1 137 GLU n 
1 138 ALA n 
1 139 THR n 
1 140 PRO n 
1 141 GLU n 
1 142 GLU n 
1 143 LEU n 
1 144 LEU n 
1 145 HIS n 
1 146 GLY n 
1 147 HIS n 
1 148 ALA n 
1 149 HIS n 
1 150 PRO n 
1 151 SER n 
1 152 GLY n 
1 153 HIS n 
1 154 HIS n 
1 155 HIS n 
1 156 HIS n 
1 157 HIS n 
1 158 HIS n 
# 
_entity_src_gen.entity_id                          1 
_entity_src_gen.pdbx_src_id                        1 
_entity_src_gen.pdbx_alt_source_flag               sample 
_entity_src_gen.pdbx_seq_type                      ? 
_entity_src_gen.pdbx_beg_seq_num                   ? 
_entity_src_gen.pdbx_end_seq_num                   ? 
_entity_src_gen.gene_src_common_name               ? 
_entity_src_gen.gene_src_genus                     ? 
_entity_src_gen.pdbx_gene_src_gene                 ? 
_entity_src_gen.gene_src_species                   ? 
_entity_src_gen.gene_src_strain                    HB8 
_entity_src_gen.gene_src_tissue                    ? 
_entity_src_gen.gene_src_tissue_fraction           ? 
_entity_src_gen.gene_src_details                   ? 
_entity_src_gen.pdbx_gene_src_fragment             ? 
_entity_src_gen.pdbx_gene_src_scientific_name      'Thermus thermophilus' 
_entity_src_gen.pdbx_gene_src_ncbi_taxonomy_id     300852 
_entity_src_gen.pdbx_gene_src_variant              ? 
_entity_src_gen.pdbx_gene_src_cell_line            ? 
_entity_src_gen.pdbx_gene_src_atcc                 ? 
_entity_src_gen.pdbx_gene_src_organ                ? 
_entity_src_gen.pdbx_gene_src_organelle            ? 
_entity_src_gen.pdbx_gene_src_cell                 ? 
_entity_src_gen.pdbx_gene_src_cellular_location    ? 
_entity_src_gen.host_org_common_name               ? 
_entity_src_gen.pdbx_host_org_scientific_name      'Escherichia coli' 
_entity_src_gen.pdbx_host_org_ncbi_taxonomy_id     562 
_entity_src_gen.host_org_genus                     ? 
_entity_src_gen.pdbx_host_org_gene                 ? 
_entity_src_gen.pdbx_host_org_organ                ? 
_entity_src_gen.host_org_species                   ? 
_entity_src_gen.pdbx_host_org_tissue               ? 
_entity_src_gen.pdbx_host_org_tissue_fraction      ? 
_entity_src_gen.pdbx_host_org_strain               BL21 
_entity_src_gen.pdbx_host_org_variant              ? 
_entity_src_gen.pdbx_host_org_cell_line            ? 
_entity_src_gen.pdbx_host_org_atcc                 ? 
_entity_src_gen.pdbx_host_org_culture_collection   ? 
_entity_src_gen.pdbx_host_org_cell                 ? 
_entity_src_gen.pdbx_host_org_organelle            ? 
_entity_src_gen.pdbx_host_org_cellular_location    ? 
_entity_src_gen.pdbx_host_org_vector_type          pet-vector 
_entity_src_gen.pdbx_host_org_vector               ? 
_entity_src_gen.host_org_details                   ? 
_entity_src_gen.expression_system_id               ? 
_entity_src_gen.plasmid_name                       pet11a 
_entity_src_gen.plasmid_details                    ? 
_entity_src_gen.pdbx_description                   ? 
# 
_struct_ref.id                         1 
_struct_ref.db_name                    UNP 
_struct_ref.db_code                    Q5SLE7_THET8 
_struct_ref.pdbx_db_accession          Q5SLE7 
_struct_ref.entity_id                  1 
_struct_ref.pdbx_seq_one_letter_code   
;MKVGQDKVVTIRYTLQVEGEVLDQGELSYLHGHRNLIPGLEEALEGREEGEAFQAHVPAEKAYGPHDPEGVQVVPLSAFP
EDAEVVPGAQFYAQDMEGNPMPLTVVAVEGEEVTVDFNHPLAGKDLDFQVEVVKVREATPEELLHGHAH
;
_struct_ref.pdbx_align_begin           1 
_struct_ref.pdbx_db_isoform            ? 
# 
_struct_ref_seq.align_id                      1 
_struct_ref_seq.ref_id                        1 
_struct_ref_seq.pdbx_PDB_id_code              3CGN 
_struct_ref_seq.pdbx_strand_id                A 
_struct_ref_seq.seq_align_beg                 1 
_struct_ref_seq.pdbx_seq_align_beg_ins_code   ? 
_struct_ref_seq.seq_align_end                 149 
_struct_ref_seq.pdbx_seq_align_end_ins_code   ? 
_struct_ref_seq.pdbx_db_accession             Q5SLE7 
_struct_ref_seq.db_align_beg                  1 
_struct_ref_seq.pdbx_db_align_beg_ins_code    ? 
_struct_ref_seq.db_align_end                  149 
_struct_ref_seq.pdbx_db_align_end_ins_code    ? 
_struct_ref_seq.pdbx_auth_seq_align_beg       1 
_struct_ref_seq.pdbx_auth_seq_align_end       149 
# 
loop_
_struct_ref_seq_dif.align_id 
_struct_ref_seq_dif.pdbx_pdb_id_code 
_struct_ref_seq_dif.mon_id 
_struct_ref_seq_dif.pdbx_pdb_strand_id 
_struct_ref_seq_dif.seq_num 
_struct_ref_seq_dif.pdbx_pdb_ins_code 
_struct_ref_seq_dif.pdbx_seq_db_name 
_struct_ref_seq_dif.pdbx_seq_db_accession_code 
_struct_ref_seq_dif.db_mon_id 
_struct_ref_seq_dif.pdbx_seq_db_seq_num 
_struct_ref_seq_dif.details 
_struct_ref_seq_dif.pdbx_auth_seq_num 
_struct_ref_seq_dif.pdbx_ordinal 
1 3CGN PRO A 150 ? UNP Q5SLE7 ? ? 'expression tag' 150 1 
1 3CGN SER A 151 ? UNP Q5SLE7 ? ? 'expression tag' 151 2 
1 3CGN GLY A 152 ? UNP Q5SLE7 ? ? 'expression tag' 152 3 
1 3CGN HIS A 153 ? UNP Q5SLE7 ? ? 'expression tag' 153 4 
1 3CGN HIS A 154 ? UNP Q5SLE7 ? ? 'expression tag' 154 5 
1 3CGN HIS A 155 ? UNP Q5SLE7 ? ? 'expression tag' 155 6 
1 3CGN HIS A 156 ? UNP Q5SLE7 ? ? 'expression tag' 156 7 
1 3CGN HIS A 157 ? UNP Q5SLE7 ? ? 'expression tag' 157 8 
1 3CGN HIS A 158 ? UNP Q5SLE7 ? ? 'expression tag' 158 9 
# 
loop_
_chem_comp.id 
_chem_comp.type 
_chem_comp.mon_nstd_flag 
_chem_comp.name 
_chem_comp.pdbx_synonyms 
_chem_comp.formula 
_chem_comp.formula_weight 
ALA 'L-peptide linking' y ALANINE         ? 'C3 H7 N O2'     89.093  
ARG 'L-peptide linking' y ARGININE        ? 'C6 H15 N4 O2 1' 175.209 
ASN 'L-peptide linking' y ASPARAGINE      ? 'C4 H8 N2 O3'    132.118 
ASP 'L-peptide linking' y 'ASPARTIC ACID' ? 'C4 H7 N O4'     133.103 
GLN 'L-peptide linking' y GLUTAMINE       ? 'C5 H10 N2 O3'   146.144 
GLU 'L-peptide linking' y 'GLUTAMIC ACID' ? 'C5 H9 N O4'     147.129 
GLY 'peptide linking'   y GLYCINE         ? 'C2 H5 N O2'     75.067  
HIS 'L-peptide linking' y HISTIDINE       ? 'C6 H10 N3 O2 1' 156.162 
HOH non-polymer         . WATER           ? 'H2 O'           18.015  
ILE 'L-peptide linking' y ISOLEUCINE      ? 'C6 H13 N O2'    131.173 
LEU 'L-peptide linking' y LEUCINE         ? 'C6 H13 N O2'    131.173 
LYS 'L-peptide linking' y LYSINE          ? 'C6 H15 N2 O2 1' 147.195 
MET 'L-peptide linking' y METHIONINE      ? 'C5 H11 N O2 S'  149.211 
PHE 'L-peptide linking' y PHENYLALANINE   ? 'C9 H11 N O2'    165.189 
PRO 'L-peptide linking' y PROLINE         ? 'C5 H9 N O2'     115.130 
SER 'L-peptide linking' y SERINE          ? 'C3 H7 N O3'     105.093 
SO4 non-polymer         . 'SULFATE ION'   ? 'O4 S -2'        96.063  
THR 'L-peptide linking' y THREONINE       ? 'C4 H9 N O3'     119.119 
TYR 'L-peptide linking' y TYROSINE        ? 'C9 H11 N O3'    181.189 
VAL 'L-peptide linking' y VALINE          ? 'C5 H11 N O2'    117.146 
# 
_exptl.crystals_number   1 
_exptl.entry_id          3CGN 
_exptl.method            'X-RAY DIFFRACTION' 
# 
_exptl_crystal.id                    1 
_exptl_crystal.density_Matthews      2.29 
_exptl_crystal.density_meas          ? 
_exptl_crystal.density_percent_sol   46.24 
_exptl_crystal.description           ? 
_exptl_crystal.F_000                 ? 
_exptl_crystal.preparation           ? 
# 
_exptl_crystal_grow.crystal_id      1 
_exptl_crystal_grow.method          'VAPOR DIFFUSION, HANGING DROP' 
_exptl_crystal_grow.pH              6.5 
_exptl_crystal_grow.temp            286 
_exptl_crystal_grow.temp_details    ? 
_exptl_crystal_grow.pdbx_details    
'100mM MES, pH6.5, 1.6M Na/K-Tartrate, 26mg/ml, 1:1 mixing, VAPOR DIFFUSION, HANGING DROP, temperature 286K' 
_exptl_crystal_grow.pdbx_pH_range   . 
# 
_diffrn.id                     1 
_diffrn.ambient_temp           180 
_diffrn.ambient_temp_details   ? 
_diffrn.crystal_id             1 
# 
_diffrn_detector.diffrn_id              1 
_diffrn_detector.detector               CCD 
_diffrn_detector.type                   'MAR CCD 165 mm' 
_diffrn_detector.pdbx_collection_date   2007-11-27 
_diffrn_detector.details                mirrors 
# 
_diffrn_radiation.diffrn_id                        1 
_diffrn_radiation.wavelength_id                    1 
_diffrn_radiation.pdbx_diffrn_protocol             'SINGLE WAVELENGTH' 
_diffrn_radiation.monochromator                    GRAPHITE 
_diffrn_radiation.pdbx_monochromatic_or_laue_m_l   M 
_diffrn_radiation.pdbx_scattering_type             x-ray 
# 
_diffrn_radiation_wavelength.id           1 
_diffrn_radiation_wavelength.wavelength   0.91840 
_diffrn_radiation_wavelength.wt           1.0 
# 
_diffrn_source.diffrn_id                   1 
_diffrn_source.source                      SYNCHROTRON 
_diffrn_source.type                        'BESSY BEAMLINE 14.2' 
_diffrn_source.pdbx_wavelength             ? 
_diffrn_source.pdbx_wavelength_list        0.91840 
_diffrn_source.pdbx_synchrotron_site       BESSY 
_diffrn_source.pdbx_synchrotron_beamline   14.2 
# 
_reflns.entry_id                     3CGN 
_reflns.d_resolution_high            2.700 
_reflns.number_obs                   4147 
_reflns.pdbx_Rmerge_I_obs            0.048 
_reflns.pdbx_netI_over_sigmaI        16.830 
_reflns.percent_possible_obs         90.600 
_reflns.B_iso_Wilson_estimate        69.918 
_reflns.observed_criterion_sigma_I   -3.00 
_reflns.observed_criterion_sigma_F   0 
_reflns.d_resolution_low             20 
_reflns.number_all                   4577 
_reflns.pdbx_Rsym_value              0.054 
_reflns.pdbx_redundancy              5.13 
_reflns.R_free_details               ? 
_reflns.limit_h_max                  ? 
_reflns.limit_h_min                  ? 
_reflns.limit_k_max                  ? 
_reflns.limit_k_min                  ? 
_reflns.limit_l_max                  ? 
_reflns.limit_l_min                  ? 
_reflns.observed_criterion_F_max     ? 
_reflns.observed_criterion_F_min     ? 
_reflns.pdbx_chi_squared             ? 
_reflns.pdbx_scaling_rejects         ? 
_reflns.pdbx_diffrn_id               1 
_reflns.pdbx_ordinal                 1 
# 
_reflns_shell.d_res_high             2.70 
_reflns_shell.d_res_low              2.80 
_reflns_shell.number_measured_obs    1846 
_reflns_shell.number_measured_all    ? 
_reflns_shell.number_unique_obs      359 
_reflns_shell.Rmerge_I_obs           0.472 
_reflns_shell.meanI_over_sigI_obs    2.8 
_reflns_shell.pdbx_Rsym_value        0.526 
_reflns_shell.pdbx_chi_squared       ? 
_reflns_shell.pdbx_redundancy        5.14 
_reflns_shell.percent_possible_obs   ? 
_reflns_shell.number_unique_all      359 
_reflns_shell.percent_possible_all   78.20 
_reflns_shell.pdbx_diffrn_id         ? 
_reflns_shell.pdbx_ordinal           1 
# 
_refine.entry_id                                 3CGN 
_refine.ls_d_res_high                            2.700 
_refine.ls_d_res_low                             19.760 
_refine.pdbx_ls_sigma_F                          0.00 
_refine.pdbx_data_cutoff_high_absF               4013434.000 
_refine.pdbx_data_cutoff_low_absF                0.000 
_refine.ls_percent_reflns_obs                    90.600 
_refine.ls_number_reflns_obs                     4141 
_refine.pdbx_ls_cross_valid_method               THROUGHOUT 
_refine.pdbx_R_Free_selection_details            RANDOM 
_refine.details                                  'BULK SOLVENT MODEL USED' 
_refine.ls_R_factor_R_work                       0.209 
_refine.ls_R_factor_R_free                       0.257 
_refine.ls_percent_reflns_R_free                 8.000 
_refine.ls_number_reflns_R_free                  363 
_refine.ls_R_factor_R_free_error                 0.013 
_refine.B_iso_mean                               84.600 
_refine.solvent_model_param_bsol                 85.790 
_refine.solvent_model_param_ksol                 0.350 
_refine.pdbx_isotropic_thermal_model             RESTRAINED 
_refine.aniso_B[1][1]                            -15.420 
_refine.aniso_B[2][2]                            16.300 
_refine.aniso_B[3][3]                            -0.880 
_refine.aniso_B[1][2]                            0.000 
_refine.aniso_B[1][3]                            0.000 
_refine.aniso_B[2][3]                            0.000 
_refine.solvent_model_details                    'FLAT MODEL' 
_refine.pdbx_method_to_determine_struct          'MOLECULAR REPLACEMENT' 
_refine.overall_FOM_work_R_set                   0.795 
_refine.pdbx_ls_sigma_I                          0 
_refine.ls_number_reflns_all                     4577 
_refine.ls_R_factor_all                          ? 
_refine.ls_R_factor_obs                          0.211 
_refine.ls_redundancy_reflns_obs                 ? 
_refine.ls_number_parameters                     ? 
_refine.ls_number_restraints                     ? 
_refine.ls_R_factor_R_free_error_details         ? 
_refine.pdbx_starting_model                      'PDB ENTRY 3CGM' 
_refine.pdbx_stereochem_target_val_spec_case     ? 
_refine.pdbx_stereochemistry_target_values       'Engh & Huber' 
_refine.occupancy_max                            ? 
_refine.occupancy_min                            ? 
_refine.B_iso_min                                ? 
_refine.B_iso_max                                ? 
_refine.correlation_coeff_Fo_to_Fc               ? 
_refine.correlation_coeff_Fo_to_Fc_free          ? 
_refine.pdbx_solvent_vdw_probe_radii             ? 
_refine.pdbx_solvent_ion_probe_radii             ? 
_refine.pdbx_solvent_shrinkage_radii             ? 
_refine.overall_SU_R_Cruickshank_DPI             ? 
_refine.overall_SU_R_free                        ? 
_refine.overall_SU_ML                            ? 
_refine.overall_SU_B                             ? 
_refine.pdbx_overall_ESU_R_Free                  ? 
_refine.pdbx_data_cutoff_high_rms_absF           ? 
_refine.pdbx_overall_ESU_R                       ? 
_refine.ls_wR_factor_R_free                      ? 
_refine.ls_wR_factor_R_work                      ? 
_refine.overall_FOM_free_R_set                   ? 
_refine.pdbx_overall_phase_error                 ? 
_refine.pdbx_refine_id                           'X-RAY DIFFRACTION' 
_refine.pdbx_diffrn_id                           1 
_refine.pdbx_TLS_residual_ADP_flag               ? 
_refine.pdbx_overall_SU_R_free_Cruickshank_DPI   ? 
_refine.pdbx_overall_SU_R_Blow_DPI               ? 
_refine.pdbx_overall_SU_R_free_Blow_DPI          ? 
# 
_refine_analyze.entry_id                        3CGN 
_refine_analyze.Luzzati_coordinate_error_obs    0.350 
_refine_analyze.Luzzati_sigma_a_obs             0.460 
_refine_analyze.Luzzati_d_res_low_obs           4.000 
_refine_analyze.Luzzati_coordinate_error_free   0.470 
_refine_analyze.Luzzati_sigma_a_free            0.470 
_refine_analyze.Luzzati_d_res_low_free          ? 
_refine_analyze.number_disordered_residues      ? 
_refine_analyze.occupancy_sum_non_hydrogen      ? 
_refine_analyze.occupancy_sum_hydrogen          ? 
_refine_analyze.pdbx_Luzzati_d_res_high_obs     ? 
_refine_analyze.pdbx_refine_id                  'X-RAY DIFFRACTION' 
# 
_refine_hist.pdbx_refine_id                   'X-RAY DIFFRACTION' 
_refine_hist.cycle_id                         LAST 
_refine_hist.pdbx_number_atoms_protein        1163 
_refine_hist.pdbx_number_atoms_nucleic_acid   0 
_refine_hist.pdbx_number_atoms_ligand         5 
_refine_hist.number_atoms_solvent             21 
_refine_hist.number_atoms_total               1189 
_refine_hist.d_res_high                       2.700 
_refine_hist.d_res_low                        19.760 
# 
loop_
_refine_ls_restr.type 
_refine_ls_restr.number 
_refine_ls_restr.dev_ideal 
_refine_ls_restr.dev_ideal_target 
_refine_ls_restr.weight 
_refine_ls_restr.pdbx_refine_id 
_refine_ls_restr.pdbx_restraint_function 
c_bond_d           ? 0.007  ?     ? 'X-RAY DIFFRACTION' ? 
c_angle_deg        ? 1.300  ?     ? 'X-RAY DIFFRACTION' ? 
c_dihedral_angle_d ? 25.300 ?     ? 'X-RAY DIFFRACTION' ? 
c_improper_angle_d ? 0.950  ?     ? 'X-RAY DIFFRACTION' ? 
c_mcbond_it        ? 4.940  1.500 ? 'X-RAY DIFFRACTION' ? 
c_mcangle_it       ? 7.990  2.000 ? 'X-RAY DIFFRACTION' ? 
c_scbond_it        ? 9.000  2.000 ? 'X-RAY DIFFRACTION' ? 
c_scangle_it       ? 11.620 2.500 ? 'X-RAY DIFFRACTION' ? 
# 
_refine_ls_shell.d_res_high                       2.700 
_refine_ls_shell.d_res_low                        2.870 
_refine_ls_shell.pdbx_total_number_of_bins_used   6 
_refine_ls_shell.percent_reflns_obs               78.200 
_refine_ls_shell.number_reflns_R_work             676 
_refine_ls_shell.R_factor_all                     ? 
_refine_ls_shell.R_factor_R_work                  0.291 
_refine_ls_shell.R_factor_R_free                  0.355 
_refine_ls_shell.percent_reflns_R_free            8.000 
_refine_ls_shell.number_reflns_R_free             59 
_refine_ls_shell.R_factor_R_free_error            0.046 
_refine_ls_shell.number_reflns_all                735 
_refine_ls_shell.number_reflns_obs                359 
_refine_ls_shell.redundancy_reflns_obs            ? 
_refine_ls_shell.pdbx_refine_id                   'X-RAY DIFFRACTION' 
# 
loop_
_pdbx_xplor_file.serial_no 
_pdbx_xplor_file.param_file 
_pdbx_xplor_file.topol_file 
_pdbx_xplor_file.pdbx_refine_id 
1 protein_rep.param protein.top 'X-RAY DIFFRACTION' 
2 water_rep.param   water.top   'X-RAY DIFFRACTION' 
3 ion.param         ion.top     'X-RAY DIFFRACTION' 
# 
_struct.entry_id                  3CGN 
_struct.title                     'Crystal Structure of thermophilic SlyD' 
_struct.pdbx_model_details        ? 
_struct.pdbx_CASP_flag            ? 
_struct.pdbx_model_type_details   ? 
# 
_struct_keywords.entry_id        3CGN 
_struct_keywords.pdbx_keywords   ISOMERASE 
_struct_keywords.text            'SlyD, prolyl cis trans isomerase, chaperone, Rotamase, ISOMERASE' 
# 
loop_
_struct_asym.id 
_struct_asym.pdbx_blank_PDB_chainid_flag 
_struct_asym.pdbx_modified 
_struct_asym.entity_id 
_struct_asym.details 
A N N 1 ? 
B N N 2 ? 
C N N 3 ? 
# 
_struct_biol.id        1 
_struct_biol.details   ? 
# 
loop_
_struct_conf.conf_type_id 
_struct_conf.id 
_struct_conf.pdbx_PDB_helix_id 
_struct_conf.beg_label_comp_id 
_struct_conf.beg_label_asym_id 
_struct_conf.beg_label_seq_id 
_struct_conf.pdbx_beg_PDB_ins_code 
_struct_conf.end_label_comp_id 
_struct_conf.end_label_asym_id 
_struct_conf.end_label_seq_id 
_struct_conf.pdbx_end_PDB_ins_code 
_struct_conf.beg_auth_comp_id 
_struct_conf.beg_auth_asym_id 
_struct_conf.beg_auth_seq_id 
_struct_conf.end_auth_comp_id 
_struct_conf.end_auth_asym_id 
_struct_conf.end_auth_seq_id 
_struct_conf.pdbx_PDB_helix_class 
_struct_conf.details 
_struct_conf.pdbx_PDB_helix_length 
HELX_P HELX_P1 1 ILE A 37  ? GLU A 45  ? ILE A 37  GLU A 45  1 ? 9 
HELX_P HELX_P2 2 PRO A 58  ? ALA A 62  ? PRO A 58  ALA A 62  5 ? 5 
HELX_P HELX_P3 3 ASP A 67  ? GLU A 69  ? ASP A 67  GLU A 69  5 ? 3 
HELX_P HELX_P4 4 PRO A 75  ? PHE A 79  ? PRO A 75  PHE A 79  5 ? 5 
HELX_P HELX_P5 5 THR A 139 ? GLY A 146 ? THR A 139 GLY A 146 1 ? 8 
# 
_struct_conf_type.id          HELX_P 
_struct_conf_type.criteria    ? 
_struct_conf_type.reference   ? 
# 
loop_
_struct_sheet.id 
_struct_sheet.type 
_struct_sheet.number_strands 
_struct_sheet.details 
A ? 4 ? 
B ? 4 ? 
# 
loop_
_struct_sheet_order.sheet_id 
_struct_sheet_order.range_id_1 
_struct_sheet_order.range_id_2 
_struct_sheet_order.offset 
_struct_sheet_order.sense 
A 1 2 ? anti-parallel 
A 2 3 ? anti-parallel 
A 3 4 ? anti-parallel 
B 1 2 ? anti-parallel 
B 2 3 ? anti-parallel 
B 3 4 ? anti-parallel 
# 
loop_
_struct_sheet_range.sheet_id 
_struct_sheet_range.id 
_struct_sheet_range.beg_label_comp_id 
_struct_sheet_range.beg_label_asym_id 
_struct_sheet_range.beg_label_seq_id 
_struct_sheet_range.pdbx_beg_PDB_ins_code 
_struct_sheet_range.end_label_comp_id 
_struct_sheet_range.end_label_asym_id 
_struct_sheet_range.end_label_seq_id 
_struct_sheet_range.pdbx_end_PDB_ins_code 
_struct_sheet_range.beg_auth_comp_id 
_struct_sheet_range.beg_auth_asym_id 
_struct_sheet_range.beg_auth_seq_id 
_struct_sheet_range.end_auth_comp_id 
_struct_sheet_range.end_auth_asym_id 
_struct_sheet_range.end_auth_seq_id 
A 1 GLU A 20  ? LEU A 30  ? GLU A 20  LEU A 30  
A 2 LYS A 7   ? VAL A 17  ? LYS A 7   VAL A 17  
A 3 LEU A 126 ? GLU A 137 ? LEU A 126 GLU A 137 
A 4 ALA A 52  ? VAL A 57  ? ALA A 52  VAL A 57  
B 1 VAL A 71  ? VAL A 74  ? VAL A 71  VAL A 74  
B 2 GLU A 112 ? ASP A 116 ? GLU A 112 ASP A 116 
B 3 LEU A 103 ? GLU A 109 ? LEU A 103 GLU A 109 
B 4 GLN A 90  ? PHE A 91  ? GLN A 90  PHE A 91  
# 
loop_
_pdbx_struct_sheet_hbond.sheet_id 
_pdbx_struct_sheet_hbond.range_id_1 
_pdbx_struct_sheet_hbond.range_id_2 
_pdbx_struct_sheet_hbond.range_1_label_atom_id 
_pdbx_struct_sheet_hbond.range_1_label_comp_id 
_pdbx_struct_sheet_hbond.range_1_label_asym_id 
_pdbx_struct_sheet_hbond.range_1_label_seq_id 
_pdbx_struct_sheet_hbond.range_1_PDB_ins_code 
_pdbx_struct_sheet_hbond.range_1_auth_atom_id 
_pdbx_struct_sheet_hbond.range_1_auth_comp_id 
_pdbx_struct_sheet_hbond.range_1_auth_asym_id 
_pdbx_struct_sheet_hbond.range_1_auth_seq_id 
_pdbx_struct_sheet_hbond.range_2_label_atom_id 
_pdbx_struct_sheet_hbond.range_2_label_comp_id 
_pdbx_struct_sheet_hbond.range_2_label_asym_id 
_pdbx_struct_sheet_hbond.range_2_label_seq_id 
_pdbx_struct_sheet_hbond.range_2_PDB_ins_code 
_pdbx_struct_sheet_hbond.range_2_auth_atom_id 
_pdbx_struct_sheet_hbond.range_2_auth_comp_id 
_pdbx_struct_sheet_hbond.range_2_auth_asym_id 
_pdbx_struct_sheet_hbond.range_2_auth_seq_id 
A 1 2 O GLY A 25  ? O GLY A 25  N TYR A 13  ? N TYR A 13  
A 2 3 N THR A 10  ? N THR A 10  O LYS A 134 ? O LYS A 134 
A 3 4 O LEU A 126 ? O LEU A 126 N VAL A 57  ? N VAL A 57  
B 1 2 N VAL A 74  ? N VAL A 74  O VAL A 113 ? O VAL A 113 
B 2 3 O ASP A 116 ? O ASP A 116 N THR A 104 ? N THR A 104 
B 3 4 O LEU A 103 ? O LEU A 103 N PHE A 91  ? N PHE A 91  
# 
_struct_site.id                   AC1 
_struct_site.pdbx_evidence_code   Software 
_struct_site.pdbx_auth_asym_id    A 
_struct_site.pdbx_auth_comp_id    SO4 
_struct_site.pdbx_auth_seq_id     159 
_struct_site.pdbx_auth_ins_code   ? 
_struct_site.pdbx_num_residues    2 
_struct_site.details              'BINDING SITE FOR RESIDUE SO4 A 159' 
# 
loop_
_struct_site_gen.id 
_struct_site_gen.site_id 
_struct_site_gen.pdbx_num_res 
_struct_site_gen.label_comp_id 
_struct_site_gen.label_asym_id 
_struct_site_gen.label_seq_id 
_struct_site_gen.pdbx_auth_ins_code 
_struct_site_gen.auth_comp_id 
_struct_site_gen.auth_asym_id 
_struct_site_gen.auth_seq_id 
_struct_site_gen.label_atom_id 
_struct_site_gen.label_alt_id 
_struct_site_gen.symmetry 
_struct_site_gen.details 
1 AC1 2 ARG A 47 ? ARG A 47 . ? 1_555 ? 
2 AC1 2 PHE A 53 ? PHE A 53 . ? 1_555 ? 
# 
_atom_sites.entry_id                    3CGN 
_atom_sites.fract_transf_matrix[1][1]   -0.00118348 
_atom_sites.fract_transf_matrix[1][2]   -0.00202024 
_atom_sites.fract_transf_matrix[1][3]   0.01209343 
_atom_sites.fract_transf_matrix[2][1]   -0.00918821 
_atom_sites.fract_transf_matrix[2][2]   0.00731994 
_atom_sites.fract_transf_matrix[2][3]   0.00032364 
_atom_sites.fract_transf_matrix[3][1]   -0.00668022 
_atom_sites.fract_transf_matrix[3][2]   -0.00829504 
_atom_sites.fract_transf_matrix[3][3]   -0.00203945 
_atom_sites.fract_transf_vector[1]      -0.323467 
_atom_sites.fract_transf_vector[2]      -0.168735 
_atom_sites.fract_transf_vector[3]      -0.006719 
# 
loop_
_atom_type.symbol 
C 
N 
O 
S 
# 
loop_
_atom_site.group_PDB 
_atom_site.id 
_atom_site.type_symbol 
_atom_site.label_atom_id 
_atom_site.label_alt_id 
_atom_site.label_comp_id 
_atom_site.label_asym_id 
_atom_site.label_entity_id 
_atom_site.label_seq_id 
_atom_site.pdbx_PDB_ins_code 
_atom_site.Cartn_x 
_atom_site.Cartn_y 
_atom_site.Cartn_z 
_atom_site.occupancy 
_atom_site.B_iso_or_equiv 
_atom_site.pdbx_formal_charge 
_atom_site.auth_seq_id 
_atom_site.auth_comp_id 
_atom_site.auth_asym_id 
_atom_site.auth_atom_id 
_atom_site.pdbx_PDB_model_num 
ATOM   1    N N   . MET A 1 1   ? -22.952 -10.509 8.939   1.00 72.23  ? 1   MET A N   1 
ATOM   2    C CA  . MET A 1 1   ? -23.488 -9.126  8.804   1.00 73.85  ? 1   MET A CA  1 
ATOM   3    C C   . MET A 1 1   ? -22.841 -8.369  7.648   1.00 73.71  ? 1   MET A C   1 
ATOM   4    O O   . MET A 1 1   ? -21.954 -8.891  6.974   1.00 77.98  ? 1   MET A O   1 
ATOM   5    C CB  . MET A 1 1   ? -23.312 -8.352  10.122  1.00 69.27  ? 1   MET A CB  1 
ATOM   6    C CG  . MET A 1 1   ? -22.012 -8.616  10.878  1.00 66.08  ? 1   MET A CG  1 
ATOM   7    S SD  . MET A 1 1   ? -21.871 -7.649  12.423  1.00 74.91  ? 1   MET A SD  1 
ATOM   8    C CE  . MET A 1 1   ? -22.307 -8.869  13.700  1.00 48.13  ? 1   MET A CE  1 
ATOM   9    N N   . LYS A 1 2   ? -23.296 -7.141  7.413   1.00 68.52  ? 2   LYS A N   1 
ATOM   10   C CA  . LYS A 1 2   ? -22.770 -6.330  6.323   1.00 67.24  ? 2   LYS A CA  1 
ATOM   11   C C   . LYS A 1 2   ? -21.608 -5.451  6.749   1.00 73.93  ? 2   LYS A C   1 
ATOM   12   O O   . LYS A 1 2   ? -21.633 -4.841  7.818   1.00 82.71  ? 2   LYS A O   1 
ATOM   13   C CB  . LYS A 1 2   ? -23.863 -5.434  5.745   1.00 61.04  ? 2   LYS A CB  1 
ATOM   14   C CG  . LYS A 1 2   ? -24.956 -6.168  5.012   1.00 70.54  ? 2   LYS A CG  1 
ATOM   15   C CD  . LYS A 1 2   ? -26.170 -5.267  4.797   1.00 77.86  ? 2   LYS A CD  1 
ATOM   16   C CE  . LYS A 1 2   ? -25.820 -4.010  3.997   1.00 74.55  ? 2   LYS A CE  1 
ATOM   17   N NZ  . LYS A 1 2   ? -25.395 -4.307  2.597   1.00 71.35  ? 2   LYS A NZ  1 
ATOM   18   N N   . VAL A 1 3   ? -20.586 -5.397  5.902   1.00 68.68  ? 3   VAL A N   1 
ATOM   19   C CA  . VAL A 1 3   ? -19.428 -4.558  6.163   1.00 55.65  ? 3   VAL A CA  1 
ATOM   20   C C   . VAL A 1 3   ? -19.911 -3.114  6.238   1.00 49.66  ? 3   VAL A C   1 
ATOM   21   O O   . VAL A 1 3   ? -20.642 -2.646  5.362   1.00 48.66  ? 3   VAL A O   1 
ATOM   22   C CB  . VAL A 1 3   ? -18.377 -4.690  5.039   1.00 51.46  ? 3   VAL A CB  1 
ATOM   23   C CG1 . VAL A 1 3   ? -17.346 -3.587  5.153   1.00 50.20  ? 3   VAL A CG1 1 
ATOM   24   C CG2 . VAL A 1 3   ? -17.699 -6.047  5.133   1.00 51.18  ? 3   VAL A CG2 1 
ATOM   25   N N   . GLY A 1 4   ? -19.515 -2.423  7.304   1.00 49.03  ? 4   GLY A N   1 
ATOM   26   C CA  . GLY A 1 4   ? -19.903 -1.032  7.495   1.00 42.64  ? 4   GLY A CA  1 
ATOM   27   C C   . GLY A 1 4   ? -19.027 -0.297  8.503   1.00 43.49  ? 4   GLY A C   1 
ATOM   28   O O   . GLY A 1 4   ? -18.062 -0.863  9.042   1.00 43.02  ? 4   GLY A O   1 
ATOM   29   N N   . GLN A 1 5   ? -19.369 0.960   8.770   1.00 41.14  ? 5   GLN A N   1 
ATOM   30   C CA  . GLN A 1 5   ? -18.614 1.785   9.703   1.00 48.43  ? 5   GLN A CA  1 
ATOM   31   C C   . GLN A 1 5   ? -18.475 1.126   11.062  1.00 54.00  ? 5   GLN A C   1 
ATOM   32   O O   . GLN A 1 5   ? -19.417 0.517   11.566  1.00 53.86  ? 5   GLN A O   1 
ATOM   33   C CB  . GLN A 1 5   ? -19.300 3.136   9.879   1.00 51.54  ? 5   GLN A CB  1 
ATOM   34   C CG  . GLN A 1 5   ? -18.544 4.140   10.737  1.00 50.83  ? 5   GLN A CG  1 
ATOM   35   C CD  . GLN A 1 5   ? -17.348 4.744   10.035  1.00 57.92  ? 5   GLN A CD  1 
ATOM   36   O OE1 . GLN A 1 5   ? -17.325 4.850   8.810   1.00 63.92  ? 5   GLN A OE1 1 
ATOM   37   N NE2 . GLN A 1 5   ? -16.353 5.168   10.811  1.00 57.43  ? 5   GLN A NE2 1 
ATOM   38   N N   . ASP A 1 6   ? -17.280 1.241   11.639  1.00 60.50  ? 6   ASP A N   1 
ATOM   39   C CA  . ASP A 1 6   ? -16.989 0.706   12.964  1.00 53.31  ? 6   ASP A CA  1 
ATOM   40   C C   . ASP A 1 6   ? -17.026 -0.796  13.096  1.00 50.86  ? 6   ASP A C   1 
ATOM   41   O O   . ASP A 1 6   ? -17.043 -1.314  14.207  1.00 58.00  ? 6   ASP A O   1 
ATOM   42   C CB  . ASP A 1 6   ? -17.928 1.332   13.996  1.00 52.58  ? 6   ASP A CB  1 
ATOM   43   C CG  . ASP A 1 6   ? -17.465 2.723   14.451  1.00 61.93  ? 6   ASP A CG  1 
ATOM   44   O OD1 . ASP A 1 6   ? -16.747 3.413   13.693  1.00 62.08  ? 6   ASP A OD1 1 
ATOM   45   O OD2 . ASP A 1 6   ? -17.833 3.136   15.571  1.00 68.76  ? 6   ASP A OD2 1 
ATOM   46   N N   . LYS A 1 7   ? -17.050 -1.505  11.975  1.00 55.28  ? 7   LYS A N   1 
ATOM   47   C CA  . LYS A 1 7   ? -17.038 -2.968  12.029  1.00 52.35  ? 7   LYS A CA  1 
ATOM   48   C C   . LYS A 1 7   ? -15.610 -3.406  11.827  1.00 46.87  ? 7   LYS A C   1 
ATOM   49   O O   . LYS A 1 7   ? -14.860 -2.748  11.103  1.00 47.96  ? 7   LYS A O   1 
ATOM   50   C CB  . LYS A 1 7   ? -17.869 -3.589  10.912  1.00 57.64  ? 7   LYS A CB  1 
ATOM   51   C CG  . LYS A 1 7   ? -19.348 -3.559  11.124  1.00 57.93  ? 7   LYS A CG  1 
ATOM   52   C CD  . LYS A 1 7   ? -19.739 -4.305  12.372  1.00 55.36  ? 7   LYS A CD  1 
ATOM   53   C CE  . LYS A 1 7   ? -21.241 -4.490  12.400  1.00 55.27  ? 7   LYS A CE  1 
ATOM   54   N NZ  . LYS A 1 7   ? -21.962 -3.230  12.045  1.00 53.84  ? 7   LYS A NZ  1 
ATOM   55   N N   . VAL A 1 8   ? -15.232 -4.502  12.468  1.00 47.53  ? 8   VAL A N   1 
ATOM   56   C CA  . VAL A 1 8   ? -13.879 -5.042  12.311  1.00 47.45  ? 8   VAL A CA  1 
ATOM   57   C C   . VAL A 1 8   ? -14.000 -6.142  11.268  1.00 58.52  ? 8   VAL A C   1 
ATOM   58   O O   . VAL A 1 8   ? -14.538 -7.217  11.532  1.00 72.37  ? 8   VAL A O   1 
ATOM   59   C CB  . VAL A 1 8   ? -13.325 -5.617  13.632  1.00 52.51  ? 8   VAL A CB  1 
ATOM   60   C CG1 . VAL A 1 8   ? -12.045 -6.380  13.366  1.00 57.65  ? 8   VAL A CG1 1 
ATOM   61   C CG2 . VAL A 1 8   ? -13.034 -4.486  14.602  1.00 45.21  ? 8   VAL A CG2 1 
ATOM   62   N N   . VAL A 1 9   ? -13.506 -5.844  10.072  1.00 58.57  ? 9   VAL A N   1 
ATOM   63   C CA  . VAL A 1 9   ? -13.580 -6.754  8.936   1.00 48.06  ? 9   VAL A CA  1 
ATOM   64   C C   . VAL A 1 9   ? -12.297 -7.564  8.633   1.00 48.05  ? 9   VAL A C   1 
ATOM   65   O O   . VAL A 1 9   ? -11.180 -7.031  8.640   1.00 44.60  ? 9   VAL A O   1 
ATOM   66   C CB  . VAL A 1 9   ? -13.991 -5.952  7.672   1.00 45.28  ? 9   VAL A CB  1 
ATOM   67   C CG1 . VAL A 1 9   ? -14.038 -6.859  6.451   1.00 48.77  ? 9   VAL A CG1 1 
ATOM   68   C CG2 . VAL A 1 9   ? -15.355 -5.275  7.904   1.00 41.79  ? 9   VAL A CG2 1 
ATOM   69   N N   . THR A 1 10  ? -12.473 -8.858  8.381   1.00 52.99  ? 10  THR A N   1 
ATOM   70   C CA  . THR A 1 10  ? -11.348 -9.728  8.037   1.00 56.56  ? 10  THR A CA  1 
ATOM   71   C C   . THR A 1 10  ? -11.492 -10.138 6.589   1.00 61.71  ? 10  THR A C   1 
ATOM   72   O O   . THR A 1 10  ? -12.442 -10.827 6.222   1.00 65.51  ? 10  THR A O   1 
ATOM   73   C CB  . THR A 1 10  ? -11.311 -11.047 8.843   1.00 55.19  ? 10  THR A CB  1 
ATOM   74   O OG1 . THR A 1 10  ? -11.170 -10.765 10.239  1.00 63.05  ? 10  THR A OG1 1 
ATOM   75   C CG2 . THR A 1 10  ? -10.126 -11.902 8.383   1.00 45.50  ? 10  THR A CG2 1 
ATOM   76   N N   . ILE A 1 11  ? -10.548 -9.724  5.765   1.00 60.92  ? 11  ILE A N   1 
ATOM   77   C CA  . ILE A 1 11  ? -10.598 -10.082 4.361   1.00 55.91  ? 11  ILE A CA  1 
ATOM   78   C C   . ILE A 1 11  ? -9.392  -10.941 3.969   1.00 60.37  ? 11  ILE A C   1 
ATOM   79   O O   . ILE A 1 11  ? -8.319  -10.868 4.582   1.00 58.95  ? 11  ILE A O   1 
ATOM   80   C CB  . ILE A 1 11  ? -10.589 -8.827  3.471   1.00 50.26  ? 11  ILE A CB  1 
ATOM   81   C CG1 . ILE A 1 11  ? -9.352  -7.986  3.810   1.00 48.48  ? 11  ILE A CG1 1 
ATOM   82   C CG2 . ILE A 1 11  ? -11.876 -8.023  3.674   1.00 42.72  ? 11  ILE A CG2 1 
ATOM   83   C CD1 . ILE A 1 11  ? -8.912  -7.046  2.715   1.00 35.66  ? 11  ILE A CD1 1 
ATOM   84   N N   . ARG A 1 12  ? -9.587  -11.782 2.962   1.00 65.85  ? 12  ARG A N   1 
ATOM   85   C CA  . ARG A 1 12  ? -8.500  -12.588 2.432   1.00 64.34  ? 12  ARG A CA  1 
ATOM   86   C C   . ARG A 1 12  ? -8.413  -11.991 1.029   1.00 58.92  ? 12  ARG A C   1 
ATOM   87   O O   . ARG A 1 12  ? -9.427  -11.859 0.351   1.00 66.04  ? 12  ARG A O   1 
ATOM   88   C CB  . ARG A 1 12  ? -8.885  -14.061 2.401   1.00 72.58  ? 12  ARG A CB  1 
ATOM   89   C CG  . ARG A 1 12  ? -7.696  -14.985 2.209   1.00 86.57  ? 12  ARG A CG  1 
ATOM   90   C CD  . ARG A 1 12  ? -8.092  -16.437 2.401   1.00 94.79  ? 12  ARG A CD  1 
ATOM   91   N NE  . ARG A 1 12  ? -8.547  -16.687 3.764   1.00 96.27  ? 12  ARG A NE  1 
ATOM   92   C CZ  . ARG A 1 12  ? -9.646  -17.370 4.064   1.00 99.02  ? 12  ARG A CZ  1 
ATOM   93   N NH1 . ARG A 1 12  ? -10.400 -17.867 3.091   1.00 100.07 ? 12  ARG A NH1 1 
ATOM   94   N NH2 . ARG A 1 12  ? -9.990  -17.556 5.333   1.00 99.47  ? 12  ARG A NH2 1 
ATOM   95   N N   . TYR A 1 13  ? -7.226  -11.600 0.592   1.00 52.18  ? 13  TYR A N   1 
ATOM   96   C CA  . TYR A 1 13  ? -7.121  -10.954 -0.710  1.00 54.90  ? 13  TYR A CA  1 
ATOM   97   C C   . TYR A 1 13  ? -5.956  -11.372 -1.586  1.00 64.84  ? 13  TYR A C   1 
ATOM   98   O O   . TYR A 1 13  ? -4.962  -11.943 -1.127  1.00 64.50  ? 13  TYR A O   1 
ATOM   99   C CB  . TYR A 1 13  ? -7.008  -9.445  -0.520  1.00 59.50  ? 13  TYR A CB  1 
ATOM   100  C CG  . TYR A 1 13  ? -5.723  -9.058  0.185   1.00 67.58  ? 13  TYR A CG  1 
ATOM   101  C CD1 . TYR A 1 13  ? -5.517  -9.386  1.528   1.00 75.29  ? 13  TYR A CD1 1 
ATOM   102  C CD2 . TYR A 1 13  ? -4.678  -8.448  -0.512  1.00 71.63  ? 13  TYR A CD2 1 
ATOM   103  C CE1 . TYR A 1 13  ? -4.299  -9.129  2.158   1.00 77.47  ? 13  TYR A CE1 1 
ATOM   104  C CE2 . TYR A 1 13  ? -3.457  -8.185  0.108   1.00 74.74  ? 13  TYR A CE2 1 
ATOM   105  C CZ  . TYR A 1 13  ? -3.275  -8.533  1.441   1.00 75.43  ? 13  TYR A CZ  1 
ATOM   106  O OH  . TYR A 1 13  ? -2.055  -8.333  2.040   1.00 71.10  ? 13  TYR A OH  1 
ATOM   107  N N   . THR A 1 14  ? -6.101  -11.038 -2.861  1.00 71.78  ? 14  THR A N   1 
ATOM   108  C CA  . THR A 1 14  ? -5.083  -11.293 -3.856  1.00 72.74  ? 14  THR A CA  1 
ATOM   109  C C   . THR A 1 14  ? -4.925  -9.969  -4.557  1.00 72.56  ? 14  THR A C   1 
ATOM   110  O O   . THR A 1 14  ? -5.893  -9.413  -5.065  1.00 74.31  ? 14  THR A O   1 
ATOM   111  C CB  . THR A 1 14  ? -5.524  -12.323 -4.899  1.00 82.78  ? 14  THR A CB  1 
ATOM   112  O OG1 . THR A 1 14  ? -5.745  -13.587 -4.265  1.00 93.82  ? 14  THR A OG1 1 
ATOM   113  C CG2 . THR A 1 14  ? -4.449  -12.471 -5.969  1.00 84.81  ? 14  THR A CG2 1 
ATOM   114  N N   . LEU A 1 15  ? -3.708  -9.455  -4.569  1.00 76.04  ? 15  LEU A N   1 
ATOM   115  C CA  . LEU A 1 15  ? -3.455  -8.189  -5.223  1.00 73.81  ? 15  LEU A CA  1 
ATOM   116  C C   . LEU A 1 15  ? -2.646  -8.400  -6.498  1.00 75.65  ? 15  LEU A C   1 
ATOM   117  O O   . LEU A 1 15  ? -1.568  -9.004  -6.483  1.00 81.55  ? 15  LEU A O   1 
ATOM   118  C CB  . LEU A 1 15  ? -2.727  -7.235  -4.271  1.00 72.89  ? 15  LEU A CB  1 
ATOM   119  C CG  . LEU A 1 15  ? -2.181  -5.926  -4.854  1.00 71.11  ? 15  LEU A CG  1 
ATOM   120  C CD1 . LEU A 1 15  ? -3.240  -5.242  -5.702  1.00 73.61  ? 15  LEU A CD1 1 
ATOM   121  C CD2 . LEU A 1 15  ? -1.733  -5.013  -3.726  1.00 64.72  ? 15  LEU A CD2 1 
ATOM   122  N N   . GLN A 1 16  ? -3.191  -7.901  -7.600  1.00 70.39  ? 16  GLN A N   1 
ATOM   123  C CA  . GLN A 1 16  ? -2.550  -8.012  -8.896  1.00 64.92  ? 16  GLN A CA  1 
ATOM   124  C C   . GLN A 1 16  ? -2.488  -6.657  -9.591  1.00 66.83  ? 16  GLN A C   1 
ATOM   125  O O   . GLN A 1 16  ? -3.497  -5.967  -9.697  1.00 70.94  ? 16  GLN A O   1 
ATOM   126  C CB  . GLN A 1 16  ? -3.326  -8.993  -9.766  1.00 69.22  ? 16  GLN A CB  1 
ATOM   127  C CG  . GLN A 1 16  ? -2.963  -8.925  -11.232 1.00 83.98  ? 16  GLN A CG  1 
ATOM   128  C CD  . GLN A 1 16  ? -3.731  -9.923  -12.061 1.00 92.12  ? 16  GLN A CD  1 
ATOM   129  O OE1 . GLN A 1 16  ? -3.680  -9.893  -13.293 1.00 98.62  ? 16  GLN A OE1 1 
ATOM   130  N NE2 . GLN A 1 16  ? -4.448  -10.826 -11.392 1.00 89.02  ? 16  GLN A NE2 1 
ATOM   131  N N   . VAL A 1 17  ? -1.305  -6.267  -10.050 1.00 69.84  ? 17  VAL A N   1 
ATOM   132  C CA  . VAL A 1 17  ? -1.145  -5.003  -10.762 1.00 74.36  ? 17  VAL A CA  1 
ATOM   133  C C   . VAL A 1 17  ? -0.613  -5.275  -12.166 1.00 83.54  ? 17  VAL A C   1 
ATOM   134  O O   . VAL A 1 17  ? 0.448   -5.885  -12.345 1.00 83.41  ? 17  VAL A O   1 
ATOM   135  C CB  . VAL A 1 17  ? -0.166  -4.042  -10.046 1.00 77.21  ? 17  VAL A CB  1 
ATOM   136  C CG1 . VAL A 1 17  ? 0.183   -2.871  -10.966 1.00 74.61  ? 17  VAL A CG1 1 
ATOM   137  C CG2 . VAL A 1 17  ? -0.791  -3.521  -8.764  1.00 81.25  ? 17  VAL A CG2 1 
ATOM   138  N N   . GLU A 1 18  ? -1.368  -4.828  -13.160 1.00 91.36  ? 18  GLU A N   1 
ATOM   139  C CA  . GLU A 1 18  ? -0.974  -5.008  -14.546 1.00 98.49  ? 18  GLU A CA  1 
ATOM   140  C C   . GLU A 1 18  ? -0.488  -6.412  -14.873 1.00 96.63  ? 18  GLU A C   1 
ATOM   141  O O   . GLU A 1 18  ? 0.579   -6.583  -15.456 1.00 93.70  ? 18  GLU A O   1 
ATOM   142  C CB  . GLU A 1 18  ? 0.106   -3.992  -14.910 1.00 104.39 ? 18  GLU A CB  1 
ATOM   143  C CG  . GLU A 1 18  ? -0.417  -2.578  -15.061 1.00 107.50 ? 18  GLU A CG  1 
ATOM   144  C CD  . GLU A 1 18  ? 0.696   -1.567  -15.093 1.00 105.22 ? 18  GLU A CD  1 
ATOM   145  O OE1 . GLU A 1 18  ? 1.699   -1.833  -15.786 1.00 103.13 ? 18  GLU A OE1 1 
ATOM   146  O OE2 . GLU A 1 18  ? 0.571   -0.513  -14.431 1.00 104.00 ? 18  GLU A OE2 1 
ATOM   147  N N   . GLY A 1 19  ? -1.266  -7.415  -14.481 1.00 101.39 ? 19  GLY A N   1 
ATOM   148  C CA  . GLY A 1 19  ? -0.899  -8.784  -14.790 1.00 103.56 ? 19  GLY A CA  1 
ATOM   149  C C   . GLY A 1 19  ? -0.416  -9.702  -13.684 1.00 100.06 ? 19  GLY A C   1 
ATOM   150  O O   . GLY A 1 19  ? -1.030  -10.739 -13.427 1.00 97.87  ? 19  GLY A O   1 
ATOM   151  N N   . GLU A 1 20  ? 0.680   -9.343  -13.028 1.00 97.51  ? 20  GLU A N   1 
ATOM   152  C CA  . GLU A 1 20  ? 1.219   -10.204 -11.983 1.00 97.25  ? 20  GLU A CA  1 
ATOM   153  C C   . GLU A 1 20  ? 0.750   -9.950  -10.559 1.00 90.49  ? 20  GLU A C   1 
ATOM   154  O O   . GLU A 1 20  ? 0.331   -8.847  -10.204 1.00 90.31  ? 20  GLU A O   1 
ATOM   155  C CB  . GLU A 1 20  ? 2.745   -10.180 -12.030 1.00 99.45  ? 20  GLU A CB  1 
ATOM   156  C CG  . GLU A 1 20  ? 3.355   -8.801  -12.123 1.00 101.53 ? 20  GLU A CG  1 
ATOM   157  C CD  . GLU A 1 20  ? 4.868   -8.861  -12.178 1.00 104.43 ? 20  GLU A CD  1 
ATOM   158  O OE1 . GLU A 1 20  ? 5.502   -9.109  -11.129 1.00 100.60 ? 20  GLU A OE1 1 
ATOM   159  O OE2 . GLU A 1 20  ? 5.426   -8.676  -13.279 1.00 108.20 ? 20  GLU A OE2 1 
ATOM   160  N N   . VAL A 1 21  ? 0.838   -10.995 -9.744  1.00 83.12  ? 21  VAL A N   1 
ATOM   161  C CA  . VAL A 1 21  ? 0.428   -10.931 -8.353  1.00 76.37  ? 21  VAL A CA  1 
ATOM   162  C C   . VAL A 1 21  ? 1.572   -10.464 -7.468  1.00 85.42  ? 21  VAL A C   1 
ATOM   163  O O   . VAL A 1 21  ? 2.551   -11.185 -7.250  1.00 93.83  ? 21  VAL A O   1 
ATOM   164  C CB  . VAL A 1 21  ? -0.057  -12.303 -7.877  1.00 62.72  ? 21  VAL A CB  1 
ATOM   165  C CG1 . VAL A 1 21  ? -0.516  -12.221 -6.430  1.00 62.71  ? 21  VAL A CG1 1 
ATOM   166  C CG2 . VAL A 1 21  ? -1.188  -12.790 -8.794  1.00 47.64  ? 21  VAL A CG2 1 
ATOM   167  N N   . LEU A 1 22  ? 1.433   -9.251  -6.949  1.00 84.25  ? 22  LEU A N   1 
ATOM   168  C CA  . LEU A 1 22  ? 2.458   -8.665  -6.101  1.00 82.42  ? 22  LEU A CA  1 
ATOM   169  C C   . LEU A 1 22  ? 2.260   -8.967  -4.623  1.00 90.19  ? 22  LEU A C   1 
ATOM   170  O O   . LEU A 1 22  ? 3.229   -8.997  -3.870  1.00 95.30  ? 22  LEU A O   1 
ATOM   171  C CB  . LEU A 1 22  ? 2.485   -7.155  -6.297  1.00 74.87  ? 22  LEU A CB  1 
ATOM   172  C CG  . LEU A 1 22  ? 2.544   -6.670  -7.743  1.00 74.95  ? 22  LEU A CG  1 
ATOM   173  C CD1 . LEU A 1 22  ? 2.248   -5.181  -7.777  1.00 76.07  ? 22  LEU A CD1 1 
ATOM   174  C CD2 . LEU A 1 22  ? 3.905   -6.981  -8.348  1.00 65.95  ? 22  LEU A CD2 1 
ATOM   175  N N   . ASP A 1 23  ? 1.011   -9.178  -4.206  1.00 90.91  ? 23  ASP A N   1 
ATOM   176  C CA  . ASP A 1 23  ? 0.706   -9.459  -2.799  1.00 84.60  ? 23  ASP A CA  1 
ATOM   177  C C   . ASP A 1 23  ? -0.486  -10.403 -2.669  1.00 82.21  ? 23  ASP A C   1 
ATOM   178  O O   . ASP A 1 23  ? -1.223  -10.641 -3.630  1.00 82.28  ? 23  ASP A O   1 
ATOM   179  C CB  . ASP A 1 23  ? 0.415   -8.143  -2.052  1.00 83.61  ? 23  ASP A CB  1 
ATOM   180  C CG  . ASP A 1 23  ? 0.338   -8.313  -0.525  1.00 84.84  ? 23  ASP A CG  1 
ATOM   181  O OD1 . ASP A 1 23  ? 0.015   -7.319  0.166   1.00 78.94  ? 23  ASP A OD1 1 
ATOM   182  O OD2 . ASP A 1 23  ? 0.603   -9.421  -0.010  1.00 88.62  ? 23  ASP A OD2 1 
ATOM   183  N N   . GLN A 1 24  ? -0.648  -10.944 -1.466  1.00 80.49  ? 24  GLN A N   1 
ATOM   184  C CA  . GLN A 1 24  ? -1.731  -11.853 -1.155  1.00 81.18  ? 24  GLN A CA  1 
ATOM   185  C C   . GLN A 1 24  ? -1.667  -12.259 0.314   1.00 83.65  ? 24  GLN A C   1 
ATOM   186  O O   . GLN A 1 24  ? -0.609  -12.581 0.835   1.00 82.37  ? 24  GLN A O   1 
ATOM   187  C CB  . GLN A 1 24  ? -1.657  -13.083 -2.047  1.00 80.93  ? 24  GLN A CB  1 
ATOM   188  C CG  . GLN A 1 24  ? -2.698  -14.106 -1.697  1.00 95.16  ? 24  GLN A CG  1 
ATOM   189  C CD  . GLN A 1 24  ? -2.873  -15.125 -2.787  1.00 110.07 ? 24  GLN A CD  1 
ATOM   190  O OE1 . GLN A 1 24  ? -1.897  -15.620 -3.349  1.00 113.21 ? 24  GLN A OE1 1 
ATOM   191  N NE2 . GLN A 1 24  ? -4.122  -15.453 -3.093  1.00 112.92 ? 24  GLN A NE2 1 
ATOM   192  N N   . GLY A 1 25  ? -2.805  -12.234 0.989   1.00 86.71  ? 25  GLY A N   1 
ATOM   193  C CA  . GLY A 1 25  ? -2.805  -12.601 2.384   1.00 85.68  ? 25  GLY A CA  1 
ATOM   194  C C   . GLY A 1 25  ? -4.156  -12.398 3.020   1.00 77.98  ? 25  GLY A C   1 
ATOM   195  O O   . GLY A 1 25  ? -5.172  -12.292 2.335   1.00 72.97  ? 25  GLY A O   1 
ATOM   196  N N   . GLU A 1 26  ? -4.154  -12.332 4.343   1.00 70.95  ? 26  GLU A N   1 
ATOM   197  C CA  . GLU A 1 26  ? -5.372  -12.159 5.115   1.00 69.92  ? 26  GLU A CA  1 
ATOM   198  C C   . GLU A 1 26  ? -5.151  -11.142 6.223   1.00 70.72  ? 26  GLU A C   1 
ATOM   199  O O   . GLU A 1 26  ? -4.164  -11.220 6.956   1.00 74.64  ? 26  GLU A O   1 
ATOM   200  C CB  . GLU A 1 26  ? -5.784  -13.503 5.706   1.00 70.45  ? 26  GLU A CB  1 
ATOM   201  C CG  . GLU A 1 26  ? -6.685  -13.420 6.903   1.00 75.62  ? 26  GLU A CG  1 
ATOM   202  C CD  . GLU A 1 26  ? -7.642  -14.589 6.949   1.00 84.66  ? 26  GLU A CD  1 
ATOM   203  O OE1 . GLU A 1 26  ? -8.155  -14.907 8.044   1.00 87.50  ? 26  GLU A OE1 1 
ATOM   204  O OE2 . GLU A 1 26  ? -7.889  -15.183 5.876   1.00 85.90  ? 26  GLU A OE2 1 
ATOM   205  N N   . LEU A 1 27  ? -6.076  -10.194 6.353   1.00 61.95  ? 27  LEU A N   1 
ATOM   206  C CA  . LEU A 1 27  ? -5.947  -9.161  7.368   1.00 51.81  ? 27  LEU A CA  1 
ATOM   207  C C   . LEU A 1 27  ? -7.273  -8.755  7.990   1.00 62.75  ? 27  LEU A C   1 
ATOM   208  O O   . LEU A 1 27  ? -8.352  -9.078  7.475   1.00 68.21  ? 27  LEU A O   1 
ATOM   209  C CB  . LEU A 1 27  ? -5.284  -7.918  6.760   1.00 48.04  ? 27  LEU A CB  1 
ATOM   210  C CG  . LEU A 1 27  ? -6.119  -7.048  5.792   1.00 53.63  ? 27  LEU A CG  1 
ATOM   211  C CD1 . LEU A 1 27  ? -7.045  -6.100  6.576   1.00 51.38  ? 27  LEU A CD1 1 
ATOM   212  C CD2 . LEU A 1 27  ? -5.179  -6.231  4.904   1.00 50.19  ? 27  LEU A CD2 1 
ATOM   213  N N   . SER A 1 28  ? -7.165  -8.044  9.111   1.00 61.96  ? 28  SER A N   1 
ATOM   214  C CA  . SER A 1 28  ? -8.320  -7.509  9.825   1.00 57.46  ? 28  SER A CA  1 
ATOM   215  C C   . SER A 1 28  ? -8.161  -6.000  9.878   1.00 53.92  ? 28  SER A C   1 
ATOM   216  O O   . SER A 1 28  ? -7.034  -5.480  9.989   1.00 53.80  ? 28  SER A O   1 
ATOM   217  C CB  . SER A 1 28  ? -8.411  -8.075  11.241  1.00 57.48  ? 28  SER A CB  1 
ATOM   218  O OG  . SER A 1 28  ? -9.096  -9.318  11.229  1.00 60.11  ? 28  SER A OG  1 
ATOM   219  N N   . TYR A 1 29  ? -9.284  -5.294  9.776   1.00 45.92  ? 29  TYR A N   1 
ATOM   220  C CA  . TYR A 1 29  ? -9.227  -3.842  9.801   1.00 44.76  ? 29  TYR A CA  1 
ATOM   221  C C   . TYR A 1 29  ? -10.518 -3.223  10.341  1.00 43.22  ? 29  TYR A C   1 
ATOM   222  O O   . TYR A 1 29  ? -11.604 -3.804  10.223  1.00 43.08  ? 29  TYR A O   1 
ATOM   223  C CB  . TYR A 1 29  ? -8.905  -3.316  8.385   1.00 56.79  ? 29  TYR A CB  1 
ATOM   224  C CG  . TYR A 1 29  ? -10.104 -3.213  7.463   1.00 54.38  ? 29  TYR A CG  1 
ATOM   225  C CD1 . TYR A 1 29  ? -10.839 -2.027  7.386   1.00 54.29  ? 29  TYR A CD1 1 
ATOM   226  C CD2 . TYR A 1 29  ? -10.549 -4.316  6.718   1.00 48.60  ? 29  TYR A CD2 1 
ATOM   227  C CE1 . TYR A 1 29  ? -11.987 -1.932  6.603   1.00 55.35  ? 29  TYR A CE1 1 
ATOM   228  C CE2 . TYR A 1 29  ? -11.714 -4.231  5.922   1.00 45.34  ? 29  TYR A CE2 1 
ATOM   229  C CZ  . TYR A 1 29  ? -12.425 -3.027  5.876   1.00 52.36  ? 29  TYR A CZ  1 
ATOM   230  O OH  . TYR A 1 29  ? -13.569 -2.889  5.107   1.00 50.65  ? 29  TYR A OH  1 
ATOM   231  N N   . LEU A 1 30  ? -10.373 -2.057  10.964  1.00 39.97  ? 30  LEU A N   1 
ATOM   232  C CA  . LEU A 1 30  ? -11.505 -1.326  11.504  1.00 44.46  ? 30  LEU A CA  1 
ATOM   233  C C   . LEU A 1 30  ? -12.073 -0.487  10.347  1.00 44.87  ? 30  LEU A C   1 
ATOM   234  O O   . LEU A 1 30  ? -11.404 0.400   9.814   1.00 48.62  ? 30  LEU A O   1 
ATOM   235  C CB  . LEU A 1 30  ? -11.043 -0.445  12.675  1.00 38.00  ? 30  LEU A CB  1 
ATOM   236  C CG  . LEU A 1 30  ? -12.075 0.473   13.359  1.00 37.46  ? 30  LEU A CG  1 
ATOM   237  C CD1 . LEU A 1 30  ? -13.251 -0.346  13.881  1.00 38.18  ? 30  LEU A CD1 1 
ATOM   238  C CD2 . LEU A 1 30  ? -11.394 1.249   14.509  1.00 38.71  ? 30  LEU A CD2 1 
ATOM   239  N N   . HIS A 1 31  ? -13.303 -0.785  9.947   1.00 47.49  ? 31  HIS A N   1 
ATOM   240  C CA  . HIS A 1 31  ? -13.920 -0.083  8.834   1.00 45.78  ? 31  HIS A CA  1 
ATOM   241  C C   . HIS A 1 31  ? -14.412 1.328   9.180   1.00 42.48  ? 31  HIS A C   1 
ATOM   242  O O   . HIS A 1 31  ? -15.150 1.514   10.146  1.00 38.25  ? 31  HIS A O   1 
ATOM   243  C CB  . HIS A 1 31  ? -15.083 -0.920  8.293   1.00 47.56  ? 31  HIS A CB  1 
ATOM   244  C CG  . HIS A 1 31  ? -15.558 -0.487  6.940   1.00 50.05  ? 31  HIS A CG  1 
ATOM   245  N ND1 . HIS A 1 31  ? -15.099 -1.053  5.767   1.00 40.16  ? 31  HIS A ND1 1 
ATOM   246  C CD2 . HIS A 1 31  ? -16.422 0.490   6.572   1.00 48.73  ? 31  HIS A CD2 1 
ATOM   247  C CE1 . HIS A 1 31  ? -15.660 -0.442  4.738   1.00 49.88  ? 31  HIS A CE1 1 
ATOM   248  N NE2 . HIS A 1 31  ? -16.465 0.499   5.199   1.00 50.79  ? 31  HIS A NE2 1 
ATOM   249  N N   . GLY A 1 32  ? -13.983 2.308   8.382   1.00 44.68  ? 32  GLY A N   1 
ATOM   250  C CA  . GLY A 1 32  ? -14.382 3.698   8.563   1.00 45.85  ? 32  GLY A CA  1 
ATOM   251  C C   . GLY A 1 32  ? -13.357 4.606   9.223   1.00 53.06  ? 32  GLY A C   1 
ATOM   252  O O   . GLY A 1 32  ? -13.594 5.809   9.430   1.00 53.55  ? 32  GLY A O   1 
ATOM   253  N N   . HIS A 1 33  ? -12.190 4.049   9.517   1.00 52.78  ? 33  HIS A N   1 
ATOM   254  C CA  . HIS A 1 33  ? -11.164 4.813   10.202  1.00 58.43  ? 33  HIS A CA  1 
ATOM   255  C C   . HIS A 1 33  ? -9.888  5.025   9.407   1.00 61.27  ? 33  HIS A C   1 
ATOM   256  O O   . HIS A 1 33  ? -8.824  5.249   9.975   1.00 63.18  ? 33  HIS A O   1 
ATOM   257  C CB  . HIS A 1 33  ? -10.870 4.135   11.541  1.00 53.65  ? 33  HIS A CB  1 
ATOM   258  C CG  . HIS A 1 33  ? -12.089 3.962   12.397  1.00 44.60  ? 33  HIS A CG  1 
ATOM   259  N ND1 . HIS A 1 33  ? -12.264 4.628   13.591  1.00 44.42  ? 33  HIS A ND1 1 
ATOM   260  C CD2 . HIS A 1 33  ? -13.203 3.214   12.221  1.00 49.91  ? 33  HIS A CD2 1 
ATOM   261  C CE1 . HIS A 1 33  ? -13.431 4.295   14.115  1.00 43.50  ? 33  HIS A CE1 1 
ATOM   262  N NE2 . HIS A 1 33  ? -14.020 3.437   13.304  1.00 48.30  ? 33  HIS A NE2 1 
ATOM   263  N N   . ARG A 1 34  ? -10.011 4.965   8.086   1.00 58.21  ? 34  ARG A N   1 
ATOM   264  C CA  . ARG A 1 34  ? -8.877  5.177   7.194   1.00 52.87  ? 34  ARG A CA  1 
ATOM   265  C C   . ARG A 1 34  ? -7.735  4.180   7.422   1.00 56.98  ? 34  ARG A C   1 
ATOM   266  O O   . ARG A 1 34  ? -6.552  4.548   7.433   1.00 55.85  ? 34  ARG A O   1 
ATOM   267  C CB  . ARG A 1 34  ? -8.359  6.611   7.352   1.00 43.13  ? 34  ARG A CB  1 
ATOM   268  C CG  . ARG A 1 34  ? -9.384  7.683   7.015   1.00 50.43  ? 34  ARG A CG  1 
ATOM   269  C CD  . ARG A 1 34  ? -8.737  9.055   6.866   1.00 48.03  ? 34  ARG A CD  1 
ATOM   270  N NE  . ARG A 1 34  ? -7.881  9.369   8.002   1.00 49.46  ? 34  ARG A NE  1 
ATOM   271  C CZ  . ARG A 1 34  ? -7.146  10.468  8.086   1.00 52.21  ? 34  ARG A CZ  1 
ATOM   272  N NH1 . ARG A 1 34  ? -7.176  11.348  7.097   1.00 42.86  ? 34  ARG A NH1 1 
ATOM   273  N NH2 . ARG A 1 34  ? -6.374  10.681  9.145   1.00 54.17  ? 34  ARG A NH2 1 
ATOM   274  N N   . ASN A 1 35  ? -8.101  2.915   7.607   1.00 51.50  ? 35  ASN A N   1 
ATOM   275  C CA  . ASN A 1 35  ? -7.121  1.869   7.830   1.00 49.85  ? 35  ASN A CA  1 
ATOM   276  C C   . ASN A 1 35  ? -6.772  1.157   6.529   1.00 54.11  ? 35  ASN A C   1 
ATOM   277  O O   . ASN A 1 35  ? -5.825  0.378   6.480   1.00 53.59  ? 35  ASN A O   1 
ATOM   278  C CB  . ASN A 1 35  ? -7.647  0.859   8.847   1.00 48.14  ? 35  ASN A CB  1 
ATOM   279  C CG  . ASN A 1 35  ? -7.844  1.471   10.204  1.00 53.40  ? 35  ASN A CG  1 
ATOM   280  O OD1 . ASN A 1 35  ? -7.040  2.290   10.652  1.00 54.31  ? 35  ASN A OD1 1 
ATOM   281  N ND2 . ASN A 1 35  ? -8.910  1.077   10.877  1.00 57.47  ? 35  ASN A ND2 1 
ATOM   282  N N   . LEU A 1 36  ? -7.545  1.433   5.482   1.00 55.60  ? 36  LEU A N   1 
ATOM   283  C CA  . LEU A 1 36  ? -7.348  0.837   4.163   1.00 52.69  ? 36  LEU A CA  1 
ATOM   284  C C   . LEU A 1 36  ? -7.299  1.919   3.117   1.00 55.71  ? 36  LEU A C   1 
ATOM   285  O O   . LEU A 1 36  ? -7.674  3.057   3.381   1.00 63.19  ? 36  LEU A O   1 
ATOM   286  C CB  . LEU A 1 36  ? -8.513  -0.078  3.787   1.00 55.15  ? 36  LEU A CB  1 
ATOM   287  C CG  . LEU A 1 36  ? -8.527  -1.557  4.131   1.00 54.33  ? 36  LEU A CG  1 
ATOM   288  C CD1 . LEU A 1 36  ? -9.635  -2.208  3.321   1.00 46.32  ? 36  LEU A CD1 1 
ATOM   289  C CD2 . LEU A 1 36  ? -7.190  -2.190  3.795   1.00 59.64  ? 36  LEU A CD2 1 
ATOM   290  N N   . ILE A 1 37  ? -6.860  1.565   1.916   1.00 55.01  ? 37  ILE A N   1 
ATOM   291  C CA  . ILE A 1 37  ? -6.834  2.552   0.857   1.00 54.81  ? 37  ILE A CA  1 
ATOM   292  C C   . ILE A 1 37  ? -8.294  2.786   0.478   1.00 56.69  ? 37  ILE A C   1 
ATOM   293  O O   . ILE A 1 37  ? -9.071  1.847   0.271   1.00 64.75  ? 37  ILE A O   1 
ATOM   294  C CB  . ILE A 1 37  ? -6.030  2.085   -0.367  1.00 57.38  ? 37  ILE A CB  1 
ATOM   295  C CG1 . ILE A 1 37  ? -6.379  0.644   -0.709  1.00 59.30  ? 37  ILE A CG1 1 
ATOM   296  C CG2 . ILE A 1 37  ? -4.541  2.248   -0.099  1.00 51.93  ? 37  ILE A CG2 1 
ATOM   297  C CD1 . ILE A 1 37  ? -5.768  0.208   -1.991  1.00 64.46  ? 37  ILE A CD1 1 
ATOM   298  N N   . PRO A 1 38  ? -8.676  4.059   0.381   1.00 47.49  ? 38  PRO A N   1 
ATOM   299  C CA  . PRO A 1 38  ? -10.018 4.546   0.051   1.00 38.45  ? 38  PRO A CA  1 
ATOM   300  C C   . PRO A 1 38  ? -10.747 3.658   -0.938  1.00 45.58  ? 38  PRO A C   1 
ATOM   301  O O   . PRO A 1 38  ? -11.843 3.164   -0.658  1.00 52.02  ? 38  PRO A O   1 
ATOM   302  C CB  . PRO A 1 38  ? -9.751  5.940   -0.507  1.00 36.12  ? 38  PRO A CB  1 
ATOM   303  C CG  . PRO A 1 38  ? -8.488  6.378   0.217   1.00 36.52  ? 38  PRO A CG  1 
ATOM   304  C CD  . PRO A 1 38  ? -7.658  5.108   0.168   1.00 39.63  ? 38  PRO A CD  1 
ATOM   305  N N   . GLY A 1 39  ? -10.127 3.459   -2.099  1.00 51.25  ? 39  GLY A N   1 
ATOM   306  C CA  . GLY A 1 39  ? -10.737 2.640   -3.130  1.00 51.60  ? 39  GLY A CA  1 
ATOM   307  C C   . GLY A 1 39  ? -11.233 1.352   -2.528  1.00 49.32  ? 39  GLY A C   1 
ATOM   308  O O   . GLY A 1 39  ? -12.404 1.003   -2.631  1.00 48.19  ? 39  GLY A O   1 
ATOM   309  N N   . LEU A 1 40  ? -10.326 0.658   -1.856  1.00 52.14  ? 40  LEU A N   1 
ATOM   310  C CA  . LEU A 1 40  ? -10.633 -0.611  -1.232  1.00 53.63  ? 40  LEU A CA  1 
ATOM   311  C C   . LEU A 1 40  ? -11.786 -0.589  -0.252  1.00 50.11  ? 40  LEU A C   1 
ATOM   312  O O   . LEU A 1 40  ? -12.587 -1.522  -0.224  1.00 50.35  ? 40  LEU A O   1 
ATOM   313  C CB  . LEU A 1 40  ? -9.402  -1.150  -0.524  1.00 54.04  ? 40  LEU A CB  1 
ATOM   314  C CG  . LEU A 1 40  ? -9.066  -2.565  -0.975  1.00 50.71  ? 40  LEU A CG  1 
ATOM   315  C CD1 . LEU A 1 40  ? -7.943  -3.091  -0.104  1.00 50.74  ? 40  LEU A CD1 1 
ATOM   316  C CD2 . LEU A 1 40  ? -10.285 -3.446  -0.894  1.00 40.33  ? 40  LEU A CD2 1 
ATOM   317  N N   . GLU A 1 41  ? -11.856 0.449   0.573   1.00 48.17  ? 41  GLU A N   1 
ATOM   318  C CA  . GLU A 1 41  ? -12.937 0.527   1.536   1.00 55.36  ? 41  GLU A CA  1 
ATOM   319  C C   . GLU A 1 41  ? -14.274 0.688   0.842   1.00 61.85  ? 41  GLU A C   1 
ATOM   320  O O   . GLU A 1 41  ? -15.248 0.025   1.202   1.00 68.56  ? 41  GLU A O   1 
ATOM   321  C CB  . GLU A 1 41  ? -12.742 1.694   2.495   1.00 55.12  ? 41  GLU A CB  1 
ATOM   322  C CG  . GLU A 1 41  ? -11.876 1.379   3.698   1.00 64.20  ? 41  GLU A CG  1 
ATOM   323  C CD  . GLU A 1 41  ? -12.178 2.278   4.897   1.00 67.00  ? 41  GLU A CD  1 
ATOM   324  O OE1 . GLU A 1 41  ? -11.937 3.507   4.824   1.00 67.18  ? 41  GLU A OE1 1 
ATOM   325  O OE2 . GLU A 1 41  ? -12.661 1.751   5.922   1.00 64.38  ? 41  GLU A OE2 1 
ATOM   326  N N   . GLU A 1 42  ? -14.319 1.570   -0.151  1.00 61.05  ? 42  GLU A N   1 
ATOM   327  C CA  . GLU A 1 42  ? -15.556 1.832   -0.879  1.00 60.19  ? 42  GLU A CA  1 
ATOM   328  C C   . GLU A 1 42  ? -16.124 0.554   -1.447  1.00 60.44  ? 42  GLU A C   1 
ATOM   329  O O   . GLU A 1 42  ? -17.340 0.348   -1.449  1.00 61.07  ? 42  GLU A O   1 
ATOM   330  C CB  . GLU A 1 42  ? -15.315 2.817   -2.021  1.00 51.00  ? 42  GLU A CB  1 
ATOM   331  C CG  . GLU A 1 42  ? -14.806 4.177   -1.574  1.00 58.52  ? 42  GLU A CG  1 
ATOM   332  C CD  . GLU A 1 42  ? -14.511 5.102   -2.745  1.00 74.83  ? 42  GLU A CD  1 
ATOM   333  O OE1 . GLU A 1 42  ? -13.986 6.218   -2.504  1.00 71.09  ? 42  GLU A OE1 1 
ATOM   334  O OE2 . GLU A 1 42  ? -14.803 4.710   -3.902  1.00 74.55  ? 42  GLU A OE2 1 
ATOM   335  N N   . ALA A 1 43  ? -15.241 -0.317  -1.918  1.00 54.24  ? 43  ALA A N   1 
ATOM   336  C CA  . ALA A 1 43  ? -15.668 -1.572  -2.516  1.00 54.32  ? 43  ALA A CA  1 
ATOM   337  C C   . ALA A 1 43  ? -16.182 -2.557  -1.495  1.00 59.59  ? 43  ALA A C   1 
ATOM   338  O O   . ALA A 1 43  ? -17.046 -3.375  -1.792  1.00 70.41  ? 43  ALA A O   1 
ATOM   339  C CB  . ALA A 1 43  ? -14.525 -2.185  -3.293  1.00 53.66  ? 43  ALA A CB  1 
ATOM   340  N N   . LEU A 1 44  ? -15.640 -2.487  -0.287  1.00 56.70  ? 44  LEU A N   1 
ATOM   341  C CA  . LEU A 1 44  ? -16.041 -3.391  0.785   1.00 51.17  ? 44  LEU A CA  1 
ATOM   342  C C   . LEU A 1 44  ? -17.323 -2.929  1.470   1.00 48.17  ? 44  LEU A C   1 
ATOM   343  O O   . LEU A 1 44  ? -18.123 -3.745  1.949   1.00 52.57  ? 44  LEU A O   1 
ATOM   344  C CB  . LEU A 1 44  ? -14.901 -3.512  1.801   1.00 46.18  ? 44  LEU A CB  1 
ATOM   345  C CG  . LEU A 1 44  ? -13.779 -4.456  1.361   1.00 43.59  ? 44  LEU A CG  1 
ATOM   346  C CD1 . LEU A 1 44  ? -12.441 -4.073  2.000   1.00 39.14  ? 44  LEU A CD1 1 
ATOM   347  C CD2 . LEU A 1 44  ? -14.193 -5.869  1.736   1.00 40.43  ? 44  LEU A CD2 1 
ATOM   348  N N   . GLU A 1 45  ? -17.514 -1.613  1.502   1.00 40.14  ? 45  GLU A N   1 
ATOM   349  C CA  . GLU A 1 45  ? -18.694 -1.018  2.115   1.00 44.83  ? 45  GLU A CA  1 
ATOM   350  C C   . GLU A 1 45  ? -19.967 -1.727  1.652   1.00 52.74  ? 45  GLU A C   1 
ATOM   351  O O   . GLU A 1 45  ? -20.216 -1.821  0.455   1.00 52.25  ? 45  GLU A O   1 
ATOM   352  C CB  . GLU A 1 45  ? -18.783 0.459   1.744   1.00 45.29  ? 45  GLU A CB  1 
ATOM   353  C CG  . GLU A 1 45  ? -19.915 1.181   2.449   1.00 54.27  ? 45  GLU A CG  1 
ATOM   354  C CD  . GLU A 1 45  ? -19.613 1.474   3.906   1.00 66.11  ? 45  GLU A CD  1 
ATOM   355  O OE1 . GLU A 1 45  ? -20.570 1.467   4.711   1.00 68.65  ? 45  GLU A OE1 1 
ATOM   356  O OE2 . GLU A 1 45  ? -18.432 1.723   4.246   1.00 61.20  ? 45  GLU A OE2 1 
ATOM   357  N N   . GLY A 1 46  ? -20.757 -2.238  2.592   1.00 49.60  ? 46  GLY A N   1 
ATOM   358  C CA  . GLY A 1 46  ? -21.982 -2.918  2.216   1.00 55.17  ? 46  GLY A CA  1 
ATOM   359  C C   . GLY A 1 46  ? -21.857 -4.413  1.966   1.00 65.94  ? 46  GLY A C   1 
ATOM   360  O O   . GLY A 1 46  ? -22.840 -5.141  2.094   1.00 74.21  ? 46  GLY A O   1 
ATOM   361  N N   . ARG A 1 47  ? -20.662 -4.884  1.621   1.00 61.21  ? 47  ARG A N   1 
ATOM   362  C CA  . ARG A 1 47  ? -20.471 -6.304  1.356   1.00 61.55  ? 47  ARG A CA  1 
ATOM   363  C C   . ARG A 1 47  ? -20.943 -7.200  2.506   1.00 66.71  ? 47  ARG A C   1 
ATOM   364  O O   . ARG A 1 47  ? -20.789 -6.867  3.681   1.00 60.50  ? 47  ARG A O   1 
ATOM   365  C CB  . ARG A 1 47  ? -18.995 -6.595  1.037   1.00 61.92  ? 47  ARG A CB  1 
ATOM   366  C CG  . ARG A 1 47  ? -18.470 -5.904  -0.225  1.00 65.76  ? 47  ARG A CG  1 
ATOM   367  C CD  . ARG A 1 47  ? -19.115 -6.445  -1.506  1.00 61.49  ? 47  ARG A CD  1 
ATOM   368  N NE  . ARG A 1 47  ? -18.714 -5.676  -2.686  1.00 59.88  ? 47  ARG A NE  1 
ATOM   369  C CZ  . ARG A 1 47  ? -18.939 -6.047  -3.949  1.00 66.01  ? 47  ARG A CZ  1 
ATOM   370  N NH1 . ARG A 1 47  ? -19.566 -7.187  -4.218  1.00 67.86  ? 47  ARG A NH1 1 
ATOM   371  N NH2 . ARG A 1 47  ? -18.534 -5.275  -4.951  1.00 59.98  ? 47  ARG A NH2 1 
ATOM   372  N N   . GLU A 1 48  ? -21.528 -8.340  2.142   1.00 74.28  ? 48  GLU A N   1 
ATOM   373  C CA  . GLU A 1 48  ? -22.027 -9.333  3.089   1.00 77.19  ? 48  GLU A CA  1 
ATOM   374  C C   . GLU A 1 48  ? -20.887 -10.199 3.602   1.00 79.56  ? 48  GLU A C   1 
ATOM   375  O O   . GLU A 1 48  ? -19.883 -10.371 2.920   1.00 88.35  ? 48  GLU A O   1 
ATOM   376  C CB  . GLU A 1 48  ? -23.056 -10.230 2.398   1.00 81.70  ? 48  GLU A CB  1 
ATOM   377  C CG  . GLU A 1 48  ? -24.424 -9.625  2.330   1.00 90.81  ? 48  GLU A CG  1 
ATOM   378  C CD  . GLU A 1 48  ? -25.042 -9.521  3.705   1.00 100.35 ? 48  GLU A CD  1 
ATOM   379  O OE1 . GLU A 1 48  ? -26.063 -8.814  3.850   1.00 101.95 ? 48  GLU A OE1 1 
ATOM   380  O OE2 . GLU A 1 48  ? -24.503 -10.157 4.638   1.00 102.18 ? 48  GLU A OE2 1 
ATOM   381  N N   . GLU A 1 49  ? -21.035 -10.749 4.801   1.00 73.56  ? 49  GLU A N   1 
ATOM   382  C CA  . GLU A 1 49  ? -19.995 -11.612 5.340   1.00 65.03  ? 49  GLU A CA  1 
ATOM   383  C C   . GLU A 1 49  ? -19.976 -12.867 4.479   1.00 63.30  ? 49  GLU A C   1 
ATOM   384  O O   . GLU A 1 49  ? -20.980 -13.571 4.376   1.00 66.54  ? 49  GLU A O   1 
ATOM   385  C CB  . GLU A 1 49  ? -20.285 -11.970 6.799   1.00 67.78  ? 49  GLU A CB  1 
ATOM   386  C CG  . GLU A 1 49  ? -19.253 -12.915 7.390   1.00 75.45  ? 49  GLU A CG  1 
ATOM   387  C CD  . GLU A 1 49  ? -19.300 -12.988 8.908   1.00 77.59  ? 49  GLU A CD  1 
ATOM   388  O OE1 . GLU A 1 49  ? -18.588 -13.847 9.471   1.00 83.31  ? 49  GLU A OE1 1 
ATOM   389  O OE2 . GLU A 1 49  ? -20.032 -12.193 9.540   1.00 72.46  ? 49  GLU A OE2 1 
ATOM   390  N N   . GLY A 1 50  ? -18.836 -13.129 3.848   1.00 62.04  ? 50  GLY A N   1 
ATOM   391  C CA  . GLY A 1 50  ? -18.709 -14.286 2.977   1.00 57.07  ? 50  GLY A CA  1 
ATOM   392  C C   . GLY A 1 50  ? -18.663 -13.899 1.501   1.00 61.05  ? 50  GLY A C   1 
ATOM   393  O O   . GLY A 1 50  ? -18.080 -14.610 0.679   1.00 59.47  ? 50  GLY A O   1 
ATOM   394  N N   . GLU A 1 51  ? -19.271 -12.768 1.156   1.00 64.01  ? 51  GLU A N   1 
ATOM   395  C CA  . GLU A 1 51  ? -19.297 -12.301 -0.227  1.00 64.89  ? 51  GLU A CA  1 
ATOM   396  C C   . GLU A 1 51  ? -17.888 -12.131 -0.809  1.00 69.25  ? 51  GLU A C   1 
ATOM   397  O O   . GLU A 1 51  ? -16.992 -11.624 -0.141  1.00 73.35  ? 51  GLU A O   1 
ATOM   398  C CB  . GLU A 1 51  ? -20.060 -10.976 -0.314  1.00 56.94  ? 51  GLU A CB  1 
ATOM   399  C CG  . GLU A 1 51  ? -20.210 -10.447 -1.720  1.00 65.15  ? 51  GLU A CG  1 
ATOM   400  C CD  . GLU A 1 51  ? -21.206 -9.309  -1.798  1.00 76.91  ? 51  GLU A CD  1 
ATOM   401  O OE1 . GLU A 1 51  ? -22.261 -9.401  -1.134  1.00 86.93  ? 51  GLU A OE1 1 
ATOM   402  O OE2 . GLU A 1 51  ? -20.945 -8.333  -2.529  1.00 72.75  ? 51  GLU A OE2 1 
ATOM   403  N N   . ALA A 1 52  ? -17.697 -12.577 -2.050  1.00 70.89  ? 52  ALA A N   1 
ATOM   404  C CA  . ALA A 1 52  ? -16.407 -12.455 -2.734  1.00 70.69  ? 52  ALA A CA  1 
ATOM   405  C C   . ALA A 1 52  ? -16.637 -11.634 -3.986  1.00 70.50  ? 52  ALA A C   1 
ATOM   406  O O   . ALA A 1 52  ? -17.712 -11.677 -4.579  1.00 70.80  ? 52  ALA A O   1 
ATOM   407  C CB  . ALA A 1 52  ? -15.838 -13.823 -3.095  1.00 49.34  ? 52  ALA A CB  1 
ATOM   408  N N   . PHE A 1 53  ? -15.621 -10.893 -4.400  1.00 66.93  ? 53  PHE A N   1 
ATOM   409  C CA  . PHE A 1 53  ? -15.771 -10.028 -5.547  1.00 61.98  ? 53  PHE A CA  1 
ATOM   410  C C   . PHE A 1 53  ? -14.427 -9.492  -5.984  1.00 61.46  ? 53  PHE A C   1 
ATOM   411  O O   . PHE A 1 53  ? -13.412 -9.723  -5.333  1.00 62.19  ? 53  PHE A O   1 
ATOM   412  C CB  . PHE A 1 53  ? -16.681 -8.860  -5.164  1.00 60.95  ? 53  PHE A CB  1 
ATOM   413  C CG  . PHE A 1 53  ? -16.128 -8.005  -4.046  1.00 49.71  ? 53  PHE A CG  1 
ATOM   414  C CD1 . PHE A 1 53  ? -15.314 -6.912  -4.325  1.00 53.16  ? 53  PHE A CD1 1 
ATOM   415  C CD2 . PHE A 1 53  ? -16.383 -8.324  -2.716  1.00 55.38  ? 53  PHE A CD2 1 
ATOM   416  C CE1 . PHE A 1 53  ? -14.761 -6.146  -3.297  1.00 56.99  ? 53  PHE A CE1 1 
ATOM   417  C CE2 . PHE A 1 53  ? -15.839 -7.573  -1.677  1.00 59.58  ? 53  PHE A CE2 1 
ATOM   418  C CZ  . PHE A 1 53  ? -15.022 -6.479  -1.968  1.00 60.82  ? 53  PHE A CZ  1 
ATOM   419  N N   . GLN A 1 54  ? -14.438 -8.749  -7.081  1.00 59.51  ? 54  GLN A N   1 
ATOM   420  C CA  . GLN A 1 54  ? -13.223 -8.166  -7.606  1.00 65.45  ? 54  GLN A CA  1 
ATOM   421  C C   . GLN A 1 54  ? -13.397 -6.664  -7.583  1.00 65.56  ? 54  GLN A C   1 
ATOM   422  O O   . GLN A 1 54  ? -14.529 -6.178  -7.499  1.00 72.25  ? 54  GLN A O   1 
ATOM   423  C CB  . GLN A 1 54  ? -12.972 -8.669  -9.028  1.00 75.74  ? 54  GLN A CB  1 
ATOM   424  C CG  . GLN A 1 54  ? -12.801 -10.180 -9.095  1.00 89.46  ? 54  GLN A CG  1 
ATOM   425  C CD  . GLN A 1 54  ? -12.457 -10.695 -10.480 1.00 105.09 ? 54  GLN A CD  1 
ATOM   426  O OE1 . GLN A 1 54  ? -13.221 -10.520 -11.432 1.00 108.59 ? 54  GLN A OE1 1 
ATOM   427  N NE2 . GLN A 1 54  ? -11.301 -11.343 -10.598 1.00 109.29 ? 54  GLN A NE2 1 
ATOM   428  N N   . ALA A 1 55  ? -12.285 -5.933  -7.647  1.00 60.15  ? 55  ALA A N   1 
ATOM   429  C CA  . ALA A 1 55  ? -12.327 -4.472  -7.613  1.00 59.19  ? 55  ALA A CA  1 
ATOM   430  C C   . ALA A 1 55  ? -11.186 -3.801  -8.365  1.00 58.52  ? 55  ALA A C   1 
ATOM   431  O O   . ALA A 1 55  ? -10.029 -4.203  -8.233  1.00 63.42  ? 55  ALA A O   1 
ATOM   432  C CB  . ALA A 1 55  ? -12.319 -3.992  -6.152  1.00 51.79  ? 55  ALA A CB  1 
ATOM   433  N N   . HIS A 1 56  ? -11.504 -2.778  -9.152  1.00 51.33  ? 56  HIS A N   1 
ATOM   434  C CA  . HIS A 1 56  ? -10.458 -2.055  -9.861  1.00 56.31  ? 56  HIS A CA  1 
ATOM   435  C C   . HIS A 1 56  ? -10.265 -0.760  -9.107  1.00 53.42  ? 56  HIS A C   1 
ATOM   436  O O   . HIS A 1 56  ? -11.188 0.052   -9.009  1.00 60.53  ? 56  HIS A O   1 
ATOM   437  C CB  . HIS A 1 56  ? -10.840 -1.722  -11.311 1.00 63.75  ? 56  HIS A CB  1 
ATOM   438  C CG  . HIS A 1 56  ? -9.750  -1.017  -12.070 1.00 69.25  ? 56  HIS A CG  1 
ATOM   439  N ND1 . HIS A 1 56  ? -8.671  -1.682  -12.618 1.00 72.88  ? 56  HIS A ND1 1 
ATOM   440  C CD2 . HIS A 1 56  ? -9.549  0.297   -12.328 1.00 63.24  ? 56  HIS A CD2 1 
ATOM   441  C CE1 . HIS A 1 56  ? -7.854  -0.809  -13.179 1.00 66.93  ? 56  HIS A CE1 1 
ATOM   442  N NE2 . HIS A 1 56  ? -8.363  0.399   -13.017 1.00 68.07  ? 56  HIS A NE2 1 
ATOM   443  N N   . VAL A 1 57  ? -9.068  -0.565  -8.573  1.00 48.45  ? 57  VAL A N   1 
ATOM   444  C CA  . VAL A 1 57  ? -8.789  0.650   -7.831  1.00 49.54  ? 57  VAL A CA  1 
ATOM   445  C C   . VAL A 1 57  ? -7.780  1.516   -8.574  1.00 55.85  ? 57  VAL A C   1 
ATOM   446  O O   . VAL A 1 57  ? -6.634  1.112   -8.777  1.00 54.98  ? 57  VAL A O   1 
ATOM   447  C CB  . VAL A 1 57  ? -8.261  0.339   -6.390  1.00 52.61  ? 57  VAL A CB  1 
ATOM   448  C CG1 . VAL A 1 57  ? -7.938  1.646   -5.650  1.00 59.57  ? 57  VAL A CG1 1 
ATOM   449  C CG2 . VAL A 1 57  ? -9.305  -0.469  -5.600  1.00 43.07  ? 57  VAL A CG2 1 
ATOM   450  N N   . PRO A 1 58  ? -8.220  2.704   -9.039  1.00 67.02  ? 58  PRO A N   1 
ATOM   451  C CA  . PRO A 1 58  ? -7.375  3.657   -9.761  1.00 66.95  ? 58  PRO A CA  1 
ATOM   452  C C   . PRO A 1 58  ? -6.281  4.149   -8.814  1.00 61.11  ? 58  PRO A C   1 
ATOM   453  O O   . PRO A 1 58  ? -6.488  4.199   -7.604  1.00 70.54  ? 58  PRO A O   1 
ATOM   454  C CB  . PRO A 1 58  ? -8.355  4.775   -10.118 1.00 65.33  ? 58  PRO A CB  1 
ATOM   455  C CG  . PRO A 1 58  ? -9.638  4.058   -10.296 1.00 58.96  ? 58  PRO A CG  1 
ATOM   456  C CD  . PRO A 1 58  ? -9.640  3.100   -9.133  1.00 64.71  ? 58  PRO A CD  1 
ATOM   457  N N   . ALA A 1 59  ? -5.122  4.511   -9.350  1.00 79.54  ? 59  ALA A N   1 
ATOM   458  C CA  . ALA A 1 59  ? -4.048  5.000   -8.497  1.00 80.40  ? 59  ALA A CA  1 
ATOM   459  C C   . ALA A 1 59  ? -4.599  6.132   -7.643  1.00 76.42  ? 59  ALA A C   1 
ATOM   460  O O   . ALA A 1 59  ? -4.234  6.294   -6.484  1.00 70.52  ? 59  ALA A O   1 
ATOM   461  C CB  . ALA A 1 59  ? -2.887  5.505   -9.346  1.00 65.90  ? 59  ALA A CB  1 
ATOM   462  N N   . GLU A 1 60  ? -5.510  6.897   -8.230  1.00 70.73  ? 60  GLU A N   1 
ATOM   463  C CA  . GLU A 1 60  ? -6.120  8.044   -7.574  1.00 75.52  ? 60  GLU A CA  1 
ATOM   464  C C   . GLU A 1 60  ? -6.810  7.745   -6.250  1.00 70.12  ? 60  GLU A C   1 
ATOM   465  O O   . GLU A 1 60  ? -6.863  8.591   -5.362  1.00 68.33  ? 60  GLU A O   1 
ATOM   466  C CB  . GLU A 1 60  ? -7.112  8.702   -8.533  1.00 85.11  ? 60  GLU A CB  1 
ATOM   467  C CG  . GLU A 1 60  ? -6.468  9.244   -9.804  1.00 93.06  ? 60  GLU A CG  1 
ATOM   468  C CD  . GLU A 1 60  ? -5.793  8.167   -10.646 1.00 92.30  ? 60  GLU A CD  1 
ATOM   469  O OE1 . GLU A 1 60  ? -6.484  7.210   -11.063 1.00 92.83  ? 60  GLU A OE1 1 
ATOM   470  O OE2 . GLU A 1 60  ? -4.569  8.283   -10.889 1.00 87.84  ? 60  GLU A OE2 1 
ATOM   471  N N   . LYS A 1 61  ? -7.348  6.544   -6.120  1.00 67.77  ? 61  LYS A N   1 
ATOM   472  C CA  . LYS A 1 61  ? -8.030  6.175   -4.893  1.00 68.10  ? 61  LYS A CA  1 
ATOM   473  C C   . LYS A 1 61  ? -7.195  5.174   -4.126  1.00 67.73  ? 61  LYS A C   1 
ATOM   474  O O   . LYS A 1 61  ? -7.656  4.551   -3.174  1.00 69.12  ? 61  LYS A O   1 
ATOM   475  C CB  . LYS A 1 61  ? -9.396  5.586   -5.223  1.00 68.31  ? 61  LYS A CB  1 
ATOM   476  C CG  . LYS A 1 61  ? -10.416 6.632   -5.642  1.00 70.75  ? 61  LYS A CG  1 
ATOM   477  C CD  . LYS A 1 61  ? -11.771 6.001   -5.947  1.00 76.56  ? 61  LYS A CD  1 
ATOM   478  C CE  . LYS A 1 61  ? -12.882 7.039   -5.916  1.00 81.40  ? 61  LYS A CE  1 
ATOM   479  N NZ  . LYS A 1 61  ? -12.960 7.699   -4.576  1.00 88.40  ? 61  LYS A NZ  1 
ATOM   480  N N   . ALA A 1 62  ? -5.951  5.028   -4.555  1.00 67.25  ? 62  ALA A N   1 
ATOM   481  C CA  . ALA A 1 62  ? -5.044  4.106   -3.909  1.00 66.94  ? 62  ALA A CA  1 
ATOM   482  C C   . ALA A 1 62  ? -3.826  4.867   -3.414  1.00 69.14  ? 62  ALA A C   1 
ATOM   483  O O   . ALA A 1 62  ? -3.934  5.709   -2.520  1.00 71.00  ? 62  ALA A O   1 
ATOM   484  C CB  . ALA A 1 62  ? -4.636  3.016   -4.876  1.00 66.39  ? 62  ALA A CB  1 
ATOM   485  N N   . TYR A 1 63  ? -2.674  4.597   -4.017  1.00 66.46  ? 63  TYR A N   1 
ATOM   486  C CA  . TYR A 1 63  ? -1.436  5.240   -3.602  1.00 66.44  ? 63  TYR A CA  1 
ATOM   487  C C   . TYR A 1 63  ? -1.043  6.498   -4.362  1.00 66.51  ? 63  TYR A C   1 
ATOM   488  O O   . TYR A 1 63  ? 0.087   6.987   -4.240  1.00 66.50  ? 63  TYR A O   1 
ATOM   489  C CB  . TYR A 1 63  ? -0.302  4.203   -3.604  1.00 66.01  ? 63  TYR A CB  1 
ATOM   490  C CG  . TYR A 1 63  ? -0.571  3.114   -2.587  1.00 66.10  ? 63  TYR A CG  1 
ATOM   491  C CD1 . TYR A 1 63  ? -1.311  1.981   -2.925  1.00 67.21  ? 63  TYR A CD1 1 
ATOM   492  C CD2 . TYR A 1 63  ? -0.200  3.279   -1.247  1.00 72.07  ? 63  TYR A CD2 1 
ATOM   493  C CE1 . TYR A 1 63  ? -1.682  1.046   -1.954  1.00 71.97  ? 63  TYR A CE1 1 
ATOM   494  C CE2 . TYR A 1 63  ? -0.568  2.349   -0.269  1.00 66.60  ? 63  TYR A CE2 1 
ATOM   495  C CZ  . TYR A 1 63  ? -1.307  1.240   -0.629  1.00 73.19  ? 63  TYR A CZ  1 
ATOM   496  O OH  . TYR A 1 63  ? -1.685  0.324   0.328   1.00 78.80  ? 63  TYR A OH  1 
ATOM   497  N N   . GLY A 1 64  ? -1.992  7.033   -5.125  1.00 66.63  ? 64  GLY A N   1 
ATOM   498  C CA  . GLY A 1 64  ? -1.755  8.259   -5.864  1.00 68.30  ? 64  GLY A CA  1 
ATOM   499  C C   . GLY A 1 64  ? -0.955  8.179   -7.147  1.00 74.44  ? 64  GLY A C   1 
ATOM   500  O O   . GLY A 1 64  ? -0.454  7.121   -7.526  1.00 78.43  ? 64  GLY A O   1 
ATOM   501  N N   . PRO A 1 65  ? -0.819  9.317   -7.843  1.00 76.77  ? 65  PRO A N   1 
ATOM   502  C CA  . PRO A 1 65  ? -0.079  9.415   -9.101  1.00 80.87  ? 65  PRO A CA  1 
ATOM   503  C C   . PRO A 1 65  ? 1.426   9.370   -8.893  1.00 83.17  ? 65  PRO A C   1 
ATOM   504  O O   . PRO A 1 65  ? 1.927   9.521   -7.777  1.00 79.72  ? 65  PRO A O   1 
ATOM   505  C CB  . PRO A 1 65  ? -0.524  10.761  -9.648  1.00 78.63  ? 65  PRO A CB  1 
ATOM   506  C CG  . PRO A 1 65  ? -0.620  11.573  -8.400  1.00 73.11  ? 65  PRO A CG  1 
ATOM   507  C CD  . PRO A 1 65  ? -1.374  10.630  -7.473  1.00 73.50  ? 65  PRO A CD  1 
ATOM   508  N N   . HIS A 1 66  ? 2.139   9.170   -9.989  1.00 84.91  ? 66  HIS A N   1 
ATOM   509  C CA  . HIS A 1 66  ? 3.583   9.121   -9.949  1.00 83.91  ? 66  HIS A CA  1 
ATOM   510  C C   . HIS A 1 66  ? 4.093   10.536  -10.188 1.00 77.85  ? 66  HIS A C   1 
ATOM   511  O O   . HIS A 1 66  ? 3.720   11.178  -11.169 1.00 69.41  ? 66  HIS A O   1 
ATOM   512  C CB  . HIS A 1 66  ? 4.099   8.176   -11.033 1.00 84.55  ? 66  HIS A CB  1 
ATOM   513  C CG  . HIS A 1 66  ? 5.579   7.952   -10.992 1.00 80.13  ? 66  HIS A CG  1 
ATOM   514  N ND1 . HIS A 1 66  ? 6.490   8.988   -10.984 1.00 82.11  ? 66  HIS A ND1 1 
ATOM   515  C CD2 . HIS A 1 66  ? 6.308   6.811   -10.999 1.00 78.32  ? 66  HIS A CD2 1 
ATOM   516  C CE1 . HIS A 1 66  ? 7.715   8.495   -10.991 1.00 83.29  ? 66  HIS A CE1 1 
ATOM   517  N NE2 . HIS A 1 66  ? 7.634   7.178   -11.000 1.00 82.39  ? 66  HIS A NE2 1 
ATOM   518  N N   . ASP A 1 67  ? 4.920   11.021  -9.265  1.00 87.42  ? 67  ASP A N   1 
ATOM   519  C CA  . ASP A 1 67  ? 5.514   12.349  -9.359  1.00 93.54  ? 67  ASP A CA  1 
ATOM   520  C C   . ASP A 1 67  ? 6.887   12.197  -10.001 1.00 97.56  ? 67  ASP A C   1 
ATOM   521  O O   . ASP A 1 67  ? 7.870   11.905  -9.319  1.00 101.59 ? 67  ASP A O   1 
ATOM   522  C CB  . ASP A 1 67  ? 5.684   12.970  -7.969  1.00 92.50  ? 67  ASP A CB  1 
ATOM   523  C CG  . ASP A 1 67  ? 6.258   14.380  -8.029  1.00 93.88  ? 67  ASP A CG  1 
ATOM   524  O OD1 . ASP A 1 67  ? 7.093   14.636  -8.924  1.00 96.96  ? 67  ASP A OD1 1 
ATOM   525  O OD2 . ASP A 1 67  ? 5.885   15.225  -7.181  1.00 86.28  ? 67  ASP A OD2 1 
ATOM   526  N N   . PRO A 1 68  ? 6.972   12.386  -11.323 1.00 93.62  ? 68  PRO A N   1 
ATOM   527  C CA  . PRO A 1 68  ? 8.250   12.261  -12.032 1.00 89.90  ? 68  PRO A CA  1 
ATOM   528  C C   . PRO A 1 68  ? 9.369   13.075  -11.399 1.00 84.95  ? 68  PRO A C   1 
ATOM   529  O O   . PRO A 1 68  ? 10.540  12.737  -11.535 1.00 80.08  ? 68  PRO A O   1 
ATOM   530  C CB  . PRO A 1 68  ? 7.908   12.710  -13.453 1.00 88.31  ? 68  PRO A CB  1 
ATOM   531  C CG  . PRO A 1 68  ? 6.674   13.561  -13.272 1.00 90.25  ? 68  PRO A CG  1 
ATOM   532  C CD  . PRO A 1 68  ? 5.902   12.804  -12.243 1.00 93.22  ? 68  PRO A CD  1 
ATOM   533  N N   . GLU A 1 69  ? 9.008   14.148  -10.706 1.00 85.55  ? 69  GLU A N   1 
ATOM   534  C CA  . GLU A 1 69  ? 10.004  14.969  -10.030 1.00 89.60  ? 69  GLU A CA  1 
ATOM   535  C C   . GLU A 1 69  ? 10.632  14.088  -8.950  1.00 86.25  ? 69  GLU A C   1 
ATOM   536  O O   . GLU A 1 69  ? 11.693  14.396  -8.408  1.00 89.51  ? 69  GLU A O   1 
ATOM   537  C CB  . GLU A 1 69  ? 9.339   16.193  -9.402  1.00 101.93 ? 69  GLU A CB  1 
ATOM   538  C CG  . GLU A 1 69  ? 10.203  16.932  -8.399  1.00 114.32 ? 69  GLU A CG  1 
ATOM   539  C CD  . GLU A 1 69  ? 9.457   18.050  -7.690  1.00 120.39 ? 69  GLU A CD  1 
ATOM   540  O OE1 . GLU A 1 69  ? 8.356   17.784  -7.157  1.00 121.62 ? 69  GLU A OE1 1 
ATOM   541  O OE2 . GLU A 1 69  ? 9.974   19.189  -7.655  1.00 120.17 ? 69  GLU A OE2 1 
ATOM   542  N N   . GLY A 1 70  ? 9.962   12.980  -8.651  1.00 80.46  ? 70  GLY A N   1 
ATOM   543  C CA  . GLY A 1 70  ? 10.453  12.052  -7.651  1.00 71.04  ? 70  GLY A CA  1 
ATOM   544  C C   . GLY A 1 70  ? 11.583  11.184  -8.174  1.00 66.11  ? 70  GLY A C   1 
ATOM   545  O O   . GLY A 1 70  ? 12.247  10.483  -7.406  1.00 66.06  ? 70  GLY A O   1 
ATOM   546  N N   . VAL A 1 71  ? 11.796  11.200  -9.485  1.00 65.98  ? 71  VAL A N   1 
ATOM   547  C CA  . VAL A 1 71  ? 12.882  10.413  -10.059 1.00 75.36  ? 71  VAL A CA  1 
ATOM   548  C C   . VAL A 1 71  ? 14.122  11.318  -10.072 1.00 85.53  ? 71  VAL A C   1 
ATOM   549  O O   . VAL A 1 71  ? 14.007  12.541  -10.210 1.00 91.92  ? 71  VAL A O   1 
ATOM   550  C CB  . VAL A 1 71  ? 12.536  9.925   -11.496 1.00 78.98  ? 71  VAL A CB  1 
ATOM   551  C CG1 . VAL A 1 71  ? 13.527  8.845   -11.940 1.00 77.20  ? 71  VAL A CG1 1 
ATOM   552  C CG2 . VAL A 1 71  ? 11.113  9.370   -11.528 1.00 82.36  ? 71  VAL A CG2 1 
ATOM   553  N N   . GLN A 1 72  ? 15.304  10.729  -9.912  1.00 84.17  ? 72  GLN A N   1 
ATOM   554  C CA  . GLN A 1 72  ? 16.527  11.526  -9.874  1.00 83.70  ? 72  GLN A CA  1 
ATOM   555  C C   . GLN A 1 72  ? 17.810  10.721  -10.006 1.00 88.96  ? 72  GLN A C   1 
ATOM   556  O O   . GLN A 1 72  ? 17.936  9.629   -9.449  1.00 92.21  ? 72  GLN A O   1 
ATOM   557  C CB  . GLN A 1 72  ? 16.579  12.308  -8.565  1.00 79.46  ? 72  GLN A CB  1 
ATOM   558  C CG  . GLN A 1 72  ? 17.905  12.990  -8.295  1.00 90.26  ? 72  GLN A CG  1 
ATOM   559  C CD  . GLN A 1 72  ? 17.835  14.487  -8.504  1.00 95.49  ? 72  GLN A CD  1 
ATOM   560  O OE1 . GLN A 1 72  ? 18.807  15.206  -8.261  1.00 92.17  ? 72  GLN A OE1 1 
ATOM   561  N NE2 . GLN A 1 72  ? 16.679  14.968  -8.953  1.00 98.05  ? 72  GLN A NE2 1 
ATOM   562  N N   . VAL A 1 73  ? 18.769  11.281  -10.737 1.00 89.22  ? 73  VAL A N   1 
ATOM   563  C CA  . VAL A 1 73  ? 20.061  10.638  -10.927 1.00 91.51  ? 73  VAL A CA  1 
ATOM   564  C C   . VAL A 1 73  ? 20.954  11.052  -9.771  1.00 92.15  ? 73  VAL A C   1 
ATOM   565  O O   . VAL A 1 73  ? 20.968  12.218  -9.382  1.00 91.82  ? 73  VAL A O   1 
ATOM   566  C CB  . VAL A 1 73  ? 20.733  11.077  -12.254 1.00 94.57  ? 73  VAL A CB  1 
ATOM   567  C CG1 . VAL A 1 73  ? 22.196  10.668  -12.253 1.00 94.64  ? 73  VAL A CG1 1 
ATOM   568  C CG2 . VAL A 1 73  ? 20.017  10.448  -13.445 1.00 93.48  ? 73  VAL A CG2 1 
ATOM   569  N N   . VAL A 1 74  ? 21.694  10.094  -9.226  1.00 91.42  ? 74  VAL A N   1 
ATOM   570  C CA  . VAL A 1 74  ? 22.584  10.372  -8.110  1.00 95.80  ? 74  VAL A CA  1 
ATOM   571  C C   . VAL A 1 74  ? 23.916  9.639   -8.251  1.00 101.61 ? 74  VAL A C   1 
ATOM   572  O O   . VAL A 1 74  ? 23.969  8.526   -8.776  1.00 108.40 ? 74  VAL A O   1 
ATOM   573  C CB  . VAL A 1 74  ? 21.920  9.978   -6.778  1.00 95.98  ? 74  VAL A CB  1 
ATOM   574  C CG1 . VAL A 1 74  ? 20.726  10.878  -6.517  1.00 90.97  ? 74  VAL A CG1 1 
ATOM   575  C CG2 . VAL A 1 74  ? 21.487  8.521   -6.827  1.00 96.62  ? 74  VAL A CG2 1 
ATOM   576  N N   . PRO A 1 75  ? 25.014  10.262  -7.782  1.00 97.41  ? 75  PRO A N   1 
ATOM   577  C CA  . PRO A 1 75  ? 26.372  9.711   -7.833  1.00 101.48 ? 75  PRO A CA  1 
ATOM   578  C C   . PRO A 1 75  ? 26.488  8.444   -7.007  1.00 109.34 ? 75  PRO A C   1 
ATOM   579  O O   . PRO A 1 75  ? 25.842  8.317   -5.970  1.00 110.78 ? 75  PRO A O   1 
ATOM   580  C CB  . PRO A 1 75  ? 27.226  10.828  -7.240  1.00 98.56  ? 75  PRO A CB  1 
ATOM   581  C CG  . PRO A 1 75  ? 26.420  12.057  -7.500  1.00 97.51  ? 75  PRO A CG  1 
ATOM   582  C CD  . PRO A 1 75  ? 25.032  11.602  -7.175  1.00 93.63  ? 75  PRO A CD  1 
ATOM   583  N N   . LEU A 1 76  ? 27.321  7.514   -7.462  1.00 114.04 ? 76  LEU A N   1 
ATOM   584  C CA  . LEU A 1 76  ? 27.516  6.263   -6.742  1.00 116.93 ? 76  LEU A CA  1 
ATOM   585  C C   . LEU A 1 76  ? 28.086  6.593   -5.368  1.00 124.33 ? 76  LEU A C   1 
ATOM   586  O O   . LEU A 1 76  ? 27.766  5.942   -4.371  1.00 123.73 ? 76  LEU A O   1 
ATOM   587  C CB  . LEU A 1 76  ? 28.489  5.353   -7.498  1.00 111.67 ? 76  LEU A CB  1 
ATOM   588  C CG  . LEU A 1 76  ? 28.335  5.213   -9.017  1.00 106.84 ? 76  LEU A CG  1 
ATOM   589  C CD1 . LEU A 1 76  ? 29.206  4.058   -9.503  1.00 107.28 ? 76  LEU A CD1 1 
ATOM   590  C CD2 . LEU A 1 76  ? 26.890  4.965   -9.387  1.00 100.57 ? 76  LEU A CD2 1 
ATOM   591  N N   . SER A 1 77  ? 28.931  7.618   -5.329  1.00 129.20 ? 77  SER A N   1 
ATOM   592  C CA  . SER A 1 77  ? 29.551  8.053   -4.089  1.00 135.12 ? 77  SER A CA  1 
ATOM   593  C C   . SER A 1 77  ? 28.495  8.475   -3.065  1.00 138.99 ? 77  SER A C   1 
ATOM   594  O O   . SER A 1 77  ? 28.773  8.541   -1.865  1.00 136.59 ? 77  SER A O   1 
ATOM   595  C CB  . SER A 1 77  ? 30.504  9.216   -4.368  1.00 137.38 ? 77  SER A CB  1 
ATOM   596  O OG  . SER A 1 77  ? 31.146  9.647   -3.182  1.00 140.13 ? 77  SER A OG  1 
ATOM   597  N N   . ALA A 1 78  ? 27.287  8.762   -3.546  1.00 143.52 ? 78  ALA A N   1 
ATOM   598  C CA  . ALA A 1 78  ? 26.190  9.172   -2.672  1.00 146.10 ? 78  ALA A CA  1 
ATOM   599  C C   . ALA A 1 78  ? 26.079  8.178   -1.527  1.00 147.77 ? 78  ALA A C   1 
ATOM   600  O O   . ALA A 1 78  ? 25.829  8.553   -0.380  1.00 145.56 ? 78  ALA A O   1 
ATOM   601  C CB  . ALA A 1 78  ? 24.887  9.222   -3.454  1.00 145.88 ? 78  ALA A CB  1 
ATOM   602  N N   . PHE A 1 79  ? 26.257  6.902   -1.853  1.00 151.93 ? 79  PHE A N   1 
ATOM   603  C CA  . PHE A 1 79  ? 26.212  5.859   -0.848  1.00 157.00 ? 79  PHE A CA  1 
ATOM   604  C C   . PHE A 1 79  ? 27.636  5.441   -0.532  1.00 159.81 ? 79  PHE A C   1 
ATOM   605  O O   . PHE A 1 79  ? 28.262  4.691   -1.285  1.00 156.66 ? 79  PHE A O   1 
ATOM   606  C CB  . PHE A 1 79  ? 25.439  4.642   -1.332  1.00 161.39 ? 79  PHE A CB  1 
ATOM   607  C CG  . PHE A 1 79  ? 25.413  3.525   -0.335  1.00 169.18 ? 79  PHE A CG  1 
ATOM   608  C CD1 . PHE A 1 79  ? 24.790  3.695   0.897   1.00 171.84 ? 79  PHE A CD1 1 
ATOM   609  C CD2 . PHE A 1 79  ? 26.042  2.315   -0.607  1.00 172.59 ? 79  PHE A CD2 1 
ATOM   610  C CE1 . PHE A 1 79  ? 24.787  2.674   1.842   1.00 173.72 ? 79  PHE A CE1 1 
ATOM   611  C CE2 . PHE A 1 79  ? 26.045  1.287   0.332   1.00 174.37 ? 79  PHE A CE2 1 
ATOM   612  C CZ  . PHE A 1 79  ? 25.418  1.467   1.561   1.00 174.81 ? 79  PHE A CZ  1 
ATOM   613  N N   . PRO A 1 80  ? 28.167  5.927   0.593   1.00 165.22 ? 80  PRO A N   1 
ATOM   614  C CA  . PRO A 1 80  ? 29.527  5.631   1.051   1.00 168.42 ? 80  PRO A CA  1 
ATOM   615  C C   . PRO A 1 80  ? 29.715  4.237   1.664   1.00 168.84 ? 80  PRO A C   1 
ATOM   616  O O   . PRO A 1 80  ? 29.918  4.110   2.873   1.00 170.96 ? 80  PRO A O   1 
ATOM   617  C CB  . PRO A 1 80  ? 29.786  6.748   2.056   1.00 167.72 ? 80  PRO A CB  1 
ATOM   618  C CG  . PRO A 1 80  ? 28.426  6.947   2.667   1.00 165.56 ? 80  PRO A CG  1 
ATOM   619  C CD  . PRO A 1 80  ? 27.516  6.922   1.466   1.00 164.46 ? 80  PRO A CD  1 
ATOM   620  N N   . GLU A 1 81  ? 29.663  3.197   0.833   1.00 163.74 ? 81  GLU A N   1 
ATOM   621  C CA  . GLU A 1 81  ? 29.834  1.826   1.317   1.00 157.86 ? 81  GLU A CA  1 
ATOM   622  C C   . GLU A 1 81  ? 29.736  0.835   0.156   1.00 151.50 ? 81  GLU A C   1 
ATOM   623  O O   . GLU A 1 81  ? 30.170  1.129   -0.960  1.00 146.47 ? 81  GLU A O   1 
ATOM   624  C CB  . GLU A 1 81  ? 28.768  1.510   2.379   1.00 157.48 ? 81  GLU A CB  1 
ATOM   625  C CG  . GLU A 1 81  ? 28.947  0.196   3.153   1.00 156.36 ? 81  GLU A CG  1 
ATOM   626  C CD  . GLU A 1 81  ? 30.222  0.147   3.980   1.00 155.93 ? 81  GLU A CD  1 
ATOM   627  O OE1 . GLU A 1 81  ? 30.506  1.122   4.708   1.00 155.13 ? 81  GLU A OE1 1 
ATOM   628  O OE2 . GLU A 1 81  ? 30.933  -0.880  3.911   1.00 154.41 ? 81  GLU A OE2 1 
ATOM   629  N N   . ASP A 1 82  ? 29.169  -0.337  0.433   1.00 152.74 ? 82  ASP A N   1 
ATOM   630  C CA  . ASP A 1 82  ? 29.001  -1.389  -0.566  1.00 151.40 ? 82  ASP A CA  1 
ATOM   631  C C   . ASP A 1 82  ? 27.607  -2.001  -0.457  1.00 151.85 ? 82  ASP A C   1 
ATOM   632  O O   . ASP A 1 82  ? 27.300  -2.691  0.517   1.00 152.68 ? 82  ASP A O   1 
ATOM   633  C CB  . ASP A 1 82  ? 30.046  -2.488  -0.360  1.00 147.59 ? 82  ASP A CB  1 
ATOM   634  C CG  . ASP A 1 82  ? 31.458  -1.947  -0.332  1.00 142.61 ? 82  ASP A CG  1 
ATOM   635  O OD1 . ASP A 1 82  ? 31.874  -1.299  -1.318  1.00 137.90 ? 82  ASP A OD1 1 
ATOM   636  O OD2 . ASP A 1 82  ? 32.151  -2.171  0.681   1.00 141.94 ? 82  ASP A OD2 1 
ATOM   637  N N   . ALA A 1 83  ? 26.771  -1.743  -1.462  1.00 149.85 ? 83  ALA A N   1 
ATOM   638  C CA  . ALA A 1 83  ? 25.410  -2.265  -1.478  1.00 148.14 ? 83  ALA A CA  1 
ATOM   639  C C   . ALA A 1 83  ? 24.977  -2.757  -2.859  1.00 146.91 ? 83  ALA A C   1 
ATOM   640  O O   . ALA A 1 83  ? 25.558  -3.697  -3.398  1.00 145.39 ? 83  ALA A O   1 
ATOM   641  C CB  . ALA A 1 83  ? 24.439  -1.207  -0.977  1.00 147.81 ? 83  ALA A CB  1 
ATOM   642  N N   . GLU A 1 84  ? 23.958  -2.111  -3.427  1.00 148.91 ? 84  GLU A N   1 
ATOM   643  C CA  . GLU A 1 84  ? 23.424  -2.503  -4.731  1.00 149.68 ? 84  GLU A CA  1 
ATOM   644  C C   . GLU A 1 84  ? 23.361  -1.409  -5.795  1.00 147.60 ? 84  GLU A C   1 
ATOM   645  O O   . GLU A 1 84  ? 23.037  -0.255  -5.511  1.00 143.58 ? 84  GLU A O   1 
ATOM   646  C CB  . GLU A 1 84  ? 22.018  -3.098  -4.557  1.00 153.54 ? 84  GLU A CB  1 
ATOM   647  C CG  . GLU A 1 84  ? 21.275  -3.366  -5.870  1.00 156.38 ? 84  GLU A CG  1 
ATOM   648  C CD  . GLU A 1 84  ? 19.901  -3.994  -5.672  1.00 157.78 ? 84  GLU A CD  1 
ATOM   649  O OE1 . GLU A 1 84  ? 19.826  -5.098  -5.095  1.00 159.06 ? 84  GLU A OE1 1 
ATOM   650  O OE2 . GLU A 1 84  ? 18.893  -3.390  -6.097  1.00 156.29 ? 84  GLU A OE2 1 
ATOM   651  N N   . VAL A 1 85  ? 23.664  -1.808  -7.027  1.00 152.76 ? 85  VAL A N   1 
ATOM   652  C CA  . VAL A 1 85  ? 23.631  -0.926  -8.190  1.00 155.98 ? 85  VAL A CA  1 
ATOM   653  C C   . VAL A 1 85  ? 22.583  -1.519  -9.138  1.00 158.47 ? 85  VAL A C   1 
ATOM   654  O O   . VAL A 1 85  ? 22.713  -1.442  -10.360 1.00 161.63 ? 85  VAL A O   1 
ATOM   655  C CB  . VAL A 1 85  ? 25.005  -0.892  -8.912  1.00 155.45 ? 85  VAL A CB  1 
ATOM   656  C CG1 . VAL A 1 85  ? 26.093  -0.469  -7.939  1.00 154.57 ? 85  VAL A CG1 1 
ATOM   657  C CG2 . VAL A 1 85  ? 25.328  -2.265  -9.497  1.00 155.35 ? 85  VAL A CG2 1 
ATOM   658  N N   . VAL A 1 86  ? 21.544  -2.108  -8.549  1.00 156.10 ? 86  VAL A N   1 
ATOM   659  C CA  . VAL A 1 86  ? 20.466  -2.763  -9.294  1.00 151.10 ? 86  VAL A CA  1 
ATOM   660  C C   . VAL A 1 86  ? 19.083  -2.242  -8.896  1.00 144.02 ? 86  VAL A C   1 
ATOM   661  O O   . VAL A 1 86  ? 18.887  -1.758  -7.780  1.00 141.56 ? 86  VAL A O   1 
ATOM   662  C CB  . VAL A 1 86  ? 20.501  -4.305  -9.044  1.00 136.52 ? 86  VAL A CB  1 
ATOM   663  C CG1 . VAL A 1 86  ? 19.368  -5.004  -9.787  1.00 136.22 ? 86  VAL A CG1 1 
ATOM   664  C CG2 . VAL A 1 86  ? 21.848  -4.870  -9.472  1.00 135.49 ? 86  VAL A CG2 1 
ATOM   665  N N   . PRO A 1 87  ? 18.111  -2.311  -9.822  1.00 139.24 ? 87  PRO A N   1 
ATOM   666  C CA  . PRO A 1 87  ? 16.761  -1.843  -9.511  1.00 138.16 ? 87  PRO A CA  1 
ATOM   667  C C   . PRO A 1 87  ? 16.189  -2.602  -8.313  1.00 136.35 ? 87  PRO A C   1 
ATOM   668  O O   . PRO A 1 87  ? 16.766  -3.593  -7.863  1.00 136.31 ? 87  PRO A O   1 
ATOM   669  C CB  . PRO A 1 87  ? 16.001  -2.131  -10.798 1.00 137.84 ? 87  PRO A CB  1 
ATOM   670  C CG  . PRO A 1 87  ? 17.038  -1.843  -11.838 1.00 137.05 ? 87  PRO A CG  1 
ATOM   671  C CD  . PRO A 1 87  ? 18.264  -2.525  -11.274 1.00 136.63 ? 87  PRO A CD  1 
ATOM   672  N N   . GLY A 1 88  ? 15.059  -2.133  -7.802  1.00 134.47 ? 88  GLY A N   1 
ATOM   673  C CA  . GLY A 1 88  ? 14.447  -2.784  -6.660  1.00 133.49 ? 88  GLY A CA  1 
ATOM   674  C C   . GLY A 1 88  ? 15.050  -2.315  -5.350  1.00 132.19 ? 88  GLY A C   1 
ATOM   675  O O   . GLY A 1 88  ? 14.386  -2.332  -4.315  1.00 128.77 ? 88  GLY A O   1 
ATOM   676  N N   . ALA A 1 89  ? 16.308  -1.888  -5.391  1.00 133.25 ? 89  ALA A N   1 
ATOM   677  C CA  . ALA A 1 89  ? 16.996  -1.420  -4.193  1.00 132.12 ? 89  ALA A CA  1 
ATOM   678  C C   . ALA A 1 89  ? 16.295  -0.221  -3.566  1.00 131.78 ? 89  ALA A C   1 
ATOM   679  O O   . ALA A 1 89  ? 16.152  0.827   -4.196  1.00 128.60 ? 89  ALA A O   1 
ATOM   680  C CB  . ALA A 1 89  ? 18.435  -1.063  -4.524  1.00 132.42 ? 89  ALA A CB  1 
ATOM   681  N N   . GLN A 1 90  ? 15.866  -0.385  -2.318  1.00 134.39 ? 90  GLN A N   1 
ATOM   682  C CA  . GLN A 1 90  ? 15.177  0.673   -1.590  1.00 135.97 ? 90  GLN A CA  1 
ATOM   683  C C   . GLN A 1 90  ? 15.917  1.141   -0.344  1.00 134.12 ? 90  GLN A C   1 
ATOM   684  O O   . GLN A 1 90  ? 16.344  0.334   0.480   1.00 132.40 ? 90  GLN A O   1 
ATOM   685  C CB  . GLN A 1 90  ? 13.774  0.218   -1.183  1.00 137.09 ? 90  GLN A CB  1 
ATOM   686  C CG  . GLN A 1 90  ? 13.106  1.143   -0.168  1.00 138.60 ? 90  GLN A CG  1 
ATOM   687  C CD  . GLN A 1 90  ? 11.638  0.830   0.046   1.00 139.22 ? 90  GLN A CD  1 
ATOM   688  O OE1 . GLN A 1 90  ? 10.987  1.416   0.912   1.00 141.25 ? 90  GLN A OE1 1 
ATOM   689  N NE2 . GLN A 1 90  ? 11.107  -0.090  -0.750  1.00 134.79 ? 90  GLN A NE2 1 
ATOM   690  N N   . PHE A 1 91  ? 16.047  2.455   -0.210  1.00 133.73 ? 91  PHE A N   1 
ATOM   691  C CA  . PHE A 1 91  ? 16.718  3.049   0.936   1.00 132.32 ? 91  PHE A CA  1 
ATOM   692  C C   . PHE A 1 91  ? 15.738  3.988   1.618   1.00 133.25 ? 91  PHE A C   1 
ATOM   693  O O   . PHE A 1 91  ? 14.750  4.403   1.015   1.00 132.61 ? 91  PHE A O   1 
ATOM   694  C CB  . PHE A 1 91  ? 17.964  3.809   0.481   1.00 128.77 ? 91  PHE A CB  1 
ATOM   695  C CG  . PHE A 1 91  ? 18.958  2.949   -0.252  1.00 126.50 ? 91  PHE A CG  1 
ATOM   696  C CD1 . PHE A 1 91  ? 18.632  2.365   -1.475  1.00 125.56 ? 91  PHE A CD1 1 
ATOM   697  C CD2 . PHE A 1 91  ? 20.213  2.699   0.292   1.00 126.18 ? 91  PHE A CD2 1 
ATOM   698  C CE1 . PHE A 1 91  ? 19.542  1.542   -2.147  1.00 125.29 ? 91  PHE A CE1 1 
ATOM   699  C CE2 . PHE A 1 91  ? 21.132  1.879   -0.371  1.00 126.29 ? 91  PHE A CE2 1 
ATOM   700  C CZ  . PHE A 1 91  ? 20.795  1.298   -1.592  1.00 125.12 ? 91  PHE A CZ  1 
ATOM   701  N N   . TYR A 1 92  ? 16.003  4.316   2.876   1.00 132.72 ? 92  TYR A N   1 
ATOM   702  C CA  . TYR A 1 92  ? 15.109  5.192   3.622   1.00 132.99 ? 92  TYR A CA  1 
ATOM   703  C C   . TYR A 1 92  ? 15.725  6.560   3.887   1.00 128.59 ? 92  TYR A C   1 
ATOM   704  O O   . TYR A 1 92  ? 15.458  7.172   4.923   1.00 130.17 ? 92  TYR A O   1 
ATOM   705  C CB  . TYR A 1 92  ? 14.719  4.532   4.949   1.00 137.36 ? 92  TYR A CB  1 
ATOM   706  C CG  . TYR A 1 92  ? 13.899  3.264   4.798   1.00 142.38 ? 92  TYR A CG  1 
ATOM   707  C CD1 . TYR A 1 92  ? 14.349  2.208   3.999   1.00 142.80 ? 92  TYR A CD1 1 
ATOM   708  C CD2 . TYR A 1 92  ? 12.679  3.115   5.462   1.00 143.02 ? 92  TYR A CD2 1 
ATOM   709  C CE1 . TYR A 1 92  ? 13.604  1.040   3.865   1.00 141.39 ? 92  TYR A CE1 1 
ATOM   710  C CE2 . TYR A 1 92  ? 11.926  1.949   5.335   1.00 140.36 ? 92  TYR A CE2 1 
ATOM   711  C CZ  . TYR A 1 92  ? 12.396  0.918   4.536   1.00 140.97 ? 92  TYR A CZ  1 
ATOM   712  O OH  . TYR A 1 92  ? 11.659  -0.234  4.412   1.00 141.98 ? 92  TYR A OH  1 
ATOM   713  N N   . ALA A 1 93  ? 16.535  7.034   2.940   1.00 122.55 ? 93  ALA A N   1 
ATOM   714  C CA  . ALA A 1 93  ? 17.214  8.326   3.044   1.00 122.36 ? 93  ALA A CA  1 
ATOM   715  C C   . ALA A 1 93  ? 16.384  9.402   3.746   1.00 123.35 ? 93  ALA A C   1 
ATOM   716  O O   . ALA A 1 93  ? 15.154  9.418   3.655   1.00 116.89 ? 93  ALA A O   1 
ATOM   717  C CB  . ALA A 1 93  ? 17.626  8.803   1.662   1.00 122.02 ? 93  ALA A CB  1 
ATOM   718  N N   . GLN A 1 94  ? 17.075  10.303  4.441   1.00 129.53 ? 94  GLN A N   1 
ATOM   719  C CA  . GLN A 1 94  ? 16.426  11.379  5.189   1.00 139.19 ? 94  GLN A CA  1 
ATOM   720  C C   . GLN A 1 94  ? 16.051  12.592  4.342   1.00 139.15 ? 94  GLN A C   1 
ATOM   721  O O   . GLN A 1 94  ? 16.724  12.910  3.364   1.00 139.62 ? 94  GLN A O   1 
ATOM   722  C CB  . GLN A 1 94  ? 17.332  11.822  6.350   1.00 147.40 ? 94  GLN A CB  1 
ATOM   723  C CG  . GLN A 1 94  ? 16.895  13.102  7.074   1.00 151.18 ? 94  GLN A CG  1 
ATOM   724  C CD  . GLN A 1 94  ? 15.535  12.986  7.752   1.00 152.93 ? 94  GLN A CD  1 
ATOM   725  O OE1 . GLN A 1 94  ? 14.519  12.733  7.103   1.00 156.53 ? 94  GLN A OE1 1 
ATOM   726  N NE2 . GLN A 1 94  ? 15.513  13.180  9.066   1.00 150.25 ? 94  GLN A NE2 1 
ATOM   727  N N   . ASP A 1 95  ? 14.971  13.262  4.738   1.00 139.14 ? 95  ASP A N   1 
ATOM   728  C CA  . ASP A 1 95  ? 14.481  14.458  4.057   1.00 139.79 ? 95  ASP A CA  1 
ATOM   729  C C   . ASP A 1 95  ? 15.359  15.660  4.450   1.00 139.72 ? 95  ASP A C   1 
ATOM   730  O O   . ASP A 1 95  ? 15.884  15.717  5.564   1.00 136.94 ? 95  ASP A O   1 
ATOM   731  C CB  . ASP A 1 95  ? 13.017  14.699  4.448   1.00 137.38 ? 95  ASP A CB  1 
ATOM   732  C CG  . ASP A 1 95  ? 12.315  15.688  3.534   1.00 134.36 ? 95  ASP A CG  1 
ATOM   733  O OD1 . ASP A 1 95  ? 12.659  16.890  3.562   1.00 132.11 ? 95  ASP A OD1 1 
ATOM   734  O OD2 . ASP A 1 95  ? 11.415  15.253  2.785   1.00 132.67 ? 95  ASP A OD2 1 
ATOM   735  N N   . MET A 1 96  ? 15.513  16.615  3.533   1.00 138.70 ? 96  MET A N   1 
ATOM   736  C CA  . MET A 1 96  ? 16.349  17.793  3.769   1.00 138.63 ? 96  MET A CA  1 
ATOM   737  C C   . MET A 1 96  ? 15.979  18.589  5.021   1.00 143.47 ? 96  MET A C   1 
ATOM   738  O O   . MET A 1 96  ? 16.747  19.449  5.460   1.00 146.74 ? 96  MET A O   1 
ATOM   739  C CB  . MET A 1 96  ? 16.306  18.720  2.551   1.00 134.17 ? 96  MET A CB  1 
ATOM   740  C CG  . MET A 1 96  ? 17.373  19.804  2.555   1.00 130.03 ? 96  MET A CG  1 
ATOM   741  S SD  . MET A 1 96  ? 16.833  21.272  1.652   1.00 129.65 ? 96  MET A SD  1 
ATOM   742  C CE  . MET A 1 96  ? 17.573  21.050  0.039   1.00 71.29  ? 96  MET A CE  1 
ATOM   743  N N   . GLU A 1 97  ? 14.810  18.310  5.595   1.00 140.65 ? 97  GLU A N   1 
ATOM   744  C CA  . GLU A 1 97  ? 14.371  19.016  6.797   1.00 135.67 ? 97  GLU A CA  1 
ATOM   745  C C   . GLU A 1 97  ? 13.749  18.098  7.850   1.00 134.18 ? 97  GLU A C   1 
ATOM   746  O O   . GLU A 1 97  ? 13.641  18.469  9.020   1.00 135.21 ? 97  GLU A O   1 
ATOM   747  C CB  . GLU A 1 97  ? 13.365  20.112  6.435   1.00 132.95 ? 97  GLU A CB  1 
ATOM   748  C CG  . GLU A 1 97  ? 12.023  19.597  5.952   1.00 131.97 ? 97  GLU A CG  1 
ATOM   749  C CD  . GLU A 1 97  ? 10.953  20.667  5.988   1.00 131.71 ? 97  GLU A CD  1 
ATOM   750  O OE1 . GLU A 1 97  ? 9.795   20.367  5.635   1.00 128.42 ? 97  GLU A OE1 1 
ATOM   751  O OE2 . GLU A 1 97  ? 11.270  21.810  6.376   1.00 134.39 ? 97  GLU A OE2 1 
ATOM   752  N N   . GLY A 1 98  ? 13.339  16.905  7.437   1.00 131.57 ? 98  GLY A N   1 
ATOM   753  C CA  . GLY A 1 98  ? 12.739  15.978  8.376   1.00 130.49 ? 98  GLY A CA  1 
ATOM   754  C C   . GLY A 1 98  ? 11.725  15.082  7.700   1.00 131.63 ? 98  GLY A C   1 
ATOM   755  O O   . GLY A 1 98  ? 11.242  15.391  6.612   1.00 131.88 ? 98  GLY A O   1 
ATOM   756  N N   . ASN A 1 99  ? 11.398  13.967  8.346   1.00 132.04 ? 99  ASN A N   1 
ATOM   757  C CA  . ASN A 1 99  ? 10.439  13.023  7.795   1.00 134.04 ? 99  ASN A CA  1 
ATOM   758  C C   . ASN A 1 99  ? 11.002  12.402  6.524   1.00 131.25 ? 99  ASN A C   1 
ATOM   759  O O   . ASN A 1 99  ? 10.642  12.787  5.411   1.00 132.96 ? 99  ASN A O   1 
ATOM   760  C CB  . ASN A 1 99  ? 9.114   13.728  7.509   1.00 140.13 ? 99  ASN A CB  1 
ATOM   761  C CG  . ASN A 1 99  ? 8.457   14.259  8.772   1.00 145.95 ? 99  ASN A CG  1 
ATOM   762  O OD1 . ASN A 1 99  ? 8.075   13.489  9.656   1.00 143.45 ? 99  ASN A OD1 1 
ATOM   763  N ND2 . ASN A 1 99  ? 8.329   15.580  8.867   1.00 149.02 ? 99  ASN A ND2 1 
ATOM   764  N N   . PRO A 1 100 ? 11.905  11.428  6.685   1.00 128.40 ? 100 PRO A N   1 
ATOM   765  C CA  . PRO A 1 100 ? 12.561  10.710  5.592   1.00 127.34 ? 100 PRO A CA  1 
ATOM   766  C C   . PRO A 1 100 ? 11.604  10.255  4.499   1.00 125.35 ? 100 PRO A C   1 
ATOM   767  O O   . PRO A 1 100 ? 10.394  10.175  4.706   1.00 125.83 ? 100 PRO A O   1 
ATOM   768  C CB  . PRO A 1 100 ? 13.209  9.529   6.302   1.00 127.65 ? 100 PRO A CB  1 
ATOM   769  C CG  . PRO A 1 100 ? 13.559  10.101  7.631   1.00 128.10 ? 100 PRO A CG  1 
ATOM   770  C CD  . PRO A 1 100 ? 12.324  10.886  7.990   1.00 128.47 ? 100 PRO A CD  1 
ATOM   771  N N   . MET A 1 101 ? 12.166  9.963   3.332   1.00 121.55 ? 101 MET A N   1 
ATOM   772  C CA  . MET A 1 101 ? 11.394  9.488   2.193   1.00 116.17 ? 101 MET A CA  1 
ATOM   773  C C   . MET A 1 101 ? 12.140  8.310   1.592   1.00 104.71 ? 101 MET A C   1 
ATOM   774  O O   . MET A 1 101 ? 13.183  8.481   0.965   1.00 109.59 ? 101 MET A O   1 
ATOM   775  C CB  . MET A 1 101 ? 11.251  10.582  1.140   1.00 122.51 ? 101 MET A CB  1 
ATOM   776  C CG  . MET A 1 101 ? 10.417  11.763  1.573   1.00 125.24 ? 101 MET A CG  1 
ATOM   777  S SD  . MET A 1 101 ? 10.267  12.935  0.223   1.00 116.46 ? 101 MET A SD  1 
ATOM   778  C CE  . MET A 1 101 ? 9.021   12.110  -0.814  1.00 175.36 ? 101 MET A CE  1 
ATOM   779  N N   . PRO A 1 102 ? 11.622  7.093   1.783   1.00 91.80  ? 102 PRO A N   1 
ATOM   780  C CA  . PRO A 1 102 ? 12.273  5.896   1.241   1.00 84.69  ? 102 PRO A CA  1 
ATOM   781  C C   . PRO A 1 102 ? 12.376  5.982   -0.277  1.00 96.04  ? 102 PRO A C   1 
ATOM   782  O O   . PRO A 1 102 ? 11.408  6.344   -0.950  1.00 102.36 ? 102 PRO A O   1 
ATOM   783  C CB  . PRO A 1 102 ? 11.351  4.769   1.689   1.00 85.87  ? 102 PRO A CB  1 
ATOM   784  C CG  . PRO A 1 102 ? 10.700  5.329   2.931   1.00 89.26  ? 102 PRO A CG  1 
ATOM   785  C CD  . PRO A 1 102 ? 10.405  6.739   2.529   1.00 91.87  ? 102 PRO A CD  1 
ATOM   786  N N   . LEU A 1 103 ? 13.544  5.644   -0.811  1.00 97.56  ? 103 LEU A N   1 
ATOM   787  C CA  . LEU A 1 103 ? 13.776  5.694   -2.250  1.00 94.44  ? 103 LEU A CA  1 
ATOM   788  C C   . LEU A 1 103 ? 13.939  4.297   -2.818  1.00 91.92  ? 103 LEU A C   1 
ATOM   789  O O   . LEU A 1 103 ? 13.989  3.326   -2.076  1.00 97.16  ? 103 LEU A O   1 
ATOM   790  C CB  . LEU A 1 103 ? 15.041  6.502   -2.548  1.00 100.38 ? 103 LEU A CB  1 
ATOM   791  C CG  . LEU A 1 103 ? 16.390  5.917   -2.101  1.00 101.35 ? 103 LEU A CG  1 
ATOM   792  C CD1 . LEU A 1 103 ? 16.824  4.780   -3.026  1.00 102.30 ? 103 LEU A CD1 1 
ATOM   793  C CD2 . LEU A 1 103 ? 17.437  7.013   -2.125  1.00 97.54  ? 103 LEU A CD2 1 
ATOM   794  N N   . THR A 1 104 ? 14.048  4.208   -4.139  1.00 93.77  ? 104 THR A N   1 
ATOM   795  C CA  . THR A 1 104 ? 14.224  2.929   -4.812  1.00 92.17  ? 104 THR A CA  1 
ATOM   796  C C   . THR A 1 104 ? 15.016  3.122   -6.089  1.00 97.77  ? 104 THR A C   1 
ATOM   797  O O   . THR A 1 104 ? 14.719  4.014   -6.878  1.00 95.30  ? 104 THR A O   1 
ATOM   798  C CB  . THR A 1 104 ? 12.881  2.311   -5.198  1.00 88.03  ? 104 THR A CB  1 
ATOM   799  O OG1 . THR A 1 104 ? 12.052  2.211   -4.036  1.00 88.70  ? 104 THR A OG1 1 
ATOM   800  C CG2 . THR A 1 104 ? 13.091  0.933   -5.802  1.00 83.33  ? 104 THR A CG2 1 
ATOM   801  N N   . VAL A 1 105 ? 16.027  2.288   -6.294  1.00 104.93 ? 105 VAL A N   1 
ATOM   802  C CA  . VAL A 1 105 ? 16.825  2.388   -7.505  1.00 107.61 ? 105 VAL A CA  1 
ATOM   803  C C   . VAL A 1 105 ? 15.900  2.137   -8.684  1.00 108.38 ? 105 VAL A C   1 
ATOM   804  O O   . VAL A 1 105 ? 14.999  1.309   -8.602  1.00 106.03 ? 105 VAL A O   1 
ATOM   805  C CB  . VAL A 1 105 ? 17.941  1.333   -7.535  1.00 107.31 ? 105 VAL A CB  1 
ATOM   806  C CG1 . VAL A 1 105 ? 18.666  1.378   -8.872  1.00 105.86 ? 105 VAL A CG1 1 
ATOM   807  C CG2 . VAL A 1 105 ? 18.905  1.581   -6.403  1.00 104.55 ? 105 VAL A CG2 1 
ATOM   808  N N   . VAL A 1 106 ? 16.114  2.860   -9.773  1.00 113.96 ? 106 VAL A N   1 
ATOM   809  C CA  . VAL A 1 106 ? 15.288  2.686   -10.959 1.00 115.82 ? 106 VAL A CA  1 
ATOM   810  C C   . VAL A 1 106 ? 16.180  2.144   -12.071 1.00 123.99 ? 106 VAL A C   1 
ATOM   811  O O   . VAL A 1 106 ? 15.696  1.630   -13.079 1.00 126.80 ? 106 VAL A O   1 
ATOM   812  C CB  . VAL A 1 106 ? 14.653  4.029   -11.404 1.00 110.32 ? 106 VAL A CB  1 
ATOM   813  C CG1 . VAL A 1 106 ? 13.531  3.784   -12.405 1.00 103.87 ? 106 VAL A CG1 1 
ATOM   814  C CG2 . VAL A 1 106 ? 14.125  4.776   -10.191 1.00 112.34 ? 106 VAL A CG2 1 
ATOM   815  N N   . ALA A 1 107 ? 17.488  2.257   -11.869 1.00 129.34 ? 107 ALA A N   1 
ATOM   816  C CA  . ALA A 1 107 ? 18.469  1.786   -12.841 1.00 132.89 ? 107 ALA A CA  1 
ATOM   817  C C   . ALA A 1 107 ? 19.859  2.240   -12.430 1.00 132.43 ? 107 ALA A C   1 
ATOM   818  O O   . ALA A 1 107 ? 20.012  3.058   -11.524 1.00 134.90 ? 107 ALA A O   1 
ATOM   819  C CB  . ALA A 1 107 ? 18.140  2.324   -14.234 1.00 136.32 ? 107 ALA A CB  1 
ATOM   820  N N   . VAL A 1 108 ? 20.868  1.698   -13.100 1.00 131.60 ? 108 VAL A N   1 
ATOM   821  C CA  . VAL A 1 108 ? 22.256  2.041   -12.826 1.00 131.66 ? 108 VAL A CA  1 
ATOM   822  C C   . VAL A 1 108 ? 23.082  1.813   -14.083 1.00 138.11 ? 108 VAL A C   1 
ATOM   823  O O   . VAL A 1 108 ? 23.379  0.675   -14.444 1.00 139.98 ? 108 VAL A O   1 
ATOM   824  C CB  . VAL A 1 108 ? 22.846  1.181   -11.691 1.00 122.97 ? 108 VAL A CB  1 
ATOM   825  C CG1 . VAL A 1 108 ? 24.339  1.445   -11.562 1.00 122.32 ? 108 VAL A CG1 1 
ATOM   826  C CG2 . VAL A 1 108 ? 22.146  1.496   -10.383 1.00 118.69 ? 108 VAL A CG2 1 
ATOM   827  N N   . GLU A 1 109 ? 23.446  2.903   -14.749 1.00 140.75 ? 109 GLU A N   1 
ATOM   828  C CA  . GLU A 1 109 ? 24.235  2.825   -15.972 1.00 142.92 ? 109 GLU A CA  1 
ATOM   829  C C   . GLU A 1 109 ? 25.595  3.495   -15.775 1.00 147.92 ? 109 GLU A C   1 
ATOM   830  O O   . GLU A 1 109 ? 25.928  4.468   -16.455 1.00 151.48 ? 109 GLU A O   1 
ATOM   831  C CB  . GLU A 1 109 ? 23.468  3.490   -17.119 1.00 142.70 ? 109 GLU A CB  1 
ATOM   832  C CG  . GLU A 1 109 ? 24.175  3.456   -18.459 1.00 144.45 ? 109 GLU A CG  1 
ATOM   833  C CD  . GLU A 1 109 ? 23.314  4.003   -19.576 1.00 146.39 ? 109 GLU A CD  1 
ATOM   834  O OE1 . GLU A 1 109 ? 22.804  5.135   -19.430 1.00 144.58 ? 109 GLU A OE1 1 
ATOM   835  O OE2 . GLU A 1 109 ? 23.149  3.302   -20.597 1.00 147.63 ? 109 GLU A OE2 1 
ATOM   836  N N   . GLY A 1 110 ? 26.376  2.967   -14.834 1.00 147.05 ? 110 GLY A N   1 
ATOM   837  C CA  . GLY A 1 110 ? 27.691  3.519   -14.557 1.00 145.51 ? 110 GLY A CA  1 
ATOM   838  C C   . GLY A 1 110 ? 27.711  4.448   -13.358 1.00 144.45 ? 110 GLY A C   1 
ATOM   839  O O   . GLY A 1 110 ? 27.714  3.997   -12.213 1.00 145.74 ? 110 GLY A O   1 
ATOM   840  N N   . GLU A 1 111 ? 27.726  5.751   -13.626 1.00 142.71 ? 111 GLU A N   1 
ATOM   841  C CA  . GLU A 1 111 ? 27.748  6.762   -12.574 1.00 143.83 ? 111 GLU A CA  1 
ATOM   842  C C   . GLU A 1 111 ? 26.351  7.346   -12.393 1.00 140.31 ? 111 GLU A C   1 
ATOM   843  O O   . GLU A 1 111 ? 25.932  7.657   -11.278 1.00 139.65 ? 111 GLU A O   1 
ATOM   844  C CB  . GLU A 1 111 ? 28.729  7.877   -12.947 1.00 148.17 ? 111 GLU A CB  1 
ATOM   845  C CG  . GLU A 1 111 ? 28.985  8.897   -11.851 1.00 150.83 ? 111 GLU A CG  1 
ATOM   846  C CD  . GLU A 1 111 ? 29.710  8.302   -10.663 1.00 154.00 ? 111 GLU A CD  1 
ATOM   847  O OE1 . GLU A 1 111 ? 30.776  7.681   -10.863 1.00 152.08 ? 111 GLU A OE1 1 
ATOM   848  O OE2 . GLU A 1 111 ? 29.216  8.462   -9.526  1.00 157.88 ? 111 GLU A OE2 1 
ATOM   849  N N   . GLU A 1 112 ? 25.639  7.487   -13.507 1.00 137.39 ? 112 GLU A N   1 
ATOM   850  C CA  . GLU A 1 112 ? 24.285  8.030   -13.512 1.00 132.97 ? 112 GLU A CA  1 
ATOM   851  C C   . GLU A 1 112 ? 23.297  7.001   -12.951 1.00 122.24 ? 112 GLU A C   1 
ATOM   852  O O   . GLU A 1 112 ? 22.771  6.167   -13.688 1.00 118.02 ? 112 GLU A O   1 
ATOM   853  C CB  . GLU A 1 112 ? 23.890  8.418   -14.949 1.00 136.15 ? 112 GLU A CB  1 
ATOM   854  C CG  . GLU A 1 112 ? 22.605  9.236   -15.074 1.00 138.45 ? 112 GLU A CG  1 
ATOM   855  C CD  . GLU A 1 112 ? 22.265  9.607   -16.511 1.00 139.40 ? 112 GLU A CD  1 
ATOM   856  O OE1 . GLU A 1 112 ? 21.924  8.696   -17.296 1.00 138.86 ? 112 GLU A OE1 1 
ATOM   857  O OE2 . GLU A 1 112 ? 22.341  10.807  -16.856 1.00 138.58 ? 112 GLU A OE2 1 
ATOM   858  N N   . VAL A 1 113 ? 23.050  7.062   -11.644 1.00 117.89 ? 113 VAL A N   1 
ATOM   859  C CA  . VAL A 1 113 ? 22.124  6.135   -10.996 1.00 114.48 ? 113 VAL A CA  1 
ATOM   860  C C   . VAL A 1 113 ? 20.769  6.751   -10.667 1.00 108.81 ? 113 VAL A C   1 
ATOM   861  O O   . VAL A 1 113 ? 20.662  7.651   -9.829  1.00 110.00 ? 113 VAL A O   1 
ATOM   862  C CB  . VAL A 1 113 ? 22.722  5.562   -9.704  1.00 113.07 ? 113 VAL A CB  1 
ATOM   863  C CG1 . VAL A 1 113 ? 21.649  4.836   -8.902  1.00 109.45 ? 113 VAL A CG1 1 
ATOM   864  C CG2 . VAL A 1 113 ? 23.835  4.609   -10.051 1.00 114.05 ? 113 VAL A CG2 1 
ATOM   865  N N   . THR A 1 114 ? 19.738  6.233   -11.329 1.00 99.29  ? 114 THR A N   1 
ATOM   866  C CA  . THR A 1 114 ? 18.369  6.697   -11.150 1.00 95.90  ? 114 THR A CA  1 
ATOM   867  C C   . THR A 1 114 ? 17.784  6.214   -9.823  1.00 94.22  ? 114 THR A C   1 
ATOM   868  O O   . THR A 1 114 ? 18.146  5.149   -9.321  1.00 99.85  ? 114 THR A O   1 
ATOM   869  C CB  . THR A 1 114 ? 17.470  6.210   -12.321 1.00 105.65 ? 114 THR A CB  1 
ATOM   870  O OG1 . THR A 1 114 ? 18.042  6.627   -13.569 1.00 103.86 ? 114 THR A OG1 1 
ATOM   871  C CG2 . THR A 1 114 ? 16.066  6.794   -12.206 1.00 104.59 ? 114 THR A CG2 1 
ATOM   872  N N   . VAL A 1 115 ? 16.880  7.010   -9.257  1.00 88.32  ? 115 VAL A N   1 
ATOM   873  C CA  . VAL A 1 115 ? 16.243  6.679   -7.986  1.00 85.99  ? 115 VAL A CA  1 
ATOM   874  C C   . VAL A 1 115 ? 14.809  7.196   -7.977  1.00 87.33  ? 115 VAL A C   1 
ATOM   875  O O   . VAL A 1 115 ? 14.484  8.140   -8.697  1.00 90.58  ? 115 VAL A O   1 
ATOM   876  C CB  . VAL A 1 115 ? 17.014  7.303   -6.814  1.00 76.46  ? 115 VAL A CB  1 
ATOM   877  C CG1 . VAL A 1 115 ? 18.469  6.832   -6.847  1.00 68.79  ? 115 VAL A CG1 1 
ATOM   878  C CG2 . VAL A 1 115 ? 16.933  8.821   -6.893  1.00 73.93  ? 115 VAL A CG2 1 
ATOM   879  N N   . ASP A 1 116 ? 13.956  6.592   -7.153  1.00 77.80  ? 116 ASP A N   1 
ATOM   880  C CA  . ASP A 1 116 ? 12.564  6.998   -7.106  1.00 67.92  ? 116 ASP A CA  1 
ATOM   881  C C   . ASP A 1 116 ? 12.077  7.158   -5.684  1.00 67.10  ? 116 ASP A C   1 
ATOM   882  O O   . ASP A 1 116 ? 12.090  6.200   -4.917  1.00 66.88  ? 116 ASP A O   1 
ATOM   883  C CB  . ASP A 1 116 ? 11.697  5.960   -7.819  1.00 70.15  ? 116 ASP A CB  1 
ATOM   884  C CG  . ASP A 1 116 ? 10.389  6.544   -8.331  1.00 81.54  ? 116 ASP A CG  1 
ATOM   885  O OD1 . ASP A 1 116 ? 9.646   7.156   -7.535  1.00 83.09  ? 116 ASP A OD1 1 
ATOM   886  O OD2 . ASP A 1 116 ? 10.100  6.387   -9.536  1.00 87.48  ? 116 ASP A OD2 1 
ATOM   887  N N   . PHE A 1 117 ? 11.636  8.368   -5.341  1.00 72.09  ? 117 PHE A N   1 
ATOM   888  C CA  . PHE A 1 117 ? 11.125  8.653   -4.002  1.00 75.94  ? 117 PHE A CA  1 
ATOM   889  C C   . PHE A 1 117 ? 9.612   8.576   -3.928  1.00 84.71  ? 117 PHE A C   1 
ATOM   890  O O   . PHE A 1 117 ? 9.006   9.030   -2.958  1.00 89.39  ? 117 PHE A O   1 
ATOM   891  C CB  . PHE A 1 117 ? 11.573  10.036  -3.535  1.00 75.75  ? 117 PHE A CB  1 
ATOM   892  C CG  . PHE A 1 117 ? 13.057  10.191  -3.469  1.00 77.98  ? 117 PHE A CG  1 
ATOM   893  C CD1 . PHE A 1 117 ? 13.778  10.583  -4.595  1.00 82.97  ? 117 PHE A CD1 1 
ATOM   894  C CD2 . PHE A 1 117 ? 13.744  9.891   -2.298  1.00 70.50  ? 117 PHE A CD2 1 
ATOM   895  C CE1 . PHE A 1 117 ? 15.173  10.673  -4.556  1.00 82.24  ? 117 PHE A CE1 1 
ATOM   896  C CE2 . PHE A 1 117 ? 15.134  9.975   -2.245  1.00 71.65  ? 117 PHE A CE2 1 
ATOM   897  C CZ  . PHE A 1 117 ? 15.853  10.367  -3.378  1.00 76.93  ? 117 PHE A CZ  1 
ATOM   898  N N   . ASN A 1 118 ? 9.006   8.015   -4.967  1.00 88.31  ? 118 ASN A N   1 
ATOM   899  C CA  . ASN A 1 118 ? 7.559   7.857   -5.019  1.00 84.96  ? 118 ASN A CA  1 
ATOM   900  C C   . ASN A 1 118 ? 7.215   6.531   -4.381  1.00 87.07  ? 118 ASN A C   1 
ATOM   901  O O   . ASN A 1 118 ? 8.091   5.687   -4.194  1.00 87.46  ? 118 ASN A O   1 
ATOM   902  C CB  . ASN A 1 118 ? 7.058   7.837   -6.466  1.00 75.76  ? 118 ASN A CB  1 
ATOM   903  C CG  . ASN A 1 118 ? 7.012   9.209   -7.085  1.00 79.67  ? 118 ASN A CG  1 
ATOM   904  O OD1 . ASN A 1 118 ? 8.046   9.801   -7.393  1.00 88.81  ? 118 ASN A OD1 1 
ATOM   905  N ND2 . ASN A 1 118 ? 5.807   9.732   -7.264  1.00 73.68  ? 118 ASN A ND2 1 
ATOM   906  N N   . HIS A 1 119 ? 5.944   6.345   -4.045  1.00 82.67  ? 119 HIS A N   1 
ATOM   907  C CA  . HIS A 1 119 ? 5.512   5.086   -3.462  1.00 75.21  ? 119 HIS A CA  1 
ATOM   908  C C   . HIS A 1 119 ? 5.679   4.060   -4.575  1.00 76.89  ? 119 HIS A C   1 
ATOM   909  O O   . HIS A 1 119 ? 5.406   4.359   -5.739  1.00 76.77  ? 119 HIS A O   1 
ATOM   910  C CB  . HIS A 1 119 ? 4.043   5.147   -3.046  1.00 73.09  ? 119 HIS A CB  1 
ATOM   911  C CG  . HIS A 1 119 ? 3.544   3.877   -2.431  1.00 74.38  ? 119 HIS A CG  1 
ATOM   912  N ND1 . HIS A 1 119 ? 3.750   3.558   -1.106  1.00 67.06  ? 119 HIS A ND1 1 
ATOM   913  C CD2 . HIS A 1 119 ? 2.881   2.826   -2.969  1.00 82.62  ? 119 HIS A CD2 1 
ATOM   914  C CE1 . HIS A 1 119 ? 3.232   2.367   -0.853  1.00 73.38  ? 119 HIS A CE1 1 
ATOM   915  N NE2 . HIS A 1 119 ? 2.700   1.903   -1.969  1.00 87.25  ? 119 HIS A NE2 1 
ATOM   916  N N   . PRO A 1 120 ? 6.120   2.838   -4.238  1.00 73.04  ? 120 PRO A N   1 
ATOM   917  C CA  . PRO A 1 120 ? 6.327   1.762   -5.219  1.00 71.63  ? 120 PRO A CA  1 
ATOM   918  C C   . PRO A 1 120 ? 5.085   1.383   -6.013  1.00 64.96  ? 120 PRO A C   1 
ATOM   919  O O   . PRO A 1 120 ? 5.156   0.590   -6.953  1.00 64.76  ? 120 PRO A O   1 
ATOM   920  C CB  . PRO A 1 120 ? 6.852   0.610   -4.361  1.00 77.69  ? 120 PRO A CB  1 
ATOM   921  C CG  . PRO A 1 120 ? 6.187   0.849   -3.039  1.00 78.23  ? 120 PRO A CG  1 
ATOM   922  C CD  . PRO A 1 120 ? 6.356   2.345   -2.869  1.00 74.27  ? 120 PRO A CD  1 
ATOM   923  N N   . LEU A 1 121 ? 3.951   1.949   -5.626  1.00 66.09  ? 121 LEU A N   1 
ATOM   924  C CA  . LEU A 1 121 ? 2.695   1.684   -6.313  1.00 64.56  ? 121 LEU A CA  1 
ATOM   925  C C   . LEU A 1 121 ? 2.120   2.980   -6.847  1.00 71.01  ? 121 LEU A C   1 
ATOM   926  O O   . LEU A 1 121 ? 1.046   2.999   -7.442  1.00 77.51  ? 121 LEU A O   1 
ATOM   927  C CB  . LEU A 1 121 ? 1.697   1.040   -5.369  1.00 64.70  ? 121 LEU A CB  1 
ATOM   928  C CG  . LEU A 1 121 ? 2.168   -0.314  -4.864  1.00 67.73  ? 121 LEU A CG  1 
ATOM   929  C CD1 . LEU A 1 121 ? 1.176   -0.839  -3.835  1.00 66.62  ? 121 LEU A CD1 1 
ATOM   930  C CD2 . LEU A 1 121 ? 2.323   -1.262  -6.050  1.00 64.79  ? 121 LEU A CD2 1 
ATOM   931  N N   . ALA A 1 122 ? 2.838   4.071   -6.614  1.00 71.82  ? 122 ALA A N   1 
ATOM   932  C CA  . ALA A 1 122 ? 2.407   5.363   -7.104  1.00 73.04  ? 122 ALA A CA  1 
ATOM   933  C C   . ALA A 1 122 ? 2.300   5.227   -8.628  1.00 78.01  ? 122 ALA A C   1 
ATOM   934  O O   . ALA A 1 122 ? 3.123   4.558   -9.266  1.00 76.75  ? 122 ALA A O   1 
ATOM   935  C CB  . ALA A 1 122 ? 3.428   6.436   -6.718  1.00 65.39  ? 122 ALA A CB  1 
ATOM   936  N N   . GLY A 1 123 ? 1.262   5.831   -9.199  1.00 80.57  ? 123 GLY A N   1 
ATOM   937  C CA  . GLY A 1 123 ? 1.069   5.771   -10.635 1.00 83.22  ? 123 GLY A CA  1 
ATOM   938  C C   . GLY A 1 123 ? 0.519   4.461   -11.173 1.00 84.31  ? 123 GLY A C   1 
ATOM   939  O O   . GLY A 1 123 ? 0.430   4.289   -12.390 1.00 70.98  ? 123 GLY A O   1 
ATOM   940  N N   . LYS A 1 124 ? 0.142   3.539   -10.287 1.00 73.39  ? 124 LYS A N   1 
ATOM   941  C CA  . LYS A 1 124 ? -0.395  2.245   -10.719 1.00 75.02  ? 124 LYS A CA  1 
ATOM   942  C C   . LYS A 1 124 ? -1.834  1.996   -10.269 1.00 69.47  ? 124 LYS A C   1 
ATOM   943  O O   . LYS A 1 124 ? -2.257  2.463   -9.206  1.00 64.55  ? 124 LYS A O   1 
ATOM   944  C CB  . LYS A 1 124 ? 0.502   1.106   -10.223 1.00 70.31  ? 124 LYS A CB  1 
ATOM   945  C CG  . LYS A 1 124 ? 1.955   1.269   -10.634 1.00 71.42  ? 124 LYS A CG  1 
ATOM   946  C CD  . LYS A 1 124 ? 2.798   0.051   -10.276 1.00 72.38  ? 124 LYS A CD  1 
ATOM   947  C CE  . LYS A 1 124 ? 4.284   0.332   -10.525 1.00 74.58  ? 124 LYS A CE  1 
ATOM   948  N NZ  . LYS A 1 124 ? 5.178   -0.852  -10.343 1.00 77.04  ? 124 LYS A NZ  1 
ATOM   949  N N   . ASP A 1 125 ? -2.585  1.271   -11.099 1.00 69.87  ? 125 ASP A N   1 
ATOM   950  C CA  . ASP A 1 125 ? -3.975  0.943   -10.790 1.00 67.38  ? 125 ASP A CA  1 
ATOM   951  C C   . ASP A 1 125 ? -3.954  -0.466  -10.245 1.00 65.96  ? 125 ASP A C   1 
ATOM   952  O O   . ASP A 1 125 ? -3.266  -1.340  -10.778 1.00 67.56  ? 125 ASP A O   1 
ATOM   953  C CB  . ASP A 1 125 ? -4.853  1.033   -12.041 1.00 70.87  ? 125 ASP A CB  1 
ATOM   954  C CG  . ASP A 1 125 ? -4.802  2.408   -12.688 1.00 79.17  ? 125 ASP A CG  1 
ATOM   955  O OD1 . ASP A 1 125 ? -5.228  3.400   -12.054 1.00 68.64  ? 125 ASP A OD1 1 
ATOM   956  O OD2 . ASP A 1 125 ? -4.327  2.499   -13.839 1.00 94.82  ? 125 ASP A OD2 1 
ATOM   957  N N   . LEU A 1 126 ? -4.714  -0.674  -9.175  1.00 63.17  ? 126 LEU A N   1 
ATOM   958  C CA  . LEU A 1 126 ? -4.754  -1.952  -8.486  1.00 60.68  ? 126 LEU A CA  1 
ATOM   959  C C   . LEU A 1 126 ? -6.003  -2.751  -8.763  1.00 61.55  ? 126 LEU A C   1 
ATOM   960  O O   . LEU A 1 126 ? -7.117  -2.225  -8.731  1.00 66.71  ? 126 LEU A O   1 
ATOM   961  C CB  . LEU A 1 126 ? -4.651  -1.725  -6.980  1.00 56.91  ? 126 LEU A CB  1 
ATOM   962  C CG  . LEU A 1 126 ? -3.607  -0.712  -6.496  1.00 64.04  ? 126 LEU A CG  1 
ATOM   963  C CD1 . LEU A 1 126 ? -3.741  -0.499  -4.970  1.00 43.30  ? 126 LEU A CD1 1 
ATOM   964  C CD2 . LEU A 1 126 ? -2.205  -1.202  -6.876  1.00 63.58  ? 126 LEU A CD2 1 
ATOM   965  N N   . ASP A 1 127 ? -5.808  -4.037  -9.010  1.00 54.74  ? 127 ASP A N   1 
ATOM   966  C CA  . ASP A 1 127 ? -6.910  -4.943  -9.285  1.00 67.91  ? 127 ASP A CA  1 
ATOM   967  C C   . ASP A 1 127 ? -6.938  -5.990  -8.163  1.00 68.85  ? 127 ASP A C   1 
ATOM   968  O O   . ASP A 1 127 ? -6.012  -6.800  -8.019  1.00 68.33  ? 127 ASP A O   1 
ATOM   969  C CB  . ASP A 1 127 ? -6.708  -5.585  -10.669 1.00 73.26  ? 127 ASP A CB  1 
ATOM   970  C CG  . ASP A 1 127 ? -6.593  -4.540  -11.792 1.00 81.28  ? 127 ASP A CG  1 
ATOM   971  O OD1 . ASP A 1 127 ? -7.572  -3.798  -12.016 1.00 79.49  ? 127 ASP A OD1 1 
ATOM   972  O OD2 . ASP A 1 127 ? -5.530  -4.453  -12.452 1.00 89.37  ? 127 ASP A OD2 1 
ATOM   973  N N   . PHE A 1 128 ? -8.005  -5.955  -7.365  1.00 65.53  ? 128 PHE A N   1 
ATOM   974  C CA  . PHE A 1 128 ? -8.170  -6.853  -6.219  1.00 60.08  ? 128 PHE A CA  1 
ATOM   975  C C   . PHE A 1 128 ? -9.266  -7.905  -6.354  1.00 63.55  ? 128 PHE A C   1 
ATOM   976  O O   . PHE A 1 128 ? -10.297 -7.691  -6.985  1.00 58.36  ? 128 PHE A O   1 
ATOM   977  C CB  . PHE A 1 128 ? -8.515  -6.051  -4.946  1.00 61.89  ? 128 PHE A CB  1 
ATOM   978  C CG  . PHE A 1 128 ? -7.386  -5.221  -4.387  1.00 62.63  ? 128 PHE A CG  1 
ATOM   979  C CD1 . PHE A 1 128 ? -6.447  -5.786  -3.530  1.00 56.57  ? 128 PHE A CD1 1 
ATOM   980  C CD2 . PHE A 1 128 ? -7.282  -3.864  -4.696  1.00 62.84  ? 128 PHE A CD2 1 
ATOM   981  C CE1 . PHE A 1 128 ? -5.416  -5.016  -2.984  1.00 54.48  ? 128 PHE A CE1 1 
ATOM   982  C CE2 . PHE A 1 128 ? -6.253  -3.082  -4.157  1.00 61.72  ? 128 PHE A CE2 1 
ATOM   983  C CZ  . PHE A 1 128 ? -5.319  -3.661  -3.299  1.00 54.91  ? 128 PHE A CZ  1 
ATOM   984  N N   . GLN A 1 129 ? -9.028  -9.042  -5.722  1.00 73.06  ? 129 GLN A N   1 
ATOM   985  C CA  . GLN A 1 129 ? -10.007 -10.111 -5.657  1.00 75.92  ? 129 GLN A CA  1 
ATOM   986  C C   . GLN A 1 129 ? -10.127 -10.194 -4.134  1.00 68.34  ? 129 GLN A C   1 
ATOM   987  O O   . GLN A 1 129 ? -9.129  -10.407 -3.429  1.00 62.95  ? 129 GLN A O   1 
ATOM   988  C CB  . GLN A 1 129 ? -9.458  -11.416 -6.254  1.00 81.36  ? 129 GLN A CB  1 
ATOM   989  C CG  . GLN A 1 129 ? -10.335 -11.997 -7.369  1.00 87.30  ? 129 GLN A CG  1 
ATOM   990  C CD  . GLN A 1 129 ? -11.707 -12.459 -6.883  1.00 94.51  ? 129 GLN A CD  1 
ATOM   991  O OE1 . GLN A 1 129 ? -12.631 -12.636 -7.676  1.00 97.86  ? 129 GLN A OE1 1 
ATOM   992  N NE2 . GLN A 1 129 ? -11.838 -12.667 -5.578  1.00 92.30  ? 129 GLN A NE2 1 
ATOM   993  N N   . VAL A 1 130 ? -11.333 -9.971  -3.624  1.00 67.45  ? 130 VAL A N   1 
ATOM   994  C CA  . VAL A 1 130 ? -11.555 -9.982  -2.184  1.00 65.37  ? 130 VAL A CA  1 
ATOM   995  C C   . VAL A 1 130 ? -12.558 -11.015 -1.723  1.00 65.17  ? 130 VAL A C   1 
ATOM   996  O O   . VAL A 1 130 ? -13.422 -11.452 -2.479  1.00 68.34  ? 130 VAL A O   1 
ATOM   997  C CB  . VAL A 1 130 ? -12.073 -8.616  -1.699  1.00 66.03  ? 130 VAL A CB  1 
ATOM   998  C CG1 . VAL A 1 130 ? -12.099 -8.577  -0.173  1.00 63.31  ? 130 VAL A CG1 1 
ATOM   999  C CG2 . VAL A 1 130 ? -11.208 -7.499  -2.270  1.00 67.52  ? 130 VAL A CG2 1 
ATOM   1000 N N   . GLU A 1 131 ? -12.427 -11.401 -0.464  1.00 60.76  ? 131 GLU A N   1 
ATOM   1001 C CA  . GLU A 1 131 ? -13.340 -12.343 0.148   1.00 66.90  ? 131 GLU A CA  1 
ATOM   1002 C C   . GLU A 1 131 ? -13.519 -11.906 1.604   1.00 62.64  ? 131 GLU A C   1 
ATOM   1003 O O   . GLU A 1 131 ? -12.569 -11.930 2.388   1.00 61.84  ? 131 GLU A O   1 
ATOM   1004 C CB  . GLU A 1 131 ? -12.784 -13.769 0.075   1.00 74.42  ? 131 GLU A CB  1 
ATOM   1005 C CG  . GLU A 1 131 ? -13.781 -14.834 0.538   1.00 83.31  ? 131 GLU A CG  1 
ATOM   1006 C CD  . GLU A 1 131 ? -13.226 -16.253 0.468   1.00 92.22  ? 131 GLU A CD  1 
ATOM   1007 O OE1 . GLU A 1 131 ? -12.973 -16.752 -0.651  1.00 89.41  ? 131 GLU A OE1 1 
ATOM   1008 O OE2 . GLU A 1 131 ? -13.042 -16.872 1.538   1.00 95.92  ? 131 GLU A OE2 1 
ATOM   1009 N N   . VAL A 1 132 ? -14.735 -11.486 1.947   1.00 58.95  ? 132 VAL A N   1 
ATOM   1010 C CA  . VAL A 1 132 ? -15.062 -11.045 3.296   1.00 60.26  ? 132 VAL A CA  1 
ATOM   1011 C C   . VAL A 1 132 ? -15.259 -12.252 4.210   1.00 60.94  ? 132 VAL A C   1 
ATOM   1012 O O   . VAL A 1 132 ? -16.346 -12.820 4.287   1.00 71.48  ? 132 VAL A O   1 
ATOM   1013 C CB  . VAL A 1 132 ? -16.345 -10.202 3.298   1.00 59.05  ? 132 VAL A CB  1 
ATOM   1014 C CG1 . VAL A 1 132 ? -16.578 -9.616  4.687   1.00 49.62  ? 132 VAL A CG1 1 
ATOM   1015 C CG2 . VAL A 1 132 ? -16.245 -9.116  2.243   1.00 53.36  ? 132 VAL A CG2 1 
ATOM   1016 N N   . VAL A 1 133 ? -14.196 -12.619 4.911   1.00 54.54  ? 133 VAL A N   1 
ATOM   1017 C CA  . VAL A 1 133 ? -14.190 -13.768 5.817   1.00 60.48  ? 133 VAL A CA  1 
ATOM   1018 C C   . VAL A 1 133 ? -15.014 -13.565 7.089   1.00 68.88  ? 133 VAL A C   1 
ATOM   1019 O O   . VAL A 1 133 ? -16.021 -14.247 7.309   1.00 67.80  ? 133 VAL A O   1 
ATOM   1020 C CB  . VAL A 1 133 ? -12.732 -14.136 6.237   1.00 59.66  ? 133 VAL A CB  1 
ATOM   1021 C CG1 . VAL A 1 133 ? -12.741 -15.348 7.151   1.00 52.80  ? 133 VAL A CG1 1 
ATOM   1022 C CG2 . VAL A 1 133 ? -11.870 -14.399 4.998   1.00 63.34  ? 133 VAL A CG2 1 
ATOM   1023 N N   . LYS A 1 134 ? -14.580 -12.628 7.924   1.00 71.97  ? 134 LYS A N   1 
ATOM   1024 C CA  . LYS A 1 134 ? -15.260 -12.354 9.179   1.00 68.52  ? 134 LYS A CA  1 
ATOM   1025 C C   . LYS A 1 134 ? -15.654 -10.890 9.274   1.00 65.12  ? 134 LYS A C   1 
ATOM   1026 O O   . LYS A 1 134 ? -14.905 -10.016 8.835   1.00 65.71  ? 134 LYS A O   1 
ATOM   1027 C CB  . LYS A 1 134 ? -14.338 -12.715 10.342  1.00 73.25  ? 134 LYS A CB  1 
ATOM   1028 C CG  . LYS A 1 134 ? -14.987 -12.688 11.722  1.00 82.60  ? 134 LYS A CG  1 
ATOM   1029 C CD  . LYS A 1 134 ? -16.043 -13.775 11.871  1.00 91.10  ? 134 LYS A CD  1 
ATOM   1030 C CE  . LYS A 1 134 ? -16.283 -14.144 13.340  1.00 97.27  ? 134 LYS A CE  1 
ATOM   1031 N NZ  . LYS A 1 134 ? -16.758 -13.012 14.186  1.00 95.23  ? 134 LYS A NZ  1 
ATOM   1032 N N   . VAL A 1 135 ? -16.836 -10.635 9.830   1.00 65.77  ? 135 VAL A N   1 
ATOM   1033 C CA  . VAL A 1 135 ? -17.329 -9.270  10.022  1.00 66.16  ? 135 VAL A CA  1 
ATOM   1034 C C   . VAL A 1 135 ? -17.982 -9.119  11.390  1.00 72.75  ? 135 VAL A C   1 
ATOM   1035 O O   . VAL A 1 135 ? -19.175 -9.353  11.537  1.00 87.05  ? 135 VAL A O   1 
ATOM   1036 C CB  . VAL A 1 135 ? -18.388 -8.857  8.974   1.00 59.15  ? 135 VAL A CB  1 
ATOM   1037 C CG1 . VAL A 1 135 ? -18.863 -7.430  9.261   1.00 59.54  ? 135 VAL A CG1 1 
ATOM   1038 C CG2 . VAL A 1 135 ? -17.813 -8.933  7.581   1.00 58.69  ? 135 VAL A CG2 1 
ATOM   1039 N N   . ARG A 1 136 ? -17.202 -8.734  12.392  1.00 62.39  ? 136 ARG A N   1 
ATOM   1040 C CA  . ARG A 1 136 ? -17.759 -8.548  13.720  1.00 55.78  ? 136 ARG A CA  1 
ATOM   1041 C C   . ARG A 1 136 ? -17.864 -7.067  14.075  1.00 62.66  ? 136 ARG A C   1 
ATOM   1042 O O   . ARG A 1 136 ? -17.434 -6.186  13.321  1.00 58.45  ? 136 ARG A O   1 
ATOM   1043 C CB  . ARG A 1 136 ? -16.917 -9.278  14.774  1.00 51.52  ? 136 ARG A CB  1 
ATOM   1044 C CG  . ARG A 1 136 ? -15.516 -8.727  14.982  1.00 48.16  ? 136 ARG A CG  1 
ATOM   1045 C CD  . ARG A 1 136 ? -14.789 -9.497  16.072  1.00 47.26  ? 136 ARG A CD  1 
ATOM   1046 N NE  . ARG A 1 136 ? -13.386 -9.108  16.194  1.00 56.25  ? 136 ARG A NE  1 
ATOM   1047 C CZ  . ARG A 1 136 ? -12.969 -7.939  16.681  1.00 55.16  ? 136 ARG A CZ  1 
ATOM   1048 N NH1 . ARG A 1 136 ? -13.855 -7.034  17.104  1.00 42.52  ? 136 ARG A NH1 1 
ATOM   1049 N NH2 . ARG A 1 136 ? -11.664 -7.667  16.737  1.00 49.79  ? 136 ARG A NH2 1 
ATOM   1050 N N   . GLU A 1 137 ? -18.449 -6.812  15.239  1.00 63.04  ? 137 GLU A N   1 
ATOM   1051 C CA  . GLU A 1 137 ? -18.636 -5.465  15.748  1.00 54.40  ? 137 GLU A CA  1 
ATOM   1052 C C   . GLU A 1 137 ? -17.341 -5.105  16.490  1.00 58.13  ? 137 GLU A C   1 
ATOM   1053 O O   . GLU A 1 137 ? -16.705 -5.982  17.081  1.00 61.80  ? 137 GLU A O   1 
ATOM   1054 C CB  . GLU A 1 137 ? -19.839 -5.464  16.694  1.00 54.59  ? 137 GLU A CB  1 
ATOM   1055 C CG  . GLU A 1 137 ? -20.447 -4.106  16.956  1.00 62.49  ? 137 GLU A CG  1 
ATOM   1056 C CD  . GLU A 1 137 ? -21.038 -3.465  15.715  1.00 75.36  ? 137 GLU A CD  1 
ATOM   1057 O OE1 . GLU A 1 137 ? -22.029 -4.009  15.171  1.00 75.76  ? 137 GLU A OE1 1 
ATOM   1058 O OE2 . GLU A 1 137 ? -20.510 -2.411  15.286  1.00 78.59  ? 137 GLU A OE2 1 
ATOM   1059 N N   . ALA A 1 138 ? -16.939 -3.835  16.447  1.00 54.02  ? 138 ALA A N   1 
ATOM   1060 C CA  . ALA A 1 138 ? -15.708 -3.404  17.107  1.00 50.46  ? 138 ALA A CA  1 
ATOM   1061 C C   . ALA A 1 138 ? -15.904 -3.168  18.588  1.00 58.49  ? 138 ALA A C   1 
ATOM   1062 O O   . ALA A 1 138 ? -16.956 -2.717  19.017  1.00 60.55  ? 138 ALA A O   1 
ATOM   1063 C CB  . ALA A 1 138 ? -15.182 -2.137  16.462  1.00 45.53  ? 138 ALA A CB  1 
ATOM   1064 N N   . THR A 1 139 ? -14.876 -3.462  19.372  1.00 64.59  ? 139 THR A N   1 
ATOM   1065 C CA  . THR A 1 139 ? -14.951 -3.270  20.811  1.00 59.65  ? 139 THR A CA  1 
ATOM   1066 C C   . THR A 1 139 ? -14.606 -1.836  21.159  1.00 63.72  ? 139 THR A C   1 
ATOM   1067 O O   . THR A 1 139 ? -14.048 -1.092  20.343  1.00 67.16  ? 139 THR A O   1 
ATOM   1068 C CB  . THR A 1 139 ? -13.942 -4.153  21.565  1.00 53.73  ? 139 THR A CB  1 
ATOM   1069 O OG1 . THR A 1 139 ? -12.620 -3.625  21.393  1.00 58.68  ? 139 THR A OG1 1 
ATOM   1070 C CG2 . THR A 1 139 ? -13.995 -5.566  21.047  1.00 42.75  ? 139 THR A CG2 1 
ATOM   1071 N N   . PRO A 1 140 ? -14.935 -1.428  22.389  1.00 57.93  ? 140 PRO A N   1 
ATOM   1072 C CA  . PRO A 1 140 ? -14.652 -0.076  22.868  1.00 41.77  ? 140 PRO A CA  1 
ATOM   1073 C C   . PRO A 1 140 ? -13.167 0.298   22.733  1.00 43.47  ? 140 PRO A C   1 
ATOM   1074 O O   . PRO A 1 140 ? -12.834 1.439   22.374  1.00 45.44  ? 140 PRO A O   1 
ATOM   1075 C CB  . PRO A 1 140 ? -15.106 -0.151  24.321  1.00 44.69  ? 140 PRO A CB  1 
ATOM   1076 C CG  . PRO A 1 140 ? -16.318 -1.027  24.226  1.00 47.60  ? 140 PRO A CG  1 
ATOM   1077 C CD  . PRO A 1 140 ? -15.813 -2.145  23.336  1.00 56.94  ? 140 PRO A CD  1 
ATOM   1078 N N   . GLU A 1 141 ? -12.279 -0.664  23.009  1.00 44.80  ? 141 GLU A N   1 
ATOM   1079 C CA  . GLU A 1 141 ? -10.835 -0.416  22.943  1.00 48.67  ? 141 GLU A CA  1 
ATOM   1080 C C   . GLU A 1 141 ? -10.430 -0.171  21.511  1.00 57.00  ? 141 GLU A C   1 
ATOM   1081 O O   . GLU A 1 141 ? -9.692  0.762   21.197  1.00 60.04  ? 141 GLU A O   1 
ATOM   1082 C CB  . GLU A 1 141 ? -10.037 -1.601  23.483  1.00 56.60  ? 141 GLU A CB  1 
ATOM   1083 C CG  . GLU A 1 141 ? -10.340 -1.978  24.918  1.00 61.48  ? 141 GLU A CG  1 
ATOM   1084 C CD  . GLU A 1 141 ? -11.650 -2.725  25.049  1.00 79.70  ? 141 GLU A CD  1 
ATOM   1085 O OE1 . GLU A 1 141 ? -12.049 -3.026  26.194  1.00 88.94  ? 141 GLU A OE1 1 
ATOM   1086 O OE2 . GLU A 1 141 ? -12.281 -3.016  24.006  1.00 86.45  ? 141 GLU A OE2 1 
ATOM   1087 N N   . GLU A 1 142 ? -10.922 -1.031  20.637  1.00 59.47  ? 142 GLU A N   1 
ATOM   1088 C CA  . GLU A 1 142 ? -10.624 -0.899  19.237  1.00 50.74  ? 142 GLU A CA  1 
ATOM   1089 C C   . GLU A 1 142 ? -11.013 0.516   18.814  1.00 53.96  ? 142 GLU A C   1 
ATOM   1090 O O   . GLU A 1 142 ? -10.175 1.253   18.290  1.00 57.44  ? 142 GLU A O   1 
ATOM   1091 C CB  . GLU A 1 142 ? -11.391 -1.970  18.456  1.00 52.87  ? 142 GLU A CB  1 
ATOM   1092 C CG  . GLU A 1 142 ? -11.056 -3.369  18.948  1.00 60.21  ? 142 GLU A CG  1 
ATOM   1093 C CD  . GLU A 1 142 ? -11.527 -4.477  18.029  1.00 63.07  ? 142 GLU A CD  1 
ATOM   1094 O OE1 . GLU A 1 142 ? -12.758 -4.661  17.897  1.00 60.53  ? 142 GLU A OE1 1 
ATOM   1095 O OE2 . GLU A 1 142 ? -10.656 -5.166  17.446  1.00 58.40  ? 142 GLU A OE2 1 
ATOM   1096 N N   . LEU A 1 143 ? -12.260 0.917   19.078  1.00 43.93  ? 143 LEU A N   1 
ATOM   1097 C CA  . LEU A 1 143 ? -12.716 2.256   18.698  1.00 39.37  ? 143 LEU A CA  1 
ATOM   1098 C C   . LEU A 1 143 ? -11.821 3.374   19.242  1.00 56.48  ? 143 LEU A C   1 
ATOM   1099 O O   . LEU A 1 143 ? -11.492 4.326   18.530  1.00 59.16  ? 143 LEU A O   1 
ATOM   1100 C CB  . LEU A 1 143 ? -14.151 2.474   19.166  1.00 38.21  ? 143 LEU A CB  1 
ATOM   1101 C CG  . LEU A 1 143 ? -15.180 1.646   18.407  1.00 41.42  ? 143 LEU A CG  1 
ATOM   1102 C CD1 . LEU A 1 143 ? -16.525 1.710   19.101  1.00 34.42  ? 143 LEU A CD1 1 
ATOM   1103 C CD2 . LEU A 1 143 ? -15.257 2.146   16.981  1.00 32.82  ? 143 LEU A CD2 1 
ATOM   1104 N N   . LEU A 1 144 ? -11.442 3.263   20.512  1.00 61.12  ? 144 LEU A N   1 
ATOM   1105 C CA  . LEU A 1 144 ? -10.569 4.259   21.126  1.00 53.40  ? 144 LEU A CA  1 
ATOM   1106 C C   . LEU A 1 144 ? -9.201  4.240   20.458  1.00 49.83  ? 144 LEU A C   1 
ATOM   1107 O O   . LEU A 1 144 ? -8.643  5.289   20.127  1.00 51.68  ? 144 LEU A O   1 
ATOM   1108 C CB  . LEU A 1 144 ? -10.391 3.975   22.623  1.00 41.88  ? 144 LEU A CB  1 
ATOM   1109 C CG  . LEU A 1 144 ? -11.597 4.180   23.544  1.00 49.32  ? 144 LEU A CG  1 
ATOM   1110 C CD1 . LEU A 1 144 ? -11.197 3.845   24.972  1.00 46.65  ? 144 LEU A CD1 1 
ATOM   1111 C CD2 . LEU A 1 144 ? -12.098 5.632   23.448  1.00 50.20  ? 144 LEU A CD2 1 
ATOM   1112 N N   . HIS A 1 145 ? -8.662  3.037   20.269  1.00 45.59  ? 145 HIS A N   1 
ATOM   1113 C CA  . HIS A 1 145 ? -7.350  2.864   19.644  1.00 54.23  ? 145 HIS A CA  1 
ATOM   1114 C C   . HIS A 1 145 ? -7.415  3.207   18.142  1.00 54.29  ? 145 HIS A C   1 
ATOM   1115 O O   . HIS A 1 145 ? -6.424  3.617   17.549  1.00 54.21  ? 145 HIS A O   1 
ATOM   1116 C CB  . HIS A 1 145 ? -6.865  1.420   19.864  1.00 67.11  ? 145 HIS A CB  1 
ATOM   1117 C CG  . HIS A 1 145 ? -5.466  1.169   19.396  1.00 87.44  ? 145 HIS A CG  1 
ATOM   1118 N ND1 . HIS A 1 145 ? -4.373  1.818   19.928  1.00 97.64  ? 145 HIS A ND1 1 
ATOM   1119 C CD2 . HIS A 1 145 ? -4.983  0.344   18.432  1.00 96.88  ? 145 HIS A CD2 1 
ATOM   1120 C CE1 . HIS A 1 145 ? -3.276  1.407   19.314  1.00 100.37 ? 145 HIS A CE1 1 
ATOM   1121 N NE2 . HIS A 1 145 ? -3.619  0.513   18.402  1.00 100.75 ? 145 HIS A NE2 1 
ATOM   1122 N N   . GLY A 1 146 ? -8.593  3.066   17.540  1.00 51.13  ? 146 GLY A N   1 
ATOM   1123 C CA  . GLY A 1 146 ? -8.744  3.382   16.129  1.00 46.26  ? 146 GLY A CA  1 
ATOM   1124 C C   . GLY A 1 146 ? -8.260  2.287   15.200  1.00 49.20  ? 146 GLY A C   1 
ATOM   1125 O O   . GLY A 1 146 ? -8.187  2.480   13.978  1.00 48.19  ? 146 GLY A O   1 
ATOM   1126 N N   . HIS A 1 147 ? -7.924  1.139   15.783  1.00 47.41  ? 147 HIS A N   1 
ATOM   1127 C CA  . HIS A 1 147 ? -7.434  0.003   15.019  1.00 58.17  ? 147 HIS A CA  1 
ATOM   1128 C C   . HIS A 1 147 ? -7.963  -1.299  15.586  1.00 60.12  ? 147 HIS A C   1 
ATOM   1129 O O   . HIS A 1 147 ? -8.297  -1.382  16.768  1.00 65.05  ? 147 HIS A O   1 
ATOM   1130 C CB  . HIS A 1 147 ? -5.912  -0.040  15.051  1.00 70.32  ? 147 HIS A CB  1 
ATOM   1131 C CG  . HIS A 1 147 ? -5.261  1.168   14.460  1.00 87.96  ? 147 HIS A CG  1 
ATOM   1132 N ND1 . HIS A 1 147 ? -4.362  1.946   15.162  1.00 94.79  ? 147 HIS A ND1 1 
ATOM   1133 C CD2 . HIS A 1 147 ? -5.357  1.721   13.229  1.00 89.67  ? 147 HIS A CD2 1 
ATOM   1134 C CE1 . HIS A 1 147 ? -3.932  2.923   14.385  1.00 92.20  ? 147 HIS A CE1 1 
ATOM   1135 N NE2 . HIS A 1 147 ? -4.519  2.811   13.207  1.00 88.19  ? 147 HIS A NE2 1 
ATOM   1136 N N   . ALA A 1 148 ? -8.024  -2.317  14.733  1.00 61.07  ? 148 ALA A N   1 
ATOM   1137 C CA  . ALA A 1 148 ? -8.494  -3.639  15.135  1.00 65.71  ? 148 ALA A CA  1 
ATOM   1138 C C   . ALA A 1 148 ? -7.399  -4.371  15.908  1.00 70.73  ? 148 ALA A C   1 
ATOM   1139 O O   . ALA A 1 148 ? -6.205  -4.146  15.691  1.00 69.41  ? 148 ALA A O   1 
ATOM   1140 C CB  . ALA A 1 148 ? -8.897  -4.448  13.909  1.00 64.13  ? 148 ALA A CB  1 
ATOM   1141 N N   . HIS A 1 149 ? -7.811  -5.239  16.824  1.00 77.49  ? 149 HIS A N   1 
ATOM   1142 C CA  . HIS A 1 149 ? -6.857  -5.992  17.620  1.00 85.87  ? 149 HIS A CA  1 
ATOM   1143 C C   . HIS A 1 149 ? -6.892  -7.448  17.194  1.00 96.88  ? 149 HIS A C   1 
ATOM   1144 O O   . HIS A 1 149 ? -7.932  -7.936  16.740  1.00 97.78  ? 149 HIS A O   1 
ATOM   1145 C CB  . HIS A 1 149 ? -7.184  -5.861  19.111  1.00 80.41  ? 149 HIS A CB  1 
ATOM   1146 C CG  . HIS A 1 149 ? -7.061  -4.463  19.626  1.00 81.56  ? 149 HIS A CG  1 
ATOM   1147 N ND1 . HIS A 1 149 ? -5.931  -3.696  19.428  1.00 79.94  ? 149 HIS A ND1 1 
ATOM   1148 C CD2 . HIS A 1 149 ? -7.931  -3.680  20.308  1.00 87.81  ? 149 HIS A CD2 1 
ATOM   1149 C CE1 . HIS A 1 149 ? -6.112  -2.502  19.963  1.00 80.12  ? 149 HIS A CE1 1 
ATOM   1150 N NE2 . HIS A 1 149 ? -7.317  -2.465  20.503  1.00 85.39  ? 149 HIS A NE2 1 
ATOM   1151 N N   . PRO A 1 150 ? -5.750  -8.157  17.314  1.00 103.24 ? 150 PRO A N   1 
ATOM   1152 C CA  . PRO A 1 150 ? -5.664  -9.573  16.934  1.00 108.17 ? 150 PRO A CA  1 
ATOM   1153 C C   . PRO A 1 150 ? -6.795  -10.404 17.546  1.00 111.90 ? 150 PRO A C   1 
ATOM   1154 O O   . PRO A 1 150 ? -7.063  -11.527 17.117  1.00 103.15 ? 150 PRO A O   1 
ATOM   1155 C CB  . PRO A 1 150 ? -4.283  -9.971  17.442  1.00 107.94 ? 150 PRO A CB  1 
ATOM   1156 C CG  . PRO A 1 150 ? -3.487  -8.709  17.227  1.00 103.56 ? 150 PRO A CG  1 
ATOM   1157 C CD  . PRO A 1 150 ? -4.434  -7.653  17.756  1.00 100.10 ? 150 PRO A CD  1 
ATOM   1158 N N   . SER A 1 151 ? -7.453  -9.828  18.548  1.00 126.71 ? 151 SER A N   1 
ATOM   1159 C CA  . SER A 1 151 ? -8.569  -10.465 19.237  1.00 140.54 ? 151 SER A CA  1 
ATOM   1160 C C   . SER A 1 151 ? -9.674  -10.826 18.247  1.00 149.53 ? 151 SER A C   1 
ATOM   1161 O O   . SER A 1 151 ? -10.019 -12.026 18.182  1.00 154.41 ? 151 SER A O   1 
ATOM   1162 C CB  . SER A 1 151 ? -9.126  -9.523  20.311  1.00 140.89 ? 151 SER A CB  1 
ATOM   1163 O OG  . SER A 1 151 ? -9.518  -8.276  19.754  1.00 138.10 ? 151 SER A OG  1 
HETATM 1164 S S   . SO4 B 2 .   ? -20.215 -7.867  -7.329  0.50 53.19  ? 159 SO4 A S   1 
HETATM 1165 O O1  . SO4 B 2 .   ? -20.912 -8.071  -8.609  0.50 54.02  ? 159 SO4 A O1  1 
HETATM 1166 O O2  . SO4 B 2 .   ? -19.180 -6.824  -7.484  0.50 50.84  ? 159 SO4 A O2  1 
HETATM 1167 O O3  . SO4 B 2 .   ? -21.198 -7.436  -6.318  0.50 59.45  ? 159 SO4 A O3  1 
HETATM 1168 O O4  . SO4 B 2 .   ? -19.597 -9.145  -6.907  0.50 57.16  ? 159 SO4 A O4  1 
HETATM 1169 O O   . HOH C 3 .   ? -23.575 -2.143  8.268   1.00 73.16  ? 160 HOH A O   1 
HETATM 1170 O O   . HOH C 3 .   ? -16.345 5.498   16.166  1.00 45.73  ? 161 HOH A O   1 
HETATM 1171 O O   . HOH C 3 .   ? -15.942 5.921   13.669  1.00 47.65  ? 162 HOH A O   1 
HETATM 1172 O O   . HOH C 3 .   ? -7.639  4.891   13.165  1.00 42.07  ? 163 HOH A O   1 
HETATM 1173 O O   . HOH C 3 .   ? -5.818  -2.377  11.483  1.00 44.93  ? 164 HOH A O   1 
HETATM 1174 O O   . HOH C 3 .   ? -10.662 1.965   7.910   1.00 47.96  ? 165 HOH A O   1 
HETATM 1175 O O   . HOH C 3 .   ? -8.482  11.010  3.865   1.00 66.71  ? 166 HOH A O   1 
HETATM 1176 O O   . HOH C 3 .   ? -3.706  4.494   7.672   1.00 64.96  ? 167 HOH A O   1 
HETATM 1177 O O   . HOH C 3 .   ? -2.061  7.994   -0.623  1.00 76.33  ? 168 HOH A O   1 
HETATM 1178 O O   . HOH C 3 .   ? -4.606  -0.395  1.954   1.00 65.68  ? 169 HOH A O   1 
HETATM 1179 O O   . HOH C 3 .   ? 1.112   9.218   -12.576 1.00 85.03  ? 170 HOH A O   1 
HETATM 1180 O O   . HOH C 3 .   ? -21.000 2.271   7.255   1.00 58.62  ? 171 HOH A O   1 
HETATM 1181 O O   . HOH C 3 .   ? 1.712   -3.354  -18.456 1.00 63.40  ? 172 HOH A O   1 
HETATM 1182 O O   . HOH C 3 .   ? -15.859 -12.118 -9.814  1.00 68.96  ? 173 HOH A O   1 
HETATM 1183 O O   . HOH C 3 .   ? -21.201 -0.642  13.481  1.00 62.62  ? 174 HOH A O   1 
HETATM 1184 O O   . HOH C 3 .   ? -19.800 2.316   17.470  1.00 57.53  ? 175 HOH A O   1 
HETATM 1185 O O   . HOH C 3 .   ? -2.653  0.004   -13.892 1.00 60.20  ? 176 HOH A O   1 
HETATM 1186 O O   . HOH C 3 .   ? 0.435   -3.556  0.361   1.00 58.08  ? 177 HOH A O   1 
HETATM 1187 O O   . HOH C 3 .   ? -2.317  -2.812  0.395   1.00 69.61  ? 178 HOH A O   1 
HETATM 1188 O O   . HOH C 3 .   ? -3.822  -4.248  1.570   1.00 58.97  ? 179 HOH A O   1 
HETATM 1189 O O   . HOH C 3 .   ? -7.575  -1.065  11.294  1.00 55.97  ? 180 HOH A O   1 
# 
loop_
_pdbx_poly_seq_scheme.asym_id 
_pdbx_poly_seq_scheme.entity_id 
_pdbx_poly_seq_scheme.seq_id 
_pdbx_poly_seq_scheme.mon_id 
_pdbx_poly_seq_scheme.ndb_seq_num 
_pdbx_poly_seq_scheme.pdb_seq_num 
_pdbx_poly_seq_scheme.auth_seq_num 
_pdbx_poly_seq_scheme.pdb_mon_id 
_pdbx_poly_seq_scheme.auth_mon_id 
_pdbx_poly_seq_scheme.pdb_strand_id 
_pdbx_poly_seq_scheme.pdb_ins_code 
_pdbx_poly_seq_scheme.hetero 
A 1 1   MET 1   1   1   MET MET A . n 
A 1 2   LYS 2   2   2   LYS LYS A . n 
A 1 3   VAL 3   3   3   VAL VAL A . n 
A 1 4   GLY 4   4   4   GLY GLY A . n 
A 1 5   GLN 5   5   5   GLN GLN A . n 
A 1 6   ASP 6   6   6   ASP ASP A . n 
A 1 7   LYS 7   7   7   LYS LYS A . n 
A 1 8   VAL 8   8   8   VAL VAL A . n 
A 1 9   VAL 9   9   9   VAL VAL A . n 
A 1 10  THR 10  10  10  THR THR A . n 
A 1 11  ILE 11  11  11  ILE ILE A . n 
A 1 12  ARG 12  12  12  ARG ARG A . n 
A 1 13  TYR 13  13  13  TYR TYR A . n 
A 1 14  THR 14  14  14  THR THR A . n 
A 1 15  LEU 15  15  15  LEU LEU A . n 
A 1 16  GLN 16  16  16  GLN GLN A . n 
A 1 17  VAL 17  17  17  VAL VAL A . n 
A 1 18  GLU 18  18  18  GLU GLU A . n 
A 1 19  GLY 19  19  19  GLY GLY A . n 
A 1 20  GLU 20  20  20  GLU GLU A . n 
A 1 21  VAL 21  21  21  VAL VAL A . n 
A 1 22  LEU 22  22  22  LEU LEU A . n 
A 1 23  ASP 23  23  23  ASP ASP A . n 
A 1 24  GLN 24  24  24  GLN GLN A . n 
A 1 25  GLY 25  25  25  GLY GLY A . n 
A 1 26  GLU 26  26  26  GLU GLU A . n 
A 1 27  LEU 27  27  27  LEU LEU A . n 
A 1 28  SER 28  28  28  SER SER A . n 
A 1 29  TYR 29  29  29  TYR TYR A . n 
A 1 30  LEU 30  30  30  LEU LEU A . n 
A 1 31  HIS 31  31  31  HIS HIS A . n 
A 1 32  GLY 32  32  32  GLY GLY A . n 
A 1 33  HIS 33  33  33  HIS HIS A . n 
A 1 34  ARG 34  34  34  ARG ARG A . n 
A 1 35  ASN 35  35  35  ASN ASN A . n 
A 1 36  LEU 36  36  36  LEU LEU A . n 
A 1 37  ILE 37  37  37  ILE ILE A . n 
A 1 38  PRO 38  38  38  PRO PRO A . n 
A 1 39  GLY 39  39  39  GLY GLY A . n 
A 1 40  LEU 40  40  40  LEU LEU A . n 
A 1 41  GLU 41  41  41  GLU GLU A . n 
A 1 42  GLU 42  42  42  GLU GLU A . n 
A 1 43  ALA 43  43  43  ALA ALA A . n 
A 1 44  LEU 44  44  44  LEU LEU A . n 
A 1 45  GLU 45  45  45  GLU GLU A . n 
A 1 46  GLY 46  46  46  GLY GLY A . n 
A 1 47  ARG 47  47  47  ARG ARG A . n 
A 1 48  GLU 48  48  48  GLU GLU A . n 
A 1 49  GLU 49  49  49  GLU GLU A . n 
A 1 50  GLY 50  50  50  GLY GLY A . n 
A 1 51  GLU 51  51  51  GLU GLU A . n 
A 1 52  ALA 52  52  52  ALA ALA A . n 
A 1 53  PHE 53  53  53  PHE PHE A . n 
A 1 54  GLN 54  54  54  GLN GLN A . n 
A 1 55  ALA 55  55  55  ALA ALA A . n 
A 1 56  HIS 56  56  56  HIS HIS A . n 
A 1 57  VAL 57  57  57  VAL VAL A . n 
A 1 58  PRO 58  58  58  PRO PRO A . n 
A 1 59  ALA 59  59  59  ALA ALA A . n 
A 1 60  GLU 60  60  60  GLU GLU A . n 
A 1 61  LYS 61  61  61  LYS LYS A . n 
A 1 62  ALA 62  62  62  ALA ALA A . n 
A 1 63  TYR 63  63  63  TYR TYR A . n 
A 1 64  GLY 64  64  64  GLY GLY A . n 
A 1 65  PRO 65  65  65  PRO PRO A . n 
A 1 66  HIS 66  66  66  HIS HIS A . n 
A 1 67  ASP 67  67  67  ASP ASP A . n 
A 1 68  PRO 68  68  68  PRO PRO A . n 
A 1 69  GLU 69  69  69  GLU GLU A . n 
A 1 70  GLY 70  70  70  GLY GLY A . n 
A 1 71  VAL 71  71  71  VAL VAL A . n 
A 1 72  GLN 72  72  72  GLN GLN A . n 
A 1 73  VAL 73  73  73  VAL VAL A . n 
A 1 74  VAL 74  74  74  VAL VAL A . n 
A 1 75  PRO 75  75  75  PRO PRO A . n 
A 1 76  LEU 76  76  76  LEU LEU A . n 
A 1 77  SER 77  77  77  SER SER A . n 
A 1 78  ALA 78  78  78  ALA ALA A . n 
A 1 79  PHE 79  79  79  PHE PHE A . n 
A 1 80  PRO 80  80  80  PRO PRO A . n 
A 1 81  GLU 81  81  81  GLU GLU A . n 
A 1 82  ASP 82  82  82  ASP ASP A . n 
A 1 83  ALA 83  83  83  ALA ALA A . n 
A 1 84  GLU 84  84  84  GLU GLU A . n 
A 1 85  VAL 85  85  85  VAL VAL A . n 
A 1 86  VAL 86  86  86  VAL VAL A . n 
A 1 87  PRO 87  87  87  PRO PRO A . n 
A 1 88  GLY 88  88  88  GLY GLY A . n 
A 1 89  ALA 89  89  89  ALA ALA A . n 
A 1 90  GLN 90  90  90  GLN GLN A . n 
A 1 91  PHE 91  91  91  PHE PHE A . n 
A 1 92  TYR 92  92  92  TYR TYR A . n 
A 1 93  ALA 93  93  93  ALA ALA A . n 
A 1 94  GLN 94  94  94  GLN GLN A . n 
A 1 95  ASP 95  95  95  ASP ASP A . n 
A 1 96  MET 96  96  96  MET MET A . n 
A 1 97  GLU 97  97  97  GLU GLU A . n 
A 1 98  GLY 98  98  98  GLY GLY A . n 
A 1 99  ASN 99  99  99  ASN ASN A . n 
A 1 100 PRO 100 100 100 PRO PRO A . n 
A 1 101 MET 101 101 101 MET MET A . n 
A 1 102 PRO 102 102 102 PRO PRO A . n 
A 1 103 LEU 103 103 103 LEU LEU A . n 
A 1 104 THR 104 104 104 THR THR A . n 
A 1 105 VAL 105 105 105 VAL VAL A . n 
A 1 106 VAL 106 106 106 VAL VAL A . n 
A 1 107 ALA 107 107 107 ALA ALA A . n 
A 1 108 VAL 108 108 108 VAL VAL A . n 
A 1 109 GLU 109 109 109 GLU GLU A . n 
A 1 110 GLY 110 110 110 GLY GLY A . n 
A 1 111 GLU 111 111 111 GLU GLU A . n 
A 1 112 GLU 112 112 112 GLU GLU A . n 
A 1 113 VAL 113 113 113 VAL VAL A . n 
A 1 114 THR 114 114 114 THR THR A . n 
A 1 115 VAL 115 115 115 VAL VAL A . n 
A 1 116 ASP 116 116 116 ASP ASP A . n 
A 1 117 PHE 117 117 117 PHE PHE A . n 
A 1 118 ASN 118 118 118 ASN ASN A . n 
A 1 119 HIS 119 119 119 HIS HIS A . n 
A 1 120 PRO 120 120 120 PRO PRO A . n 
A 1 121 LEU 121 121 121 LEU LEU A . n 
A 1 122 ALA 122 122 122 ALA ALA A . n 
A 1 123 GLY 123 123 123 GLY GLY A . n 
A 1 124 LYS 124 124 124 LYS LYS A . n 
A 1 125 ASP 125 125 125 ASP ASP A . n 
A 1 126 LEU 126 126 126 LEU LEU A . n 
A 1 127 ASP 127 127 127 ASP ASP A . n 
A 1 128 PHE 128 128 128 PHE PHE A . n 
A 1 129 GLN 129 129 129 GLN GLN A . n 
A 1 130 VAL 130 130 130 VAL VAL A . n 
A 1 131 GLU 131 131 131 GLU GLU A . n 
A 1 132 VAL 132 132 132 VAL VAL A . n 
A 1 133 VAL 133 133 133 VAL VAL A . n 
A 1 134 LYS 134 134 134 LYS LYS A . n 
A 1 135 VAL 135 135 135 VAL VAL A . n 
A 1 136 ARG 136 136 136 ARG ARG A . n 
A 1 137 GLU 137 137 137 GLU GLU A . n 
A 1 138 ALA 138 138 138 ALA ALA A . n 
A 1 139 THR 139 139 139 THR THR A . n 
A 1 140 PRO 140 140 140 PRO PRO A . n 
A 1 141 GLU 141 141 141 GLU GLU A . n 
A 1 142 GLU 142 142 142 GLU GLU A . n 
A 1 143 LEU 143 143 143 LEU LEU A . n 
A 1 144 LEU 144 144 144 LEU LEU A . n 
A 1 145 HIS 145 145 145 HIS HIS A . n 
A 1 146 GLY 146 146 146 GLY GLY A . n 
A 1 147 HIS 147 147 147 HIS HIS A . n 
A 1 148 ALA 148 148 148 ALA ALA A . n 
A 1 149 HIS 149 149 149 HIS HIS A . n 
A 1 150 PRO 150 150 150 PRO PRO A . n 
A 1 151 SER 151 151 151 SER SER A . n 
A 1 152 GLY 152 152 ?   ?   ?   A . n 
A 1 153 HIS 153 153 ?   ?   ?   A . n 
A 1 154 HIS 154 154 ?   ?   ?   A . n 
A 1 155 HIS 155 155 ?   ?   ?   A . n 
A 1 156 HIS 156 156 ?   ?   ?   A . n 
A 1 157 HIS 157 157 ?   ?   ?   A . n 
A 1 158 HIS 158 158 ?   ?   ?   A . n 
# 
loop_
_pdbx_nonpoly_scheme.asym_id 
_pdbx_nonpoly_scheme.entity_id 
_pdbx_nonpoly_scheme.mon_id 
_pdbx_nonpoly_scheme.ndb_seq_num 
_pdbx_nonpoly_scheme.pdb_seq_num 
_pdbx_nonpoly_scheme.auth_seq_num 
_pdbx_nonpoly_scheme.pdb_mon_id 
_pdbx_nonpoly_scheme.auth_mon_id 
_pdbx_nonpoly_scheme.pdb_strand_id 
_pdbx_nonpoly_scheme.pdb_ins_code 
B 2 SO4 1  159 1  SO4 SO4 A . 
C 3 HOH 1  160 1  HOH HOH A . 
C 3 HOH 2  161 2  HOH HOH A . 
C 3 HOH 3  162 3  HOH HOH A . 
C 3 HOH 4  163 4  HOH HOH A . 
C 3 HOH 5  164 5  HOH HOH A . 
C 3 HOH 6  165 6  HOH HOH A . 
C 3 HOH 7  166 7  HOH HOH A . 
C 3 HOH 8  167 8  HOH HOH A . 
C 3 HOH 9  168 9  HOH HOH A . 
C 3 HOH 10 169 10 HOH HOH A . 
C 3 HOH 11 170 11 HOH HOH A . 
C 3 HOH 12 171 12 HOH HOH A . 
C 3 HOH 13 172 13 HOH HOH A . 
C 3 HOH 14 173 14 HOH HOH A . 
C 3 HOH 15 174 15 HOH HOH A . 
C 3 HOH 16 175 16 HOH HOH A . 
C 3 HOH 17 176 17 HOH HOH A . 
C 3 HOH 18 177 18 HOH HOH A . 
C 3 HOH 19 178 19 HOH HOH A . 
C 3 HOH 20 179 20 HOH HOH A . 
C 3 HOH 21 180 21 HOH HOH A . 
# 
loop_
_pdbx_struct_assembly.id 
_pdbx_struct_assembly.details 
_pdbx_struct_assembly.method_details 
_pdbx_struct_assembly.oligomeric_details 
_pdbx_struct_assembly.oligomeric_count 
1 author_defined_assembly   ?    monomeric 1 
2 software_defined_assembly PISA dimeric   2 
# 
loop_
_pdbx_struct_assembly_gen.assembly_id 
_pdbx_struct_assembly_gen.oper_expression 
_pdbx_struct_assembly_gen.asym_id_list 
1 1   A,B,C 
2 1,2 A,B,C 
# 
loop_
_pdbx_struct_assembly_prop.biol_id 
_pdbx_struct_assembly_prop.type 
_pdbx_struct_assembly_prop.value 
_pdbx_struct_assembly_prop.details 
2 'ABSA (A^2)' 1760  ? 
2 MORE         -26.8 ? 
2 'SSA (A^2)'  17450 ? 
# 
loop_
_pdbx_struct_oper_list.id 
_pdbx_struct_oper_list.type 
_pdbx_struct_oper_list.name 
_pdbx_struct_oper_list.symmetry_operation 
_pdbx_struct_oper_list.matrix[1][1] 
_pdbx_struct_oper_list.matrix[1][2] 
_pdbx_struct_oper_list.matrix[1][3] 
_pdbx_struct_oper_list.vector[1] 
_pdbx_struct_oper_list.matrix[2][1] 
_pdbx_struct_oper_list.matrix[2][2] 
_pdbx_struct_oper_list.matrix[2][3] 
_pdbx_struct_oper_list.vector[2] 
_pdbx_struct_oper_list.matrix[3][1] 
_pdbx_struct_oper_list.matrix[3][2] 
_pdbx_struct_oper_list.matrix[3][3] 
_pdbx_struct_oper_list.vector[3] 
1 'identity operation'         1_555 x,y,z           1.0000000000  0.0000000000 0.0000000000  0.0000000000  0.0000000000 1.0000000000  0.0000000000  0.0000000000  0.0000000000  0.0000000000  1.0000000000 0.0000000000 
2 'crystal symmetry operation' 8_544 x,-y-1/2,-z-1/2 -0.9815382523 0.0315148067 -0.1886517327 38.4538478620 0.0315148067 -0.9462031950 -0.3220346732 25.7100192369 -0.1886517327 -0.3220346732 0.9277414473 8.0580840827 
# 
loop_
_pdbx_audit_revision_history.ordinal 
_pdbx_audit_revision_history.data_content_type 
_pdbx_audit_revision_history.major_revision 
_pdbx_audit_revision_history.minor_revision 
_pdbx_audit_revision_history.revision_date 
1 'Structure model' 1 0 2009-03-10 
2 'Structure model' 1 1 2011-07-13 
3 'Structure model' 1 2 2023-11-01 
# 
_pdbx_audit_revision_details.ordinal             1 
_pdbx_audit_revision_details.revision_ordinal    1 
_pdbx_audit_revision_details.data_content_type   'Structure model' 
_pdbx_audit_revision_details.provider            repository 
_pdbx_audit_revision_details.type                'Initial release' 
_pdbx_audit_revision_details.description         ? 
_pdbx_audit_revision_details.details             ? 
# 
loop_
_pdbx_audit_revision_group.ordinal 
_pdbx_audit_revision_group.revision_ordinal 
_pdbx_audit_revision_group.data_content_type 
_pdbx_audit_revision_group.group 
1 2 'Structure model' 'Version format compliance' 
2 3 'Structure model' 'Data collection'           
3 3 'Structure model' 'Database references'       
4 3 'Structure model' 'Derived calculations'      
5 3 'Structure model' 'Refinement description'    
# 
loop_
_pdbx_audit_revision_category.ordinal 
_pdbx_audit_revision_category.revision_ordinal 
_pdbx_audit_revision_category.data_content_type 
_pdbx_audit_revision_category.category 
1 3 'Structure model' chem_comp_atom                
2 3 'Structure model' chem_comp_bond                
3 3 'Structure model' database_2                    
4 3 'Structure model' pdbx_initial_refinement_model 
5 3 'Structure model' struct_ref_seq_dif            
6 3 'Structure model' struct_site                   
# 
loop_
_pdbx_audit_revision_item.ordinal 
_pdbx_audit_revision_item.revision_ordinal 
_pdbx_audit_revision_item.data_content_type 
_pdbx_audit_revision_item.item 
1 3 'Structure model' '_database_2.pdbx_DOI'                
2 3 'Structure model' '_database_2.pdbx_database_accession' 
3 3 'Structure model' '_struct_ref_seq_dif.details'         
4 3 'Structure model' '_struct_site.pdbx_auth_asym_id'      
5 3 'Structure model' '_struct_site.pdbx_auth_comp_id'      
6 3 'Structure model' '_struct_site.pdbx_auth_seq_id'       
# 
_pdbx_phasing_MR.entry_id                     3CGN 
_pdbx_phasing_MR.method_rotation              ? 
_pdbx_phasing_MR.method_translation           ? 
_pdbx_phasing_MR.model_details                'Phaser MODE: MR_AUTO' 
_pdbx_phasing_MR.R_factor                     ? 
_pdbx_phasing_MR.R_rigid_body                 ? 
_pdbx_phasing_MR.correlation_coeff_Fo_to_Fc   ? 
_pdbx_phasing_MR.correlation_coeff_Io_to_Ic   ? 
_pdbx_phasing_MR.d_res_high_rotation          2.700 
_pdbx_phasing_MR.d_res_low_rotation           19.320 
_pdbx_phasing_MR.d_res_high_translation       2.700 
_pdbx_phasing_MR.d_res_low_translation        19.320 
_pdbx_phasing_MR.packing                      ? 
_pdbx_phasing_MR.reflns_percent_rotation      ? 
_pdbx_phasing_MR.reflns_percent_translation   ? 
_pdbx_phasing_MR.sigma_F_rotation             ? 
_pdbx_phasing_MR.sigma_F_translation          ? 
_pdbx_phasing_MR.sigma_I_rotation             ? 
_pdbx_phasing_MR.sigma_I_translation          ? 
# 
_phasing.method   MR 
# 
loop_
_software.name 
_software.version 
_software.date 
_software.type 
_software.contact_author 
_software.contact_author_email 
_software.classification 
_software.location 
_software.language 
_software.citation_id 
_software.pdbx_ordinal 
XSCALE      .     ?                    package 'Wolfgang Kabsch' ?                           'data scaling'    
http://www.mpimf-heidelberg.mpg.de/~kabsch/xds/xscale_program.html ?          ? 1 
PHASER      .     ?                    other   'R. J. Read'      cimr-phaser@lists.cam.ac.uk phasing           
http://www-structmed.cimr.cam.ac.uk/phaser/                        ?          ? 2 
CNS         1.2   ?                    package 'Axel T. Brunger' axel.brunger@yale.edu       refinement        
http://cns.csb.yale.edu/v1.1/                                      Fortran_77 ? 3 
PDB_EXTRACT 3.004 'September 10, 2007' package PDB               sw-help@rcsb.rutgers.edu    'data extraction' 
http://pdb.rutgers.edu/software/                                   C++        ? 4 
MAR345dtb   .     ?                    ?       ?                 ?                           'data collection' ? ?          ? 5 
XDS         .     ?                    ?       ?                 ?                           'data reduction'  ? ?          ? 6 
# 
loop_
_pdbx_validate_torsion.id 
_pdbx_validate_torsion.PDB_model_num 
_pdbx_validate_torsion.auth_comp_id 
_pdbx_validate_torsion.auth_asym_id 
_pdbx_validate_torsion.auth_seq_id 
_pdbx_validate_torsion.PDB_ins_code 
_pdbx_validate_torsion.label_alt_id 
_pdbx_validate_torsion.phi 
_pdbx_validate_torsion.psi 
1  1 GLN A 24  ? ? -178.13 134.38  
2  1 ALA A 62  ? ? -121.54 -112.60 
3  1 GLU A 81  ? ? -179.68 -145.09 
4  1 ALA A 83  ? ? -139.09 -116.78 
5  1 ALA A 93  ? ? -35.47  148.22  
6  1 ASN A 99  ? ? 65.62   78.51   
7  1 PRO A 100 ? ? -46.13  161.00  
8  1 ALA A 107 ? ? 171.47  169.28  
9  1 GLU A 109 ? ? -116.44 61.03   
10 1 PRO A 120 ? ? -58.53  -7.38   
11 1 PRO A 150 ? ? -49.85  -15.81  
# 
loop_
_pdbx_unobs_or_zero_occ_residues.id 
_pdbx_unobs_or_zero_occ_residues.PDB_model_num 
_pdbx_unobs_or_zero_occ_residues.polymer_flag 
_pdbx_unobs_or_zero_occ_residues.occupancy_flag 
_pdbx_unobs_or_zero_occ_residues.auth_asym_id 
_pdbx_unobs_or_zero_occ_residues.auth_comp_id 
_pdbx_unobs_or_zero_occ_residues.auth_seq_id 
_pdbx_unobs_or_zero_occ_residues.PDB_ins_code 
_pdbx_unobs_or_zero_occ_residues.label_asym_id 
_pdbx_unobs_or_zero_occ_residues.label_comp_id 
_pdbx_unobs_or_zero_occ_residues.label_seq_id 
1 1 Y 1 A GLY 152 ? A GLY 152 
2 1 Y 1 A HIS 153 ? A HIS 153 
3 1 Y 1 A HIS 154 ? A HIS 154 
4 1 Y 1 A HIS 155 ? A HIS 155 
5 1 Y 1 A HIS 156 ? A HIS 156 
6 1 Y 1 A HIS 157 ? A HIS 157 
7 1 Y 1 A HIS 158 ? A HIS 158 
# 
loop_
_chem_comp_atom.comp_id 
_chem_comp_atom.atom_id 
_chem_comp_atom.type_symbol 
_chem_comp_atom.pdbx_aromatic_flag 
_chem_comp_atom.pdbx_stereo_config 
_chem_comp_atom.pdbx_ordinal 
ALA N    N N N 1   
ALA CA   C N S 2   
ALA C    C N N 3   
ALA O    O N N 4   
ALA CB   C N N 5   
ALA OXT  O N N 6   
ALA H    H N N 7   
ALA H2   H N N 8   
ALA HA   H N N 9   
ALA HB1  H N N 10  
ALA HB2  H N N 11  
ALA HB3  H N N 12  
ALA HXT  H N N 13  
ARG N    N N N 14  
ARG CA   C N S 15  
ARG C    C N N 16  
ARG O    O N N 17  
ARG CB   C N N 18  
ARG CG   C N N 19  
ARG CD   C N N 20  
ARG NE   N N N 21  
ARG CZ   C N N 22  
ARG NH1  N N N 23  
ARG NH2  N N N 24  
ARG OXT  O N N 25  
ARG H    H N N 26  
ARG H2   H N N 27  
ARG HA   H N N 28  
ARG HB2  H N N 29  
ARG HB3  H N N 30  
ARG HG2  H N N 31  
ARG HG3  H N N 32  
ARG HD2  H N N 33  
ARG HD3  H N N 34  
ARG HE   H N N 35  
ARG HH11 H N N 36  
ARG HH12 H N N 37  
ARG HH21 H N N 38  
ARG HH22 H N N 39  
ARG HXT  H N N 40  
ASN N    N N N 41  
ASN CA   C N S 42  
ASN C    C N N 43  
ASN O    O N N 44  
ASN CB   C N N 45  
ASN CG   C N N 46  
ASN OD1  O N N 47  
ASN ND2  N N N 48  
ASN OXT  O N N 49  
ASN H    H N N 50  
ASN H2   H N N 51  
ASN HA   H N N 52  
ASN HB2  H N N 53  
ASN HB3  H N N 54  
ASN HD21 H N N 55  
ASN HD22 H N N 56  
ASN HXT  H N N 57  
ASP N    N N N 58  
ASP CA   C N S 59  
ASP C    C N N 60  
ASP O    O N N 61  
ASP CB   C N N 62  
ASP CG   C N N 63  
ASP OD1  O N N 64  
ASP OD2  O N N 65  
ASP OXT  O N N 66  
ASP H    H N N 67  
ASP H2   H N N 68  
ASP HA   H N N 69  
ASP HB2  H N N 70  
ASP HB3  H N N 71  
ASP HD2  H N N 72  
ASP HXT  H N N 73  
GLN N    N N N 74  
GLN CA   C N S 75  
GLN C    C N N 76  
GLN O    O N N 77  
GLN CB   C N N 78  
GLN CG   C N N 79  
GLN CD   C N N 80  
GLN OE1  O N N 81  
GLN NE2  N N N 82  
GLN OXT  O N N 83  
GLN H    H N N 84  
GLN H2   H N N 85  
GLN HA   H N N 86  
GLN HB2  H N N 87  
GLN HB3  H N N 88  
GLN HG2  H N N 89  
GLN HG3  H N N 90  
GLN HE21 H N N 91  
GLN HE22 H N N 92  
GLN HXT  H N N 93  
GLU N    N N N 94  
GLU CA   C N S 95  
GLU C    C N N 96  
GLU O    O N N 97  
GLU CB   C N N 98  
GLU CG   C N N 99  
GLU CD   C N N 100 
GLU OE1  O N N 101 
GLU OE2  O N N 102 
GLU OXT  O N N 103 
GLU H    H N N 104 
GLU H2   H N N 105 
GLU HA   H N N 106 
GLU HB2  H N N 107 
GLU HB3  H N N 108 
GLU HG2  H N N 109 
GLU HG3  H N N 110 
GLU HE2  H N N 111 
GLU HXT  H N N 112 
GLY N    N N N 113 
GLY CA   C N N 114 
GLY C    C N N 115 
GLY O    O N N 116 
GLY OXT  O N N 117 
GLY H    H N N 118 
GLY H2   H N N 119 
GLY HA2  H N N 120 
GLY HA3  H N N 121 
GLY HXT  H N N 122 
HIS N    N N N 123 
HIS CA   C N S 124 
HIS C    C N N 125 
HIS O    O N N 126 
HIS CB   C N N 127 
HIS CG   C Y N 128 
HIS ND1  N Y N 129 
HIS CD2  C Y N 130 
HIS CE1  C Y N 131 
HIS NE2  N Y N 132 
HIS OXT  O N N 133 
HIS H    H N N 134 
HIS H2   H N N 135 
HIS HA   H N N 136 
HIS HB2  H N N 137 
HIS HB3  H N N 138 
HIS HD1  H N N 139 
HIS HD2  H N N 140 
HIS HE1  H N N 141 
HIS HE2  H N N 142 
HIS HXT  H N N 143 
HOH O    O N N 144 
HOH H1   H N N 145 
HOH H2   H N N 146 
ILE N    N N N 147 
ILE CA   C N S 148 
ILE C    C N N 149 
ILE O    O N N 150 
ILE CB   C N S 151 
ILE CG1  C N N 152 
ILE CG2  C N N 153 
ILE CD1  C N N 154 
ILE OXT  O N N 155 
ILE H    H N N 156 
ILE H2   H N N 157 
ILE HA   H N N 158 
ILE HB   H N N 159 
ILE HG12 H N N 160 
ILE HG13 H N N 161 
ILE HG21 H N N 162 
ILE HG22 H N N 163 
ILE HG23 H N N 164 
ILE HD11 H N N 165 
ILE HD12 H N N 166 
ILE HD13 H N N 167 
ILE HXT  H N N 168 
LEU N    N N N 169 
LEU CA   C N S 170 
LEU C    C N N 171 
LEU O    O N N 172 
LEU CB   C N N 173 
LEU CG   C N N 174 
LEU CD1  C N N 175 
LEU CD2  C N N 176 
LEU OXT  O N N 177 
LEU H    H N N 178 
LEU H2   H N N 179 
LEU HA   H N N 180 
LEU HB2  H N N 181 
LEU HB3  H N N 182 
LEU HG   H N N 183 
LEU HD11 H N N 184 
LEU HD12 H N N 185 
LEU HD13 H N N 186 
LEU HD21 H N N 187 
LEU HD22 H N N 188 
LEU HD23 H N N 189 
LEU HXT  H N N 190 
LYS N    N N N 191 
LYS CA   C N S 192 
LYS C    C N N 193 
LYS O    O N N 194 
LYS CB   C N N 195 
LYS CG   C N N 196 
LYS CD   C N N 197 
LYS CE   C N N 198 
LYS NZ   N N N 199 
LYS OXT  O N N 200 
LYS H    H N N 201 
LYS H2   H N N 202 
LYS HA   H N N 203 
LYS HB2  H N N 204 
LYS HB3  H N N 205 
LYS HG2  H N N 206 
LYS HG3  H N N 207 
LYS HD2  H N N 208 
LYS HD3  H N N 209 
LYS HE2  H N N 210 
LYS HE3  H N N 211 
LYS HZ1  H N N 212 
LYS HZ2  H N N 213 
LYS HZ3  H N N 214 
LYS HXT  H N N 215 
MET N    N N N 216 
MET CA   C N S 217 
MET C    C N N 218 
MET O    O N N 219 
MET CB   C N N 220 
MET CG   C N N 221 
MET SD   S N N 222 
MET CE   C N N 223 
MET OXT  O N N 224 
MET H    H N N 225 
MET H2   H N N 226 
MET HA   H N N 227 
MET HB2  H N N 228 
MET HB3  H N N 229 
MET HG2  H N N 230 
MET HG3  H N N 231 
MET HE1  H N N 232 
MET HE2  H N N 233 
MET HE3  H N N 234 
MET HXT  H N N 235 
PHE N    N N N 236 
PHE CA   C N S 237 
PHE C    C N N 238 
PHE O    O N N 239 
PHE CB   C N N 240 
PHE CG   C Y N 241 
PHE CD1  C Y N 242 
PHE CD2  C Y N 243 
PHE CE1  C Y N 244 
PHE CE2  C Y N 245 
PHE CZ   C Y N 246 
PHE OXT  O N N 247 
PHE H    H N N 248 
PHE H2   H N N 249 
PHE HA   H N N 250 
PHE HB2  H N N 251 
PHE HB3  H N N 252 
PHE HD1  H N N 253 
PHE HD2  H N N 254 
PHE HE1  H N N 255 
PHE HE2  H N N 256 
PHE HZ   H N N 257 
PHE HXT  H N N 258 
PRO N    N N N 259 
PRO CA   C N S 260 
PRO C    C N N 261 
PRO O    O N N 262 
PRO CB   C N N 263 
PRO CG   C N N 264 
PRO CD   C N N 265 
PRO OXT  O N N 266 
PRO H    H N N 267 
PRO HA   H N N 268 
PRO HB2  H N N 269 
PRO HB3  H N N 270 
PRO HG2  H N N 271 
PRO HG3  H N N 272 
PRO HD2  H N N 273 
PRO HD3  H N N 274 
PRO HXT  H N N 275 
SER N    N N N 276 
SER CA   C N S 277 
SER C    C N N 278 
SER O    O N N 279 
SER CB   C N N 280 
SER OG   O N N 281 
SER OXT  O N N 282 
SER H    H N N 283 
SER H2   H N N 284 
SER HA   H N N 285 
SER HB2  H N N 286 
SER HB3  H N N 287 
SER HG   H N N 288 
SER HXT  H N N 289 
SO4 S    S N N 290 
SO4 O1   O N N 291 
SO4 O2   O N N 292 
SO4 O3   O N N 293 
SO4 O4   O N N 294 
THR N    N N N 295 
THR CA   C N S 296 
THR C    C N N 297 
THR O    O N N 298 
THR CB   C N R 299 
THR OG1  O N N 300 
THR CG2  C N N 301 
THR OXT  O N N 302 
THR H    H N N 303 
THR H2   H N N 304 
THR HA   H N N 305 
THR HB   H N N 306 
THR HG1  H N N 307 
THR HG21 H N N 308 
THR HG22 H N N 309 
THR HG23 H N N 310 
THR HXT  H N N 311 
TYR N    N N N 312 
TYR CA   C N S 313 
TYR C    C N N 314 
TYR O    O N N 315 
TYR CB   C N N 316 
TYR CG   C Y N 317 
TYR CD1  C Y N 318 
TYR CD2  C Y N 319 
TYR CE1  C Y N 320 
TYR CE2  C Y N 321 
TYR CZ   C Y N 322 
TYR OH   O N N 323 
TYR OXT  O N N 324 
TYR H    H N N 325 
TYR H2   H N N 326 
TYR HA   H N N 327 
TYR HB2  H N N 328 
TYR HB3  H N N 329 
TYR HD1  H N N 330 
TYR HD2  H N N 331 
TYR HE1  H N N 332 
TYR HE2  H N N 333 
TYR HH   H N N 334 
TYR HXT  H N N 335 
VAL N    N N N 336 
VAL CA   C N S 337 
VAL C    C N N 338 
VAL O    O N N 339 
VAL CB   C N N 340 
VAL CG1  C N N 341 
VAL CG2  C N N 342 
VAL OXT  O N N 343 
VAL H    H N N 344 
VAL H2   H N N 345 
VAL HA   H N N 346 
VAL HB   H N N 347 
VAL HG11 H N N 348 
VAL HG12 H N N 349 
VAL HG13 H N N 350 
VAL HG21 H N N 351 
VAL HG22 H N N 352 
VAL HG23 H N N 353 
VAL HXT  H N N 354 
# 
loop_
_chem_comp_bond.comp_id 
_chem_comp_bond.atom_id_1 
_chem_comp_bond.atom_id_2 
_chem_comp_bond.value_order 
_chem_comp_bond.pdbx_aromatic_flag 
_chem_comp_bond.pdbx_stereo_config 
_chem_comp_bond.pdbx_ordinal 
ALA N   CA   sing N N 1   
ALA N   H    sing N N 2   
ALA N   H2   sing N N 3   
ALA CA  C    sing N N 4   
ALA CA  CB   sing N N 5   
ALA CA  HA   sing N N 6   
ALA C   O    doub N N 7   
ALA C   OXT  sing N N 8   
ALA CB  HB1  sing N N 9   
ALA CB  HB2  sing N N 10  
ALA CB  HB3  sing N N 11  
ALA OXT HXT  sing N N 12  
ARG N   CA   sing N N 13  
ARG N   H    sing N N 14  
ARG N   H2   sing N N 15  
ARG CA  C    sing N N 16  
ARG CA  CB   sing N N 17  
ARG CA  HA   sing N N 18  
ARG C   O    doub N N 19  
ARG C   OXT  sing N N 20  
ARG CB  CG   sing N N 21  
ARG CB  HB2  sing N N 22  
ARG CB  HB3  sing N N 23  
ARG CG  CD   sing N N 24  
ARG CG  HG2  sing N N 25  
ARG CG  HG3  sing N N 26  
ARG CD  NE   sing N N 27  
ARG CD  HD2  sing N N 28  
ARG CD  HD3  sing N N 29  
ARG NE  CZ   sing N N 30  
ARG NE  HE   sing N N 31  
ARG CZ  NH1  sing N N 32  
ARG CZ  NH2  doub N N 33  
ARG NH1 HH11 sing N N 34  
ARG NH1 HH12 sing N N 35  
ARG NH2 HH21 sing N N 36  
ARG NH2 HH22 sing N N 37  
ARG OXT HXT  sing N N 38  
ASN N   CA   sing N N 39  
ASN N   H    sing N N 40  
ASN N   H2   sing N N 41  
ASN CA  C    sing N N 42  
ASN CA  CB   sing N N 43  
ASN CA  HA   sing N N 44  
ASN C   O    doub N N 45  
ASN C   OXT  sing N N 46  
ASN CB  CG   sing N N 47  
ASN CB  HB2  sing N N 48  
ASN CB  HB3  sing N N 49  
ASN CG  OD1  doub N N 50  
ASN CG  ND2  sing N N 51  
ASN ND2 HD21 sing N N 52  
ASN ND2 HD22 sing N N 53  
ASN OXT HXT  sing N N 54  
ASP N   CA   sing N N 55  
ASP N   H    sing N N 56  
ASP N   H2   sing N N 57  
ASP CA  C    sing N N 58  
ASP CA  CB   sing N N 59  
ASP CA  HA   sing N N 60  
ASP C   O    doub N N 61  
ASP C   OXT  sing N N 62  
ASP CB  CG   sing N N 63  
ASP CB  HB2  sing N N 64  
ASP CB  HB3  sing N N 65  
ASP CG  OD1  doub N N 66  
ASP CG  OD2  sing N N 67  
ASP OD2 HD2  sing N N 68  
ASP OXT HXT  sing N N 69  
GLN N   CA   sing N N 70  
GLN N   H    sing N N 71  
GLN N   H2   sing N N 72  
GLN CA  C    sing N N 73  
GLN CA  CB   sing N N 74  
GLN CA  HA   sing N N 75  
GLN C   O    doub N N 76  
GLN C   OXT  sing N N 77  
GLN CB  CG   sing N N 78  
GLN CB  HB2  sing N N 79  
GLN CB  HB3  sing N N 80  
GLN CG  CD   sing N N 81  
GLN CG  HG2  sing N N 82  
GLN CG  HG3  sing N N 83  
GLN CD  OE1  doub N N 84  
GLN CD  NE2  sing N N 85  
GLN NE2 HE21 sing N N 86  
GLN NE2 HE22 sing N N 87  
GLN OXT HXT  sing N N 88  
GLU N   CA   sing N N 89  
GLU N   H    sing N N 90  
GLU N   H2   sing N N 91  
GLU CA  C    sing N N 92  
GLU CA  CB   sing N N 93  
GLU CA  HA   sing N N 94  
GLU C   O    doub N N 95  
GLU C   OXT  sing N N 96  
GLU CB  CG   sing N N 97  
GLU CB  HB2  sing N N 98  
GLU CB  HB3  sing N N 99  
GLU CG  CD   sing N N 100 
GLU CG  HG2  sing N N 101 
GLU CG  HG3  sing N N 102 
GLU CD  OE1  doub N N 103 
GLU CD  OE2  sing N N 104 
GLU OE2 HE2  sing N N 105 
GLU OXT HXT  sing N N 106 
GLY N   CA   sing N N 107 
GLY N   H    sing N N 108 
GLY N   H2   sing N N 109 
GLY CA  C    sing N N 110 
GLY CA  HA2  sing N N 111 
GLY CA  HA3  sing N N 112 
GLY C   O    doub N N 113 
GLY C   OXT  sing N N 114 
GLY OXT HXT  sing N N 115 
HIS N   CA   sing N N 116 
HIS N   H    sing N N 117 
HIS N   H2   sing N N 118 
HIS CA  C    sing N N 119 
HIS CA  CB   sing N N 120 
HIS CA  HA   sing N N 121 
HIS C   O    doub N N 122 
HIS C   OXT  sing N N 123 
HIS CB  CG   sing N N 124 
HIS CB  HB2  sing N N 125 
HIS CB  HB3  sing N N 126 
HIS CG  ND1  sing Y N 127 
HIS CG  CD2  doub Y N 128 
HIS ND1 CE1  doub Y N 129 
HIS ND1 HD1  sing N N 130 
HIS CD2 NE2  sing Y N 131 
HIS CD2 HD2  sing N N 132 
HIS CE1 NE2  sing Y N 133 
HIS CE1 HE1  sing N N 134 
HIS NE2 HE2  sing N N 135 
HIS OXT HXT  sing N N 136 
HOH O   H1   sing N N 137 
HOH O   H2   sing N N 138 
ILE N   CA   sing N N 139 
ILE N   H    sing N N 140 
ILE N   H2   sing N N 141 
ILE CA  C    sing N N 142 
ILE CA  CB   sing N N 143 
ILE CA  HA   sing N N 144 
ILE C   O    doub N N 145 
ILE C   OXT  sing N N 146 
ILE CB  CG1  sing N N 147 
ILE CB  CG2  sing N N 148 
ILE CB  HB   sing N N 149 
ILE CG1 CD1  sing N N 150 
ILE CG1 HG12 sing N N 151 
ILE CG1 HG13 sing N N 152 
ILE CG2 HG21 sing N N 153 
ILE CG2 HG22 sing N N 154 
ILE CG2 HG23 sing N N 155 
ILE CD1 HD11 sing N N 156 
ILE CD1 HD12 sing N N 157 
ILE CD1 HD13 sing N N 158 
ILE OXT HXT  sing N N 159 
LEU N   CA   sing N N 160 
LEU N   H    sing N N 161 
LEU N   H2   sing N N 162 
LEU CA  C    sing N N 163 
LEU CA  CB   sing N N 164 
LEU CA  HA   sing N N 165 
LEU C   O    doub N N 166 
LEU C   OXT  sing N N 167 
LEU CB  CG   sing N N 168 
LEU CB  HB2  sing N N 169 
LEU CB  HB3  sing N N 170 
LEU CG  CD1  sing N N 171 
LEU CG  CD2  sing N N 172 
LEU CG  HG   sing N N 173 
LEU CD1 HD11 sing N N 174 
LEU CD1 HD12 sing N N 175 
LEU CD1 HD13 sing N N 176 
LEU CD2 HD21 sing N N 177 
LEU CD2 HD22 sing N N 178 
LEU CD2 HD23 sing N N 179 
LEU OXT HXT  sing N N 180 
LYS N   CA   sing N N 181 
LYS N   H    sing N N 182 
LYS N   H2   sing N N 183 
LYS CA  C    sing N N 184 
LYS CA  CB   sing N N 185 
LYS CA  HA   sing N N 186 
LYS C   O    doub N N 187 
LYS C   OXT  sing N N 188 
LYS CB  CG   sing N N 189 
LYS CB  HB2  sing N N 190 
LYS CB  HB3  sing N N 191 
LYS CG  CD   sing N N 192 
LYS CG  HG2  sing N N 193 
LYS CG  HG3  sing N N 194 
LYS CD  CE   sing N N 195 
LYS CD  HD2  sing N N 196 
LYS CD  HD3  sing N N 197 
LYS CE  NZ   sing N N 198 
LYS CE  HE2  sing N N 199 
LYS CE  HE3  sing N N 200 
LYS NZ  HZ1  sing N N 201 
LYS NZ  HZ2  sing N N 202 
LYS NZ  HZ3  sing N N 203 
LYS OXT HXT  sing N N 204 
MET N   CA   sing N N 205 
MET N   H    sing N N 206 
MET N   H2   sing N N 207 
MET CA  C    sing N N 208 
MET CA  CB   sing N N 209 
MET CA  HA   sing N N 210 
MET C   O    doub N N 211 
MET C   OXT  sing N N 212 
MET CB  CG   sing N N 213 
MET CB  HB2  sing N N 214 
MET CB  HB3  sing N N 215 
MET CG  SD   sing N N 216 
MET CG  HG2  sing N N 217 
MET CG  HG3  sing N N 218 
MET SD  CE   sing N N 219 
MET CE  HE1  sing N N 220 
MET CE  HE2  sing N N 221 
MET CE  HE3  sing N N 222 
MET OXT HXT  sing N N 223 
PHE N   CA   sing N N 224 
PHE N   H    sing N N 225 
PHE N   H2   sing N N 226 
PHE CA  C    sing N N 227 
PHE CA  CB   sing N N 228 
PHE CA  HA   sing N N 229 
PHE C   O    doub N N 230 
PHE C   OXT  sing N N 231 
PHE CB  CG   sing N N 232 
PHE CB  HB2  sing N N 233 
PHE CB  HB3  sing N N 234 
PHE CG  CD1  doub Y N 235 
PHE CG  CD2  sing Y N 236 
PHE CD1 CE1  sing Y N 237 
PHE CD1 HD1  sing N N 238 
PHE CD2 CE2  doub Y N 239 
PHE CD2 HD2  sing N N 240 
PHE CE1 CZ   doub Y N 241 
PHE CE1 HE1  sing N N 242 
PHE CE2 CZ   sing Y N 243 
PHE CE2 HE2  sing N N 244 
PHE CZ  HZ   sing N N 245 
PHE OXT HXT  sing N N 246 
PRO N   CA   sing N N 247 
PRO N   CD   sing N N 248 
PRO N   H    sing N N 249 
PRO CA  C    sing N N 250 
PRO CA  CB   sing N N 251 
PRO CA  HA   sing N N 252 
PRO C   O    doub N N 253 
PRO C   OXT  sing N N 254 
PRO CB  CG   sing N N 255 
PRO CB  HB2  sing N N 256 
PRO CB  HB3  sing N N 257 
PRO CG  CD   sing N N 258 
PRO CG  HG2  sing N N 259 
PRO CG  HG3  sing N N 260 
PRO CD  HD2  sing N N 261 
PRO CD  HD3  sing N N 262 
PRO OXT HXT  sing N N 263 
SER N   CA   sing N N 264 
SER N   H    sing N N 265 
SER N   H2   sing N N 266 
SER CA  C    sing N N 267 
SER CA  CB   sing N N 268 
SER CA  HA   sing N N 269 
SER C   O    doub N N 270 
SER C   OXT  sing N N 271 
SER CB  OG   sing N N 272 
SER CB  HB2  sing N N 273 
SER CB  HB3  sing N N 274 
SER OG  HG   sing N N 275 
SER OXT HXT  sing N N 276 
SO4 S   O1   doub N N 277 
SO4 S   O2   doub N N 278 
SO4 S   O3   sing N N 279 
SO4 S   O4   sing N N 280 
THR N   CA   sing N N 281 
THR N   H    sing N N 282 
THR N   H2   sing N N 283 
THR CA  C    sing N N 284 
THR CA  CB   sing N N 285 
THR CA  HA   sing N N 286 
THR C   O    doub N N 287 
THR C   OXT  sing N N 288 
THR CB  OG1  sing N N 289 
THR CB  CG2  sing N N 290 
THR CB  HB   sing N N 291 
THR OG1 HG1  sing N N 292 
THR CG2 HG21 sing N N 293 
THR CG2 HG22 sing N N 294 
THR CG2 HG23 sing N N 295 
THR OXT HXT  sing N N 296 
TYR N   CA   sing N N 297 
TYR N   H    sing N N 298 
TYR N   H2   sing N N 299 
TYR CA  C    sing N N 300 
TYR CA  CB   sing N N 301 
TYR CA  HA   sing N N 302 
TYR C   O    doub N N 303 
TYR C   OXT  sing N N 304 
TYR CB  CG   sing N N 305 
TYR CB  HB2  sing N N 306 
TYR CB  HB3  sing N N 307 
TYR CG  CD1  doub Y N 308 
TYR CG  CD2  sing Y N 309 
TYR CD1 CE1  sing Y N 310 
TYR CD1 HD1  sing N N 311 
TYR CD2 CE2  doub Y N 312 
TYR CD2 HD2  sing N N 313 
TYR CE1 CZ   doub Y N 314 
TYR CE1 HE1  sing N N 315 
TYR CE2 CZ   sing Y N 316 
TYR CE2 HE2  sing N N 317 
TYR CZ  OH   sing N N 318 
TYR OH  HH   sing N N 319 
TYR OXT HXT  sing N N 320 
VAL N   CA   sing N N 321 
VAL N   H    sing N N 322 
VAL N   H2   sing N N 323 
VAL CA  C    sing N N 324 
VAL CA  CB   sing N N 325 
VAL CA  HA   sing N N 326 
VAL C   O    doub N N 327 
VAL C   OXT  sing N N 328 
VAL CB  CG1  sing N N 329 
VAL CB  CG2  sing N N 330 
VAL CB  HB   sing N N 331 
VAL CG1 HG11 sing N N 332 
VAL CG1 HG12 sing N N 333 
VAL CG1 HG13 sing N N 334 
VAL CG2 HG21 sing N N 335 
VAL CG2 HG22 sing N N 336 
VAL CG2 HG23 sing N N 337 
VAL OXT HXT  sing N N 338 
# 
loop_
_pdbx_entity_nonpoly.entity_id 
_pdbx_entity_nonpoly.name 
_pdbx_entity_nonpoly.comp_id 
2 'SULFATE ION' SO4 
3 water         HOH 
# 
_pdbx_initial_refinement_model.id               1 
_pdbx_initial_refinement_model.entity_id_list   ? 
_pdbx_initial_refinement_model.type             'experimental model' 
_pdbx_initial_refinement_model.source_name      PDB 
_pdbx_initial_refinement_model.accession_code   3CGM 
_pdbx_initial_refinement_model.details          'PDB ENTRY 3CGM' 
# 
